data_5VQG
# 
_entry.id   5VQG 
# 
_audit_conform.dict_name       mmcif_pdbx.dic 
_audit_conform.dict_version    5.379 
_audit_conform.dict_location   http://mmcif.pdb.org/dictionaries/ascii/mmcif_pdbx.dic 
# 
loop_
_database_2.database_id 
_database_2.database_code 
_database_2.pdbx_database_accession 
_database_2.pdbx_DOI 
PDB   5VQG         pdb_00005vqg 10.2210/pdb5vqg/pdb 
WWPDB D_1000227859 ?            ?                   
# 
_pdbx_database_status.status_code                     REL 
_pdbx_database_status.status_code_sf                  REL 
_pdbx_database_status.status_code_mr                  ? 
_pdbx_database_status.entry_id                        5VQG 
_pdbx_database_status.recvd_initial_deposition_date   2017-05-08 
_pdbx_database_status.SG_entry                        N 
_pdbx_database_status.deposit_site                    RCSB 
_pdbx_database_status.process_site                    RCSB 
_pdbx_database_status.status_code_cs                  ? 
_pdbx_database_status.methods_development_category    ? 
_pdbx_database_status.pdb_format_compatible           Y 
_pdbx_database_status.status_code_nmr_data            ? 
# 
loop_
_audit_author.name 
_audit_author.pdbx_ordinal 
_audit_author.identifier_ORCID 
'Hubbard, P.A.' 1 ? 
'Pan, X.'       2 ? 
'Ohtaki, A.'    3 ? 
'McNally, R.'   4 ? 
'Honda, S.'     5 ? 
'Kirino, Y.'    6 ? 
'Murali, R.'    7 ? 
# 
_citation.abstract                  ? 
_citation.abstract_id_CAS           ? 
_citation.book_id_ISBN              ? 
_citation.book_publisher            ? 
_citation.book_publisher_city       ? 
_citation.book_title                ? 
_citation.coordinate_linkage        ? 
_citation.country                   ? 
_citation.database_id_Medline       ? 
_citation.details                   ? 
_citation.id                        primary 
_citation.journal_abbrev            'To Be Published' 
_citation.journal_id_ASTM           ? 
_citation.journal_id_CSD            0353 
_citation.journal_id_ISSN           ? 
_citation.journal_full              ? 
_citation.journal_issue             ? 
_citation.journal_volume            ? 
_citation.language                  ? 
_citation.page_first                ? 
_citation.page_last                 ? 
_citation.title                     
'Structural studies of the Tudor domain from the Bombyx homolog of Drosophila PAPI: Implication to piRNA biogenesis' 
_citation.year                      ? 
_citation.database_id_CSD           ? 
_citation.pdbx_database_id_DOI      ? 
_citation.pdbx_database_id_PubMed   ? 
_citation.unpublished_flag          ? 
# 
loop_
_citation_author.citation_id 
_citation_author.name 
_citation_author.ordinal 
_citation_author.identifier_ORCID 
primary 'Hubbard, P.A.' 1 ? 
primary 'Pan, X.'       2 ? 
primary 'Ohtaki, A.'    3 ? 
primary 'McNally, R.'   4 ? 
primary 'Honda, S.'     5 ? 
primary 'Kirino, Y.'    6 ? 
primary 'Murali, R.'    7 ? 
# 
_cell.angle_alpha                  90.00 
_cell.angle_alpha_esd              ? 
_cell.angle_beta                   90.00 
_cell.angle_beta_esd               ? 
_cell.angle_gamma                  120.00 
_cell.angle_gamma_esd              ? 
_cell.entry_id                     5VQG 
_cell.details                      ? 
_cell.formula_units_Z              ? 
_cell.length_a                     63.560 
_cell.length_a_esd                 ? 
_cell.length_b                     63.560 
_cell.length_b_esd                 ? 
_cell.length_c                     100.740 
_cell.length_c_esd                 ? 
_cell.volume                       ? 
_cell.volume_esd                   ? 
_cell.Z_PDB                        6 
_cell.reciprocal_angle_alpha       ? 
_cell.reciprocal_angle_beta        ? 
_cell.reciprocal_angle_gamma       ? 
_cell.reciprocal_angle_alpha_esd   ? 
_cell.reciprocal_angle_beta_esd    ? 
_cell.reciprocal_angle_gamma_esd   ? 
_cell.reciprocal_length_a          ? 
_cell.reciprocal_length_b          ? 
_cell.reciprocal_length_c          ? 
_cell.reciprocal_length_a_esd      ? 
_cell.reciprocal_length_b_esd      ? 
_cell.reciprocal_length_c_esd      ? 
_cell.pdbx_unique_axis             ? 
# 
_symmetry.entry_id                         5VQG 
_symmetry.cell_setting                     ? 
_symmetry.Int_Tables_number                154 
_symmetry.space_group_name_Hall            ? 
_symmetry.space_group_name_H-M             'P 32 2 1' 
_symmetry.pdbx_full_space_group_name_H-M   ? 
# 
loop_
_entity.id 
_entity.type 
_entity.src_method 
_entity.pdbx_description 
_entity.formula_weight 
_entity.pdbx_number_of_molecules 
_entity.pdbx_ec 
_entity.pdbx_mutation 
_entity.pdbx_fragment 
_entity.details 
1 polymer man 'Tudor and KH domain-containing protein homolog' 26953.027 1  ? ? 'UNP residues 245-462' ? 
2 water   nat water                                            18.015    56 ? ? ?                      ? 
# 
_entity_name_com.entity_id   1 
_entity_name_com.name        'Partner of PIWIs protein,BmPAPI' 
# 
_entity_poly.entity_id                      1 
_entity_poly.type                           'polypeptide(L)' 
_entity_poly.nstd_linkage                   no 
_entity_poly.nstd_monomer                   no 
_entity_poly.pdbx_seq_one_letter_code       
;MGSSHHHHHHENLYFQSNAGPSIEVYVSAVSSPSRFWVQFVGPQVAQLDDLVAHMTEYYSKKENREAHTLRHVSVGQVVA
AVFRHDGRWYRARVHDIRPNEFDSSQQVADVFYLDYGDSEYVATHELCELRADLLRLRFQAMECFLAGVRPASGEEAVSP
SGQRWDKWHPQAVERFEELTQVARWKALVSRTCTYKKTATAEGEKDKEIPGIKLFDVTDEGELDVGAVLVAEGWAVA
;
_entity_poly.pdbx_seq_one_letter_code_can   
;MGSSHHHHHHENLYFQSNAGPSIEVYVSAVSSPSRFWVQFVGPQVAQLDDLVAHMTEYYSKKENREAHTLRHVSVGQVVA
AVFRHDGRWYRARVHDIRPNEFDSSQQVADVFYLDYGDSEYVATHELCELRADLLRLRFQAMECFLAGVRPASGEEAVSP
SGQRWDKWHPQAVERFEELTQVARWKALVSRTCTYKKTATAEGEKDKEIPGIKLFDVTDEGELDVGAVLVAEGWAVA
;
_entity_poly.pdbx_strand_id                 A 
_entity_poly.pdbx_target_identifier         ? 
# 
loop_
_entity_poly_seq.entity_id 
_entity_poly_seq.num 
_entity_poly_seq.mon_id 
_entity_poly_seq.hetero 
1 1   MET n 
1 2   GLY n 
1 3   SER n 
1 4   SER n 
1 5   HIS n 
1 6   HIS n 
1 7   HIS n 
1 8   HIS n 
1 9   HIS n 
1 10  HIS n 
1 11  GLU n 
1 12  ASN n 
1 13  LEU n 
1 14  TYR n 
1 15  PHE n 
1 16  GLN n 
1 17  SER n 
1 18  ASN n 
1 19  ALA n 
1 20  GLY n 
1 21  PRO n 
1 22  SER n 
1 23  ILE n 
1 24  GLU n 
1 25  VAL n 
1 26  TYR n 
1 27  VAL n 
1 28  SER n 
1 29  ALA n 
1 30  VAL n 
1 31  SER n 
1 32  SER n 
1 33  PRO n 
1 34  SER n 
1 35  ARG n 
1 36  PHE n 
1 37  TRP n 
1 38  VAL n 
1 39  GLN n 
1 40  PHE n 
1 41  VAL n 
1 42  GLY n 
1 43  PRO n 
1 44  GLN n 
1 45  VAL n 
1 46  ALA n 
1 47  GLN n 
1 48  LEU n 
1 49  ASP n 
1 50  ASP n 
1 51  LEU n 
1 52  VAL n 
1 53  ALA n 
1 54  HIS n 
1 55  MET n 
1 56  THR n 
1 57  GLU n 
1 58  TYR n 
1 59  TYR n 
1 60  SER n 
1 61  LYS n 
1 62  LYS n 
1 63  GLU n 
1 64  ASN n 
1 65  ARG n 
1 66  GLU n 
1 67  ALA n 
1 68  HIS n 
1 69  THR n 
1 70  LEU n 
1 71  ARG n 
1 72  HIS n 
1 73  VAL n 
1 74  SER n 
1 75  VAL n 
1 76  GLY n 
1 77  GLN n 
1 78  VAL n 
1 79  VAL n 
1 80  ALA n 
1 81  ALA n 
1 82  VAL n 
1 83  PHE n 
1 84  ARG n 
1 85  HIS n 
1 86  ASP n 
1 87  GLY n 
1 88  ARG n 
1 89  TRP n 
1 90  TYR n 
1 91  ARG n 
1 92  ALA n 
1 93  ARG n 
1 94  VAL n 
1 95  HIS n 
1 96  ASP n 
1 97  ILE n 
1 98  ARG n 
1 99  PRO n 
1 100 ASN n 
1 101 GLU n 
1 102 PHE n 
1 103 ASP n 
1 104 SER n 
1 105 SER n 
1 106 GLN n 
1 107 GLN n 
1 108 VAL n 
1 109 ALA n 
1 110 ASP n 
1 111 VAL n 
1 112 PHE n 
1 113 TYR n 
1 114 LEU n 
1 115 ASP n 
1 116 TYR n 
1 117 GLY n 
1 118 ASP n 
1 119 SER n 
1 120 GLU n 
1 121 TYR n 
1 122 VAL n 
1 123 ALA n 
1 124 THR n 
1 125 HIS n 
1 126 GLU n 
1 127 LEU n 
1 128 CYS n 
1 129 GLU n 
1 130 LEU n 
1 131 ARG n 
1 132 ALA n 
1 133 ASP n 
1 134 LEU n 
1 135 LEU n 
1 136 ARG n 
1 137 LEU n 
1 138 ARG n 
1 139 PHE n 
1 140 GLN n 
1 141 ALA n 
1 142 MET n 
1 143 GLU n 
1 144 CYS n 
1 145 PHE n 
1 146 LEU n 
1 147 ALA n 
1 148 GLY n 
1 149 VAL n 
1 150 ARG n 
1 151 PRO n 
1 152 ALA n 
1 153 SER n 
1 154 GLY n 
1 155 GLU n 
1 156 GLU n 
1 157 ALA n 
1 158 VAL n 
1 159 SER n 
1 160 PRO n 
1 161 SER n 
1 162 GLY n 
1 163 GLN n 
1 164 ARG n 
1 165 TRP n 
1 166 ASP n 
1 167 LYS n 
1 168 TRP n 
1 169 HIS n 
1 170 PRO n 
1 171 GLN n 
1 172 ALA n 
1 173 VAL n 
1 174 GLU n 
1 175 ARG n 
1 176 PHE n 
1 177 GLU n 
1 178 GLU n 
1 179 LEU n 
1 180 THR n 
1 181 GLN n 
1 182 VAL n 
1 183 ALA n 
1 184 ARG n 
1 185 TRP n 
1 186 LYS n 
1 187 ALA n 
1 188 LEU n 
1 189 VAL n 
1 190 SER n 
1 191 ARG n 
1 192 THR n 
1 193 CYS n 
1 194 THR n 
1 195 TYR n 
1 196 LYS n 
1 197 LYS n 
1 198 THR n 
1 199 ALA n 
1 200 THR n 
1 201 ALA n 
1 202 GLU n 
1 203 GLY n 
1 204 GLU n 
1 205 LYS n 
1 206 ASP n 
1 207 LYS n 
1 208 GLU n 
1 209 ILE n 
1 210 PRO n 
1 211 GLY n 
1 212 ILE n 
1 213 LYS n 
1 214 LEU n 
1 215 PHE n 
1 216 ASP n 
1 217 VAL n 
1 218 THR n 
1 219 ASP n 
1 220 GLU n 
1 221 GLY n 
1 222 GLU n 
1 223 LEU n 
1 224 ASP n 
1 225 VAL n 
1 226 GLY n 
1 227 ALA n 
1 228 VAL n 
1 229 LEU n 
1 230 VAL n 
1 231 ALA n 
1 232 GLU n 
1 233 GLY n 
1 234 TRP n 
1 235 ALA n 
1 236 VAL n 
1 237 ALA n 
# 
_entity_src_gen.entity_id                          1 
_entity_src_gen.pdbx_src_id                        1 
_entity_src_gen.pdbx_alt_source_flag               sample 
_entity_src_gen.pdbx_seq_type                      'Biological sequence' 
_entity_src_gen.pdbx_beg_seq_num                   1 
_entity_src_gen.pdbx_end_seq_num                   237 
_entity_src_gen.gene_src_common_name               'Silk moth' 
_entity_src_gen.gene_src_genus                     ? 
_entity_src_gen.pdbx_gene_src_gene                 PAPI 
_entity_src_gen.gene_src_species                   ? 
_entity_src_gen.gene_src_strain                    ? 
_entity_src_gen.gene_src_tissue                    ? 
_entity_src_gen.gene_src_tissue_fraction           ? 
_entity_src_gen.gene_src_details                   ? 
_entity_src_gen.pdbx_gene_src_fragment             ? 
_entity_src_gen.pdbx_gene_src_scientific_name      'Bombyx mori' 
_entity_src_gen.pdbx_gene_src_ncbi_taxonomy_id     7091 
_entity_src_gen.pdbx_gene_src_variant              ? 
_entity_src_gen.pdbx_gene_src_cell_line            ? 
_entity_src_gen.pdbx_gene_src_atcc                 ? 
_entity_src_gen.pdbx_gene_src_organ                ? 
_entity_src_gen.pdbx_gene_src_organelle            ? 
_entity_src_gen.pdbx_gene_src_cell                 ? 
_entity_src_gen.pdbx_gene_src_cellular_location    ? 
_entity_src_gen.host_org_common_name               ? 
_entity_src_gen.pdbx_host_org_scientific_name      'Escherichia coli' 
_entity_src_gen.pdbx_host_org_ncbi_taxonomy_id     562 
_entity_src_gen.host_org_genus                     ? 
_entity_src_gen.pdbx_host_org_gene                 ? 
_entity_src_gen.pdbx_host_org_organ                ? 
_entity_src_gen.host_org_species                   ? 
_entity_src_gen.pdbx_host_org_tissue               ? 
_entity_src_gen.pdbx_host_org_tissue_fraction      ? 
_entity_src_gen.pdbx_host_org_strain               ? 
_entity_src_gen.pdbx_host_org_variant              ? 
_entity_src_gen.pdbx_host_org_cell_line            ? 
_entity_src_gen.pdbx_host_org_atcc                 ? 
_entity_src_gen.pdbx_host_org_culture_collection   ? 
_entity_src_gen.pdbx_host_org_cell                 ? 
_entity_src_gen.pdbx_host_org_organelle            ? 
_entity_src_gen.pdbx_host_org_cellular_location    ? 
_entity_src_gen.pdbx_host_org_vector_type          ? 
_entity_src_gen.pdbx_host_org_vector               ? 
_entity_src_gen.host_org_details                   ? 
_entity_src_gen.expression_system_id               ? 
_entity_src_gen.plasmid_name                       ? 
_entity_src_gen.plasmid_details                    ? 
_entity_src_gen.pdbx_description                   ? 
# 
_struct_ref.id                         1 
_struct_ref.db_name                    UNP 
_struct_ref.db_code                    TDRKH_BOMMO 
_struct_ref.pdbx_db_accession          H9JD76 
_struct_ref.pdbx_db_isoform            ? 
_struct_ref.entity_id                  1 
_struct_ref.pdbx_seq_one_letter_code   
;GPSIEVYVSAVSSPSRFWVQFVGPQVAQLDDLVAHMTEYYSKKENREAHTLRHVSVGQVVAAVFRHDGRWYRARVHDIRP
NEFDSSQQVADVFYLDYGDSEYVATHELCELRADLLRLRFQAMECFLAGVRPASGEEAVSPSGQTWDKWHPQAVERFEEL
TQVARWKALVSRTCTYKKTATAEGEKDKEIPGIKLFDVTDEGELDVGAVLVAEGWAVA
;
_struct_ref.pdbx_align_begin           245 
# 
_struct_ref_seq.align_id                      1 
_struct_ref_seq.ref_id                        1 
_struct_ref_seq.pdbx_PDB_id_code              5VQG 
_struct_ref_seq.pdbx_strand_id                A 
_struct_ref_seq.seq_align_beg                 20 
_struct_ref_seq.pdbx_seq_align_beg_ins_code   ? 
_struct_ref_seq.seq_align_end                 237 
_struct_ref_seq.pdbx_seq_align_end_ins_code   ? 
_struct_ref_seq.pdbx_db_accession             H9JD76 
_struct_ref_seq.db_align_beg                  245 
_struct_ref_seq.pdbx_db_align_beg_ins_code    ? 
_struct_ref_seq.db_align_end                  462 
_struct_ref_seq.pdbx_db_align_end_ins_code    ? 
_struct_ref_seq.pdbx_auth_seq_align_beg       245 
_struct_ref_seq.pdbx_auth_seq_align_end       462 
# 
loop_
_struct_ref_seq_dif.align_id 
_struct_ref_seq_dif.pdbx_pdb_id_code 
_struct_ref_seq_dif.mon_id 
_struct_ref_seq_dif.pdbx_pdb_strand_id 
_struct_ref_seq_dif.seq_num 
_struct_ref_seq_dif.pdbx_pdb_ins_code 
_struct_ref_seq_dif.pdbx_seq_db_name 
_struct_ref_seq_dif.pdbx_seq_db_accession_code 
_struct_ref_seq_dif.db_mon_id 
_struct_ref_seq_dif.pdbx_seq_db_seq_num 
_struct_ref_seq_dif.details 
_struct_ref_seq_dif.pdbx_auth_seq_num 
_struct_ref_seq_dif.pdbx_ordinal 
1 5VQG MET A 1   ? UNP H9JD76 ?   ?   'initiating methionine' -19 1  
1 5VQG GLY A 2   ? UNP H9JD76 ?   ?   'expression tag'        -18 2  
1 5VQG SER A 3   ? UNP H9JD76 ?   ?   'expression tag'        -17 3  
1 5VQG SER A 4   ? UNP H9JD76 ?   ?   'expression tag'        -16 4  
1 5VQG HIS A 5   ? UNP H9JD76 ?   ?   'expression tag'        -15 5  
1 5VQG HIS A 6   ? UNP H9JD76 ?   ?   'expression tag'        -14 6  
1 5VQG HIS A 7   ? UNP H9JD76 ?   ?   'expression tag'        -13 7  
1 5VQG HIS A 8   ? UNP H9JD76 ?   ?   'expression tag'        -12 8  
1 5VQG HIS A 9   ? UNP H9JD76 ?   ?   'expression tag'        -11 9  
1 5VQG HIS A 10  ? UNP H9JD76 ?   ?   'expression tag'        -10 10 
1 5VQG GLU A 11  ? UNP H9JD76 ?   ?   'expression tag'        -9  11 
1 5VQG ASN A 12  ? UNP H9JD76 ?   ?   'expression tag'        -8  12 
1 5VQG LEU A 13  ? UNP H9JD76 ?   ?   'expression tag'        -7  13 
1 5VQG TYR A 14  ? UNP H9JD76 ?   ?   'expression tag'        -6  14 
1 5VQG PHE A 15  ? UNP H9JD76 ?   ?   'expression tag'        -5  15 
1 5VQG GLN A 16  ? UNP H9JD76 ?   ?   'expression tag'        -4  16 
1 5VQG SER A 17  ? UNP H9JD76 ?   ?   'expression tag'        -3  17 
1 5VQG ASN A 18  ? UNP H9JD76 ?   ?   'expression tag'        -2  18 
1 5VQG ALA A 19  ? UNP H9JD76 ?   ?   'expression tag'        -1  19 
1 5VQG ARG A 164 ? UNP H9JD76 THR 389 conflict                389 20 
# 
loop_
_chem_comp.id 
_chem_comp.type 
_chem_comp.mon_nstd_flag 
_chem_comp.name 
_chem_comp.pdbx_synonyms 
_chem_comp.formula 
_chem_comp.formula_weight 
ALA 'L-peptide linking' y ALANINE         ? 'C3 H7 N O2'     89.093  
ARG 'L-peptide linking' y ARGININE        ? 'C6 H15 N4 O2 1' 175.209 
ASN 'L-peptide linking' y ASPARAGINE      ? 'C4 H8 N2 O3'    132.118 
ASP 'L-peptide linking' y 'ASPARTIC ACID' ? 'C4 H7 N O4'     133.103 
CYS 'L-peptide linking' y CYSTEINE        ? 'C3 H7 N O2 S'   121.158 
GLN 'L-peptide linking' y GLUTAMINE       ? 'C5 H10 N2 O3'   146.144 
GLU 'L-peptide linking' y 'GLUTAMIC ACID' ? 'C5 H9 N O4'     147.129 
GLY 'peptide linking'   y GLYCINE         ? 'C2 H5 N O2'     75.067  
HIS 'L-peptide linking' y HISTIDINE       ? 'C6 H10 N3 O2 1' 156.162 
HOH non-polymer         . WATER           ? 'H2 O'           18.015  
ILE 'L-peptide linking' y ISOLEUCINE      ? 'C6 H13 N O2'    131.173 
LEU 'L-peptide linking' y LEUCINE         ? 'C6 H13 N O2'    131.173 
LYS 'L-peptide linking' y LYSINE          ? 'C6 H15 N2 O2 1' 147.195 
MET 'L-peptide linking' y METHIONINE      ? 'C5 H11 N O2 S'  149.211 
PHE 'L-peptide linking' y PHENYLALANINE   ? 'C9 H11 N O2'    165.189 
PRO 'L-peptide linking' y PROLINE         ? 'C5 H9 N O2'     115.130 
SER 'L-peptide linking' y SERINE          ? 'C3 H7 N O3'     105.093 
THR 'L-peptide linking' y THREONINE       ? 'C4 H9 N O3'     119.119 
TRP 'L-peptide linking' y TRYPTOPHAN      ? 'C11 H12 N2 O2'  204.225 
TYR 'L-peptide linking' y TYROSINE        ? 'C9 H11 N O3'    181.189 
VAL 'L-peptide linking' y VALINE          ? 'C5 H11 N O2'    117.146 
# 
_exptl.absorpt_coefficient_mu     ? 
_exptl.absorpt_correction_T_max   ? 
_exptl.absorpt_correction_T_min   ? 
_exptl.absorpt_correction_type    ? 
_exptl.absorpt_process_details    ? 
_exptl.entry_id                   5VQG 
_exptl.crystals_number            1 
_exptl.details                    ? 
_exptl.method                     'X-RAY DIFFRACTION' 
_exptl.method_details             ? 
# 
_exptl_crystal.colour                      ? 
_exptl_crystal.density_diffrn              ? 
_exptl_crystal.density_Matthews            2.18 
_exptl_crystal.density_method              ? 
_exptl_crystal.density_percent_sol         43.56 
_exptl_crystal.description                 ? 
_exptl_crystal.F_000                       ? 
_exptl_crystal.id                          1 
_exptl_crystal.preparation                 ? 
_exptl_crystal.size_max                    ? 
_exptl_crystal.size_mid                    ? 
_exptl_crystal.size_min                    ? 
_exptl_crystal.size_rad                    ? 
_exptl_crystal.colour_lustre               ? 
_exptl_crystal.colour_modifier             ? 
_exptl_crystal.colour_primary              ? 
_exptl_crystal.density_meas                ? 
_exptl_crystal.density_meas_esd            ? 
_exptl_crystal.density_meas_gt             ? 
_exptl_crystal.density_meas_lt             ? 
_exptl_crystal.density_meas_temp           ? 
_exptl_crystal.density_meas_temp_esd       ? 
_exptl_crystal.density_meas_temp_gt        ? 
_exptl_crystal.density_meas_temp_lt        ? 
_exptl_crystal.pdbx_crystal_image_url      ? 
_exptl_crystal.pdbx_crystal_image_format   ? 
_exptl_crystal.pdbx_mosaicity              ? 
_exptl_crystal.pdbx_mosaicity_esd          ? 
# 
_exptl_crystal_grow.apparatus       ? 
_exptl_crystal_grow.atmosphere      ? 
_exptl_crystal_grow.crystal_id      1 
_exptl_crystal_grow.details         ? 
_exptl_crystal_grow.method          'VAPOR DIFFUSION, HANGING DROP' 
_exptl_crystal_grow.method_ref      ? 
_exptl_crystal_grow.pH              ? 
_exptl_crystal_grow.pressure        ? 
_exptl_crystal_grow.pressure_esd    ? 
_exptl_crystal_grow.seeding         ? 
_exptl_crystal_grow.seeding_ref     ? 
_exptl_crystal_grow.temp            281 
_exptl_crystal_grow.temp_details    ? 
_exptl_crystal_grow.temp_esd        ? 
_exptl_crystal_grow.time            ? 
_exptl_crystal_grow.pdbx_details    '1% PEG 8,000, 50 mM MES, pH 5.5, 100 mM KCl and 10 mM MgCl2' 
_exptl_crystal_grow.pdbx_pH_range   ? 
# 
_diffrn.ambient_environment    ? 
_diffrn.ambient_temp           100 
_diffrn.ambient_temp_details   ? 
_diffrn.ambient_temp_esd       ? 
_diffrn.crystal_id             1 
_diffrn.crystal_support        ? 
_diffrn.crystal_treatment      ? 
_diffrn.details                ? 
_diffrn.id                     1 
_diffrn.ambient_pressure       ? 
_diffrn.ambient_pressure_esd   ? 
_diffrn.ambient_pressure_gt    ? 
_diffrn.ambient_pressure_lt    ? 
_diffrn.ambient_temp_gt        ? 
_diffrn.ambient_temp_lt        ? 
# 
_diffrn_detector.details                      ? 
_diffrn_detector.detector                     'IMAGE PLATE' 
_diffrn_detector.diffrn_id                    1 
_diffrn_detector.type                         RIGAKU 
_diffrn_detector.area_resol_mean              ? 
_diffrn_detector.dtime                        ? 
_diffrn_detector.pdbx_frames_total            ? 
_diffrn_detector.pdbx_collection_time_total   ? 
_diffrn_detector.pdbx_collection_date         2015-01-13 
# 
_diffrn_radiation.collimation                      ? 
_diffrn_radiation.diffrn_id                        1 
_diffrn_radiation.filter_edge                      ? 
_diffrn_radiation.inhomogeneity                    ? 
_diffrn_radiation.monochromator                    ? 
_diffrn_radiation.polarisn_norm                    ? 
_diffrn_radiation.polarisn_ratio                   ? 
_diffrn_radiation.probe                            ? 
_diffrn_radiation.type                             ? 
_diffrn_radiation.xray_symbol                      ? 
_diffrn_radiation.wavelength_id                    1 
_diffrn_radiation.pdbx_monochromatic_or_laue_m_l   M 
_diffrn_radiation.pdbx_wavelength_list             ? 
_diffrn_radiation.pdbx_wavelength                  ? 
_diffrn_radiation.pdbx_diffrn_protocol             'SINGLE WAVELENGTH' 
_diffrn_radiation.pdbx_analyzer                    ? 
_diffrn_radiation.pdbx_scattering_type             x-ray 
# 
_diffrn_radiation_wavelength.id           1 
_diffrn_radiation_wavelength.wavelength   1.5418 
_diffrn_radiation_wavelength.wt           1.0 
# 
_diffrn_source.current                     ? 
_diffrn_source.details                     ? 
_diffrn_source.diffrn_id                   1 
_diffrn_source.power                       ? 
_diffrn_source.size                        ? 
_diffrn_source.source                      'ROTATING ANODE' 
_diffrn_source.target                      ? 
_diffrn_source.type                        'RIGAKU MICROMAX-007 HF' 
_diffrn_source.voltage                     ? 
_diffrn_source.take-off_angle              ? 
_diffrn_source.pdbx_wavelength_list        1.5418 
_diffrn_source.pdbx_wavelength             ? 
_diffrn_source.pdbx_synchrotron_beamline   ? 
_diffrn_source.pdbx_synchrotron_site       ? 
# 
_reflns.B_iso_Wilson_estimate            ? 
_reflns.entry_id                         5VQG 
_reflns.data_reduction_details           ? 
_reflns.data_reduction_method            ? 
_reflns.d_resolution_high                2.60 
_reflns.d_resolution_low                 31.78 
_reflns.details                          ? 
_reflns.limit_h_max                      ? 
_reflns.limit_h_min                      ? 
_reflns.limit_k_max                      ? 
_reflns.limit_k_min                      ? 
_reflns.limit_l_max                      ? 
_reflns.limit_l_min                      ? 
_reflns.number_all                       ? 
_reflns.number_obs                       7535 
_reflns.observed_criterion               ? 
_reflns.observed_criterion_F_max         ? 
_reflns.observed_criterion_F_min         ? 
_reflns.observed_criterion_I_max         ? 
_reflns.observed_criterion_I_min         ? 
_reflns.observed_criterion_sigma_F       ? 
_reflns.observed_criterion_sigma_I       ? 
_reflns.percent_possible_obs             99.5 
_reflns.R_free_details                   ? 
_reflns.Rmerge_F_all                     ? 
_reflns.Rmerge_F_obs                     ? 
_reflns.Friedel_coverage                 ? 
_reflns.number_gt                        ? 
_reflns.threshold_expression             ? 
_reflns.pdbx_redundancy                  4.1 
_reflns.pdbx_Rmerge_I_obs                0.106 
_reflns.pdbx_Rmerge_I_all                ? 
_reflns.pdbx_Rsym_value                  ? 
_reflns.pdbx_netI_over_av_sigmaI         ? 
_reflns.pdbx_netI_over_sigmaI            7.8 
_reflns.pdbx_res_netI_over_av_sigmaI_2   ? 
_reflns.pdbx_res_netI_over_sigmaI_2      ? 
_reflns.pdbx_chi_squared                 ? 
_reflns.pdbx_scaling_rejects             ? 
_reflns.pdbx_d_res_high_opt              ? 
_reflns.pdbx_d_res_low_opt               ? 
_reflns.pdbx_d_res_opt_method            ? 
_reflns.phase_calculation_details        ? 
_reflns.pdbx_Rrim_I_all                  ? 
_reflns.pdbx_Rpim_I_all                  ? 
_reflns.pdbx_d_opt                       ? 
_reflns.pdbx_number_measured_all         ? 
_reflns.pdbx_diffrn_id                   1 
_reflns.pdbx_ordinal                     1 
_reflns.pdbx_CC_half                     ? 
_reflns.pdbx_R_split                     ? 
# 
_reflns_shell.d_res_high                  2.60 
_reflns_shell.d_res_low                   2.72 
_reflns_shell.meanI_over_sigI_all         ? 
_reflns_shell.meanI_over_sigI_obs         1.6 
_reflns_shell.number_measured_all         ? 
_reflns_shell.number_measured_obs         ? 
_reflns_shell.number_possible             ? 
_reflns_shell.number_unique_all           ? 
_reflns_shell.number_unique_obs           915 
_reflns_shell.percent_possible_all        100 
_reflns_shell.percent_possible_obs        ? 
_reflns_shell.Rmerge_F_all                ? 
_reflns_shell.Rmerge_F_obs                ? 
_reflns_shell.Rmerge_I_all                ? 
_reflns_shell.Rmerge_I_obs                0.608 
_reflns_shell.meanI_over_sigI_gt          ? 
_reflns_shell.meanI_over_uI_all           ? 
_reflns_shell.meanI_over_uI_gt            ? 
_reflns_shell.number_measured_gt          ? 
_reflns_shell.number_unique_gt            ? 
_reflns_shell.percent_possible_gt         ? 
_reflns_shell.Rmerge_F_gt                 ? 
_reflns_shell.Rmerge_I_gt                 ? 
_reflns_shell.pdbx_redundancy             4.0 
_reflns_shell.pdbx_Rsym_value             ? 
_reflns_shell.pdbx_chi_squared            ? 
_reflns_shell.pdbx_netI_over_sigmaI_all   ? 
_reflns_shell.pdbx_netI_over_sigmaI_obs   ? 
_reflns_shell.pdbx_Rrim_I_all             ? 
_reflns_shell.pdbx_Rpim_I_all             ? 
_reflns_shell.pdbx_rejects                ? 
_reflns_shell.pdbx_ordinal                1 
_reflns_shell.pdbx_diffrn_id              1 
_reflns_shell.pdbx_CC_half                ? 
_reflns_shell.pdbx_R_split                ? 
# 
_refine.aniso_B[1][1]                            -0.06 
_refine.aniso_B[1][2]                            -0.03 
_refine.aniso_B[1][3]                            0.00 
_refine.aniso_B[2][2]                            -0.06 
_refine.aniso_B[2][3]                            -0.00 
_refine.aniso_B[3][3]                            0.19 
_refine.B_iso_max                                ? 
_refine.B_iso_mean                               34.595 
_refine.B_iso_min                                ? 
_refine.correlation_coeff_Fo_to_Fc               0.935 
_refine.correlation_coeff_Fo_to_Fc_free          0.868 
_refine.details                                  'HYDROGENS HAVE BEEN ADDED IN THE RIDING POSITIONS' 
_refine.diff_density_max                         ? 
_refine.diff_density_max_esd                     ? 
_refine.diff_density_min                         ? 
_refine.diff_density_min_esd                     ? 
_refine.diff_density_rms                         ? 
_refine.diff_density_rms_esd                     ? 
_refine.entry_id                                 5VQG 
_refine.pdbx_refine_id                           'X-RAY DIFFRACTION' 
_refine.ls_abs_structure_details                 ? 
_refine.ls_abs_structure_Flack                   ? 
_refine.ls_abs_structure_Flack_esd               ? 
_refine.ls_abs_structure_Rogers                  ? 
_refine.ls_abs_structure_Rogers_esd              ? 
_refine.ls_d_res_high                            2.60 
_refine.ls_d_res_low                             31.78 
_refine.ls_extinction_coef                       ? 
_refine.ls_extinction_coef_esd                   ? 
_refine.ls_extinction_expression                 ? 
_refine.ls_extinction_method                     ? 
_refine.ls_goodness_of_fit_all                   ? 
_refine.ls_goodness_of_fit_all_esd               ? 
_refine.ls_goodness_of_fit_obs                   ? 
_refine.ls_goodness_of_fit_obs_esd               ? 
_refine.ls_hydrogen_treatment                    ? 
_refine.ls_matrix_type                           ? 
_refine.ls_number_constraints                    ? 
_refine.ls_number_parameters                     ? 
_refine.ls_number_reflns_all                     ? 
_refine.ls_number_reflns_obs                     7150 
_refine.ls_number_reflns_R_free                  419 
_refine.ls_number_reflns_R_work                  ? 
_refine.ls_number_restraints                     ? 
_refine.ls_percent_reflns_obs                    98.98 
_refine.ls_percent_reflns_R_free                 5.5 
_refine.ls_R_factor_all                          ? 
_refine.ls_R_factor_obs                          0.20571 
_refine.ls_R_factor_R_free                       0.27705 
_refine.ls_R_factor_R_free_error                 ? 
_refine.ls_R_factor_R_free_error_details         ? 
_refine.ls_R_factor_R_work                       0.20141 
_refine.ls_R_Fsqd_factor_obs                     ? 
_refine.ls_R_I_factor_obs                        ? 
_refine.ls_redundancy_reflns_all                 ? 
_refine.ls_redundancy_reflns_obs                 ? 
_refine.ls_restrained_S_all                      ? 
_refine.ls_restrained_S_obs                      ? 
_refine.ls_shift_over_esd_max                    ? 
_refine.ls_shift_over_esd_mean                   ? 
_refine.ls_structure_factor_coef                 ? 
_refine.ls_weighting_details                     ? 
_refine.ls_weighting_scheme                      ? 
_refine.ls_wR_factor_all                         ? 
_refine.ls_wR_factor_obs                         ? 
_refine.ls_wR_factor_R_free                      ? 
_refine.ls_wR_factor_R_work                      ? 
_refine.occupancy_max                            ? 
_refine.occupancy_min                            ? 
_refine.solvent_model_details                    ? 
_refine.solvent_model_param_bsol                 ? 
_refine.solvent_model_param_ksol                 ? 
_refine.ls_R_factor_gt                           ? 
_refine.ls_goodness_of_fit_gt                    ? 
_refine.ls_goodness_of_fit_ref                   ? 
_refine.ls_shift_over_su_max                     ? 
_refine.ls_shift_over_su_max_lt                  ? 
_refine.ls_shift_over_su_mean                    ? 
_refine.ls_shift_over_su_mean_lt                 ? 
_refine.pdbx_ls_sigma_I                          ? 
_refine.pdbx_ls_sigma_F                          ? 
_refine.pdbx_ls_sigma_Fsqd                       ? 
_refine.pdbx_data_cutoff_high_absF               ? 
_refine.pdbx_data_cutoff_high_rms_absF           ? 
_refine.pdbx_data_cutoff_low_absF                ? 
_refine.pdbx_isotropic_thermal_model             ? 
_refine.pdbx_ls_cross_valid_method               THROUGHOUT 
_refine.pdbx_method_to_determine_struct          'MOLECULAR REPLACEMENT' 
_refine.pdbx_starting_model                      3FDR 
_refine.pdbx_stereochemistry_target_values       ? 
_refine.pdbx_R_Free_selection_details            RANDOM 
_refine.pdbx_stereochem_target_val_spec_case     ? 
_refine.pdbx_overall_ESU_R                       0.858 
_refine.pdbx_overall_ESU_R_Free                  0.352 
_refine.pdbx_solvent_vdw_probe_radii             1.20 
_refine.pdbx_solvent_ion_probe_radii             0.80 
_refine.pdbx_solvent_shrinkage_radii             0.80 
_refine.pdbx_real_space_R                        ? 
_refine.pdbx_density_correlation                 ? 
_refine.pdbx_pd_number_of_powder_patterns        ? 
_refine.pdbx_pd_number_of_points                 ? 
_refine.pdbx_pd_meas_number_of_points            ? 
_refine.pdbx_pd_proc_ls_prof_R_factor            ? 
_refine.pdbx_pd_proc_ls_prof_wR_factor           ? 
_refine.pdbx_pd_Marquardt_correlation_coeff      ? 
_refine.pdbx_pd_Fsqrd_R_factor                   ? 
_refine.pdbx_pd_ls_matrix_band_width             ? 
_refine.pdbx_overall_phase_error                 ? 
_refine.pdbx_overall_SU_R_free_Cruickshank_DPI   ? 
_refine.pdbx_overall_SU_R_free_Blow_DPI          ? 
_refine.pdbx_overall_SU_R_Blow_DPI               ? 
_refine.pdbx_TLS_residual_ADP_flag               ? 
_refine.pdbx_diffrn_id                           1 
_refine.overall_SU_B                             13.681 
_refine.overall_SU_ML                            0.282 
_refine.overall_SU_R_Cruickshank_DPI             ? 
_refine.overall_SU_R_free                        ? 
_refine.overall_FOM_free_R_set                   ? 
_refine.overall_FOM_work_R_set                   ? 
_refine.pdbx_average_fsc_overall                 ? 
_refine.pdbx_average_fsc_work                    ? 
_refine.pdbx_average_fsc_free                    ? 
# 
_refine_hist.pdbx_refine_id                   'X-RAY DIFFRACTION' 
_refine_hist.cycle_id                         1 
_refine_hist.pdbx_number_atoms_protein        1573 
_refine_hist.pdbx_number_atoms_nucleic_acid   0 
_refine_hist.pdbx_number_atoms_ligand         0 
_refine_hist.number_atoms_solvent             56 
_refine_hist.number_atoms_total               1629 
_refine_hist.d_res_high                       2.60 
_refine_hist.d_res_low                        31.78 
# 
loop_
_refine_ls_restr.pdbx_refine_id 
_refine_ls_restr.criterion 
_refine_ls_restr.dev_ideal 
_refine_ls_restr.dev_ideal_target 
_refine_ls_restr.number 
_refine_ls_restr.rejects 
_refine_ls_restr.type 
_refine_ls_restr.weight 
_refine_ls_restr.pdbx_restraint_function 
'X-RAY DIFFRACTION' ? 0.011  0.019  1612 ? r_bond_refined_d             ? ? 
'X-RAY DIFFRACTION' ? 0.001  0.020  1459 ? r_bond_other_d               ? ? 
'X-RAY DIFFRACTION' ? 1.416  1.923  2196 ? r_angle_refined_deg          ? ? 
'X-RAY DIFFRACTION' ? 0.777  3.000  3317 ? r_angle_other_deg            ? ? 
'X-RAY DIFFRACTION' ? 6.741  5.000  199  ? r_dihedral_angle_1_deg       ? ? 
'X-RAY DIFFRACTION' ? 31.308 23.026 76   ? r_dihedral_angle_2_deg       ? ? 
'X-RAY DIFFRACTION' ? 14.837 15.000 230  ? r_dihedral_angle_3_deg       ? ? 
'X-RAY DIFFRACTION' ? 17.659 15.000 11   ? r_dihedral_angle_4_deg       ? ? 
'X-RAY DIFFRACTION' ? 0.073  0.200  244  ? r_chiral_restr               ? ? 
'X-RAY DIFFRACTION' ? 0.006  0.020  1847 ? r_gen_planes_refined         ? ? 
'X-RAY DIFFRACTION' ? 0.001  0.020  402  ? r_gen_planes_other           ? ? 
'X-RAY DIFFRACTION' ? ?      ?      ?    ? r_nbd_refined                ? ? 
'X-RAY DIFFRACTION' ? ?      ?      ?    ? r_nbd_other                  ? ? 
'X-RAY DIFFRACTION' ? ?      ?      ?    ? r_nbtor_refined              ? ? 
'X-RAY DIFFRACTION' ? ?      ?      ?    ? r_nbtor_other                ? ? 
'X-RAY DIFFRACTION' ? ?      ?      ?    ? r_xyhbond_nbd_refined        ? ? 
'X-RAY DIFFRACTION' ? ?      ?      ?    ? r_xyhbond_nbd_other          ? ? 
'X-RAY DIFFRACTION' ? ?      ?      ?    ? r_metal_ion_refined          ? ? 
'X-RAY DIFFRACTION' ? ?      ?      ?    ? r_metal_ion_other            ? ? 
'X-RAY DIFFRACTION' ? ?      ?      ?    ? r_symmetry_vdw_refined       ? ? 
'X-RAY DIFFRACTION' ? ?      ?      ?    ? r_symmetry_vdw_other         ? ? 
'X-RAY DIFFRACTION' ? ?      ?      ?    ? r_symmetry_hbond_refined     ? ? 
'X-RAY DIFFRACTION' ? ?      ?      ?    ? r_symmetry_hbond_other       ? ? 
'X-RAY DIFFRACTION' ? ?      ?      ?    ? r_symmetry_metal_ion_refined ? ? 
'X-RAY DIFFRACTION' ? ?      ?      ?    ? r_symmetry_metal_ion_other   ? ? 
'X-RAY DIFFRACTION' ? 2.324  3.505  808  ? r_mcbond_it                  ? ? 
'X-RAY DIFFRACTION' ? 2.315  3.504  807  ? r_mcbond_other               ? ? 
'X-RAY DIFFRACTION' ? 3.873  5.234  1003 ? r_mcangle_it                 ? ? 
'X-RAY DIFFRACTION' ? 3.872  5.235  1004 ? r_mcangle_other              ? ? 
'X-RAY DIFFRACTION' ? 2.408  3.723  804  ? r_scbond_it                  ? ? 
'X-RAY DIFFRACTION' ? 2.407  3.724  804  ? r_scbond_other               ? ? 
'X-RAY DIFFRACTION' ? ?      ?      ?    ? r_scangle_it                 ? ? 
'X-RAY DIFFRACTION' ? 4.032  5.493  1193 ? r_scangle_other              ? ? 
'X-RAY DIFFRACTION' ? 6.502  28.131 1762 ? r_long_range_B_refined       ? ? 
'X-RAY DIFFRACTION' ? 6.464  28.182 1746 ? r_long_range_B_other         ? ? 
'X-RAY DIFFRACTION' ? ?      ?      ?    ? r_rigid_bond_restr           ? ? 
'X-RAY DIFFRACTION' ? ?      ?      ?    ? r_sphericity_free            ? ? 
'X-RAY DIFFRACTION' ? ?      ?      ?    ? r_sphericity_bonded          ? ? 
# 
_refine_ls_shell.pdbx_refine_id                   'X-RAY DIFFRACTION' 
_refine_ls_shell.d_res_high                       2.600 
_refine_ls_shell.d_res_low                        2.667 
_refine_ls_shell.number_reflns_all                ? 
_refine_ls_shell.number_reflns_obs                ? 
_refine_ls_shell.number_reflns_R_free             33 
_refine_ls_shell.number_reflns_R_work             533 
_refine_ls_shell.percent_reflns_obs               100.00 
_refine_ls_shell.percent_reflns_R_free            ? 
_refine_ls_shell.R_factor_all                     ? 
_refine_ls_shell.R_factor_obs                     ? 
_refine_ls_shell.R_factor_R_free                  0.429 
_refine_ls_shell.R_factor_R_free_error            ? 
_refine_ls_shell.R_factor_R_work                  0.359 
_refine_ls_shell.redundancy_reflns_all            ? 
_refine_ls_shell.redundancy_reflns_obs            ? 
_refine_ls_shell.wR_factor_all                    ? 
_refine_ls_shell.wR_factor_obs                    ? 
_refine_ls_shell.wR_factor_R_free                 ? 
_refine_ls_shell.wR_factor_R_work                 ? 
_refine_ls_shell.pdbx_total_number_of_bins_used   20 
_refine_ls_shell.pdbx_phase_error                 ? 
_refine_ls_shell.pdbx_fsc_work                    ? 
_refine_ls_shell.pdbx_fsc_free                    ? 
# 
_struct.entry_id                     5VQG 
_struct.title                        'Crystal structure of the extended Tudor domain from BmPAPI' 
_struct.pdbx_model_details           ? 
_struct.pdbx_formula_weight          ? 
_struct.pdbx_formula_weight_method   ? 
_struct.pdbx_model_type_details      ? 
_struct.pdbx_CASP_flag               N 
# 
_struct_keywords.entry_id        5VQG 
_struct_keywords.text            'BmPAPI, Tudor, sDMA, RNA BINDING PROTEIN' 
_struct_keywords.pdbx_keywords   'RNA BINDING PROTEIN' 
# 
loop_
_struct_asym.id 
_struct_asym.pdbx_blank_PDB_chainid_flag 
_struct_asym.pdbx_modified 
_struct_asym.entity_id 
_struct_asym.details 
A N N 1 ? 
B N N 2 ? 
# 
loop_
_struct_conf.conf_type_id 
_struct_conf.id 
_struct_conf.pdbx_PDB_helix_id 
_struct_conf.beg_label_comp_id 
_struct_conf.beg_label_asym_id 
_struct_conf.beg_label_seq_id 
_struct_conf.pdbx_beg_PDB_ins_code 
_struct_conf.end_label_comp_id 
_struct_conf.end_label_asym_id 
_struct_conf.end_label_seq_id 
_struct_conf.pdbx_end_PDB_ins_code 
_struct_conf.beg_auth_comp_id 
_struct_conf.beg_auth_asym_id 
_struct_conf.beg_auth_seq_id 
_struct_conf.end_auth_comp_id 
_struct_conf.end_auth_asym_id 
_struct_conf.end_auth_seq_id 
_struct_conf.pdbx_PDB_helix_class 
_struct_conf.details 
_struct_conf.pdbx_PDB_helix_length 
HELX_P HELX_P1 AA1 GLY A 42  ? SER A 60  ? GLY A 267 SER A 285 1 ? 19 
HELX_P HELX_P2 AA2 LYS A 61  ? HIS A 68  ? LYS A 286 HIS A 293 1 ? 8  
HELX_P HELX_P3 AA3 HIS A 125 ? LEU A 127 ? HIS A 350 LEU A 352 5 ? 3  
HELX_P HELX_P4 AA4 ARG A 131 ? ARG A 136 ? ARG A 356 ARG A 361 5 ? 6  
HELX_P HELX_P5 AA5 HIS A 169 ? GLN A 181 ? HIS A 394 GLN A 406 1 ? 13 
HELX_P HELX_P6 AA6 VAL A 225 ? GLU A 232 ? VAL A 450 GLU A 457 1 ? 8  
# 
_struct_conf_type.id          HELX_P 
_struct_conf_type.criteria    ? 
_struct_conf_type.reference   ? 
# 
loop_
_struct_sheet.id 
_struct_sheet.type 
_struct_sheet.number_strands 
_struct_sheet.details 
AA1 ? 7 ? 
AA2 ? 4 ? 
AA3 ? 5 ? 
# 
loop_
_struct_sheet_order.sheet_id 
_struct_sheet_order.range_id_1 
_struct_sheet_order.range_id_2 
_struct_sheet_order.offset 
_struct_sheet_order.sense 
AA1 1 2 ? anti-parallel 
AA1 2 3 ? anti-parallel 
AA1 3 4 ? anti-parallel 
AA1 4 5 ? anti-parallel 
AA1 5 6 ? parallel      
AA1 6 7 ? anti-parallel 
AA2 1 2 ? anti-parallel 
AA2 2 3 ? anti-parallel 
AA2 3 4 ? anti-parallel 
AA3 1 2 ? anti-parallel 
AA3 2 3 ? anti-parallel 
AA3 3 4 ? anti-parallel 
AA3 4 5 ? anti-parallel 
# 
loop_
_struct_sheet_range.sheet_id 
_struct_sheet_range.id 
_struct_sheet_range.beg_label_comp_id 
_struct_sheet_range.beg_label_asym_id 
_struct_sheet_range.beg_label_seq_id 
_struct_sheet_range.pdbx_beg_PDB_ins_code 
_struct_sheet_range.end_label_comp_id 
_struct_sheet_range.end_label_asym_id 
_struct_sheet_range.end_label_seq_id 
_struct_sheet_range.pdbx_end_PDB_ins_code 
_struct_sheet_range.beg_auth_comp_id 
_struct_sheet_range.beg_auth_asym_id 
_struct_sheet_range.beg_auth_seq_id 
_struct_sheet_range.end_auth_comp_id 
_struct_sheet_range.end_auth_asym_id 
_struct_sheet_range.end_auth_seq_id 
AA1 1 TYR A 14  ? PHE A 15  ? TYR A -6  PHE A -5  
AA1 2 LEU A 188 ? THR A 198 ? LEU A 413 THR A 423 
AA1 3 ILE A 23  ? SER A 32  ? ILE A 248 SER A 257 
AA1 4 ARG A 35  ? PHE A 40  ? ARG A 260 PHE A 265 
AA1 5 MET A 142 ? LEU A 146 ? MET A 367 LEU A 371 
AA1 6 LYS A 207 ? ASP A 216 ? LYS A 432 ASP A 441 
AA1 7 LEU A 223 ? ASP A 224 ? LEU A 448 ASP A 449 
AA2 1 TYR A 14  ? PHE A 15  ? TYR A -6  PHE A -5  
AA2 2 LEU A 188 ? THR A 198 ? LEU A 413 THR A 423 
AA2 3 LYS A 207 ? ASP A 216 ? LYS A 432 ASP A 441 
AA2 4 LEU A 223 ? ASP A 224 ? LEU A 448 ASP A 449 
AA3 1 SER A 119 ? ALA A 123 ? SER A 344 ALA A 348 
AA3 2 ASP A 103 ? TYR A 113 ? ASP A 328 TYR A 338 
AA3 3 TRP A 89  ? ASN A 100 ? TRP A 314 ASN A 325 
AA3 4 VAL A 78  ? VAL A 82  ? VAL A 303 VAL A 307 
AA3 5 CYS A 128 ? GLU A 129 ? CYS A 353 GLU A 354 
# 
loop_
_pdbx_struct_sheet_hbond.sheet_id 
_pdbx_struct_sheet_hbond.range_id_1 
_pdbx_struct_sheet_hbond.range_id_2 
_pdbx_struct_sheet_hbond.range_1_label_atom_id 
_pdbx_struct_sheet_hbond.range_1_label_comp_id 
_pdbx_struct_sheet_hbond.range_1_label_asym_id 
_pdbx_struct_sheet_hbond.range_1_label_seq_id 
_pdbx_struct_sheet_hbond.range_1_PDB_ins_code 
_pdbx_struct_sheet_hbond.range_1_auth_atom_id 
_pdbx_struct_sheet_hbond.range_1_auth_comp_id 
_pdbx_struct_sheet_hbond.range_1_auth_asym_id 
_pdbx_struct_sheet_hbond.range_1_auth_seq_id 
_pdbx_struct_sheet_hbond.range_2_label_atom_id 
_pdbx_struct_sheet_hbond.range_2_label_comp_id 
_pdbx_struct_sheet_hbond.range_2_label_asym_id 
_pdbx_struct_sheet_hbond.range_2_label_seq_id 
_pdbx_struct_sheet_hbond.range_2_PDB_ins_code 
_pdbx_struct_sheet_hbond.range_2_auth_atom_id 
_pdbx_struct_sheet_hbond.range_2_auth_comp_id 
_pdbx_struct_sheet_hbond.range_2_auth_asym_id 
_pdbx_struct_sheet_hbond.range_2_auth_seq_id 
AA1 1 2 N TYR A 14  ? N TYR A -6  O TYR A 195 ? O TYR A 420 
AA1 2 3 O SER A 190 ? O SER A 415 N ILE A 23  ? N ILE A 248 
AA1 3 4 N ALA A 29  ? N ALA A 254 O TRP A 37  ? O TRP A 262 
AA1 4 5 N PHE A 36  ? N PHE A 261 O CYS A 144 ? O CYS A 369 
AA1 5 6 N PHE A 145 ? N PHE A 370 O ILE A 212 ? O ILE A 437 
AA1 6 7 N ASP A 216 ? N ASP A 441 O LEU A 223 ? O LEU A 448 
AA2 1 2 N TYR A 14  ? N TYR A -6  O TYR A 195 ? O TYR A 420 
AA2 2 3 N VAL A 189 ? N VAL A 414 O PHE A 215 ? O PHE A 440 
AA2 3 4 N ASP A 216 ? N ASP A 441 O LEU A 223 ? O LEU A 448 
AA3 1 2 O GLU A 120 ? O GLU A 345 N VAL A 111 ? N VAL A 336 
AA3 2 3 O PHE A 112 ? O PHE A 337 N ARG A 93  ? N ARG A 318 
AA3 3 4 O ALA A 92  ? O ALA A 317 N VAL A 79  ? N VAL A 304 
AA3 4 5 N ALA A 80  ? N ALA A 305 O CYS A 128 ? O CYS A 353 
# 
_atom_sites.entry_id                    5VQG 
_atom_sites.fract_transf_matrix[1][1]   0.01233896 
_atom_sites.fract_transf_matrix[1][2]   0.00445199 
_atom_sites.fract_transf_matrix[1][3]   -0.01256886 
_atom_sites.fract_transf_matrix[2][1]   0.01044433 
_atom_sites.fract_transf_matrix[2][2]   0.01468183 
_atom_sites.fract_transf_matrix[2][3]   0.00232372 
_atom_sites.fract_transf_matrix[3][1]   0.00676844 
_atom_sites.fract_transf_matrix[3][2]   -0.00555515 
_atom_sites.fract_transf_matrix[3][3]   0.00467696 
_atom_sites.fract_transf_vector[1]      0.433056 
_atom_sites.fract_transf_vector[2]      0.762644 
_atom_sites.fract_transf_vector[3]      0.390066 
# 
loop_
_atom_type.symbol 
C 
N 
O 
S 
W 
# 
loop_
_atom_site.group_PDB 
_atom_site.id 
_atom_site.type_symbol 
_atom_site.label_atom_id 
_atom_site.label_alt_id 
_atom_site.label_comp_id 
_atom_site.label_asym_id 
_atom_site.label_entity_id 
_atom_site.label_seq_id 
_atom_site.pdbx_PDB_ins_code 
_atom_site.Cartn_x 
_atom_site.Cartn_y 
_atom_site.Cartn_z 
_atom_site.occupancy 
_atom_site.B_iso_or_equiv 
_atom_site.pdbx_formal_charge 
_atom_site.auth_seq_id 
_atom_site.auth_comp_id 
_atom_site.auth_asym_id 
_atom_site.auth_atom_id 
_atom_site.pdbx_PDB_model_num 
ATOM   1    N N   . LEU A 1 13  ? -20.407 6.677   5.078   1.00 53.24 ? -7  LEU A N   1 
ATOM   2    C CA  . LEU A 1 13  ? -20.578 5.191   5.296   1.00 54.79 ? -7  LEU A CA  1 
ATOM   3    C C   . LEU A 1 13  ? -21.854 4.638   4.632   1.00 56.78 ? -7  LEU A C   1 
ATOM   4    O O   . LEU A 1 13  ? -22.977 5.034   4.978   1.00 52.01 ? -7  LEU A O   1 
ATOM   5    C CB  . LEU A 1 13  ? -20.562 4.822   6.791   1.00 52.79 ? -7  LEU A CB  1 
ATOM   6    C CG  . LEU A 1 13  ? -19.786 3.556   7.234   1.00 57.16 ? -7  LEU A CG  1 
ATOM   7    C CD1 . LEU A 1 13  ? -20.509 2.215   7.018   1.00 54.21 ? -7  LEU A CD1 1 
ATOM   8    C CD2 . LEU A 1 13  ? -18.403 3.535   6.579   1.00 58.46 ? -7  LEU A CD2 1 
ATOM   9    N N   . TYR A 1 14  ? -21.643 3.704   3.696   1.00 60.17 ? -6  TYR A N   1 
ATOM   10   C CA  . TYR A 1 14  ? -22.692 3.081   2.881   1.00 59.37 ? -6  TYR A CA  1 
ATOM   11   C C   . TYR A 1 14  ? -22.661 1.550   2.997   1.00 58.17 ? -6  TYR A C   1 
ATOM   12   O O   . TYR A 1 14  ? -21.698 0.986   3.511   1.00 56.21 ? -6  TYR A O   1 
ATOM   13   C CB  . TYR A 1 14  ? -22.499 3.494   1.418   1.00 59.45 ? -6  TYR A CB  1 
ATOM   14   C CG  . TYR A 1 14  ? -22.682 4.975   1.207   1.00 63.71 ? -6  TYR A CG  1 
ATOM   15   C CD1 . TYR A 1 14  ? -23.962 5.504   0.970   1.00 64.16 ? -6  TYR A CD1 1 
ATOM   16   C CD2 . TYR A 1 14  ? -21.591 5.860   1.268   1.00 63.27 ? -6  TYR A CD2 1 
ATOM   17   C CE1 . TYR A 1 14  ? -24.154 6.861   0.785   1.00 64.22 ? -6  TYR A CE1 1 
ATOM   18   C CE2 . TYR A 1 14  ? -21.777 7.226   1.088   1.00 64.94 ? -6  TYR A CE2 1 
ATOM   19   C CZ  . TYR A 1 14  ? -23.063 7.720   0.846   1.00 66.16 ? -6  TYR A CZ  1 
ATOM   20   O OH  . TYR A 1 14  ? -23.291 9.068   0.661   1.00 69.27 ? -6  TYR A OH  1 
ATOM   21   N N   . PHE A 1 15  ? -23.717 0.894   2.509   1.00 61.99 ? -5  PHE A N   1 
ATOM   22   C CA  . PHE A 1 15  ? -23.815 -0.575  2.481   1.00 63.30 ? -5  PHE A CA  1 
ATOM   23   C C   . PHE A 1 15  ? -23.940 -1.052  1.047   1.00 65.79 ? -5  PHE A C   1 
ATOM   24   O O   . PHE A 1 15  ? -24.824 -0.585  0.329   1.00 71.26 ? -5  PHE A O   1 
ATOM   25   C CB  . PHE A 1 15  ? -25.023 -1.048  3.299   1.00 59.83 ? -5  PHE A CB  1 
ATOM   26   C CG  . PHE A 1 15  ? -24.851 -0.853  4.773   1.00 57.35 ? -5  PHE A CG  1 
ATOM   27   C CD1 . PHE A 1 15  ? -24.407 -1.893  5.576   1.00 54.92 ? -5  PHE A CD1 1 
ATOM   28   C CD2 . PHE A 1 15  ? -25.087 0.392   5.355   1.00 57.56 ? -5  PHE A CD2 1 
ATOM   29   C CE1 . PHE A 1 15  ? -24.218 -1.706  6.937   1.00 55.19 ? -5  PHE A CE1 1 
ATOM   30   C CE2 . PHE A 1 15  ? -24.900 0.587   6.716   1.00 57.58 ? -5  PHE A CE2 1 
ATOM   31   C CZ  . PHE A 1 15  ? -24.462 -0.464  7.506   1.00 56.32 ? -5  PHE A CZ  1 
ATOM   32   N N   . GLN A 1 16  ? -23.062 -1.974  0.636   1.00 69.56 ? -4  GLN A N   1 
ATOM   33   C CA  . GLN A 1 16  ? -23.076 -2.510  -0.741  1.00 72.62 ? -4  GLN A CA  1 
ATOM   34   C C   . GLN A 1 16  ? -24.376 -3.280  -1.007  1.00 70.48 ? -4  GLN A C   1 
ATOM   35   O O   . GLN A 1 16  ? -24.671 -4.248  -0.315  1.00 64.15 ? -4  GLN A O   1 
ATOM   36   C CB  . GLN A 1 16  ? -21.847 -3.395  -1.014  1.00 68.88 ? -4  GLN A CB  1 
ATOM   37   N N   . SER A 1 17  ? -25.144 -2.827  -2.003  1.00 79.22 ? -3  SER A N   1 
ATOM   38   C CA  . SER A 1 17  ? -26.472 -3.396  -2.328  1.00 84.16 ? -3  SER A CA  1 
ATOM   39   C C   . SER A 1 17  ? -26.381 -4.827  -2.878  1.00 80.65 ? -3  SER A C   1 
ATOM   40   O O   . SER A 1 17  ? -27.019 -5.742  -2.355  1.00 78.75 ? -3  SER A O   1 
ATOM   41   C CB  . SER A 1 17  ? -27.232 -2.495  -3.332  1.00 80.48 ? -3  SER A CB  1 
ATOM   42   N N   . ASN A 1 18  ? -25.584 -5.007  -3.929  1.00 79.26 ? -2  ASN A N   1 
ATOM   43   C CA  . ASN A 1 18  ? -25.432 -6.307  -4.582  1.00 79.50 ? -2  ASN A CA  1 
ATOM   44   C C   . ASN A 1 18  ? -23.994 -6.833  -4.380  1.00 76.76 ? -2  ASN A C   1 
ATOM   45   O O   . ASN A 1 18  ? -23.351 -7.297  -5.329  1.00 77.19 ? -2  ASN A O   1 
ATOM   46   C CB  . ASN A 1 18  ? -25.803 -6.184  -6.074  1.00 80.13 ? -2  ASN A CB  1 
ATOM   47   C CG  . ASN A 1 18  ? -26.299 -7.497  -6.674  1.00 80.94 ? -2  ASN A CG  1 
ATOM   48   O OD1 . ASN A 1 18  ? -25.820 -8.575  -6.332  1.00 80.71 ? -2  ASN A OD1 1 
ATOM   49   N ND2 . ASN A 1 18  ? -27.263 -7.407  -7.585  1.00 81.37 ? -2  ASN A ND2 1 
ATOM   50   N N   . ALA A 1 19  ? -23.511 -6.769  -3.131  1.00 72.01 ? -1  ALA A N   1 
ATOM   51   C CA  . ALA A 1 19  ? -22.147 -7.195  -2.758  1.00 62.74 ? -1  ALA A CA  1 
ATOM   52   C C   . ALA A 1 19  ? -21.756 -8.517  -3.432  1.00 58.00 ? -1  ALA A C   1 
ATOM   53   O O   . ALA A 1 19  ? -22.546 -9.467  -3.473  1.00 59.04 ? -1  ALA A O   1 
ATOM   54   C CB  . ALA A 1 19  ? -22.027 -7.316  -1.241  1.00 61.00 ? -1  ALA A CB  1 
ATOM   55   N N   . GLY A 1 20  ? -20.542 -8.574  -3.974  1.00 50.48 ? 245 GLY A N   1 
ATOM   56   C CA  . GLY A 1 20  ? -20.121 -9.737  -4.747  1.00 46.60 ? 245 GLY A CA  1 
ATOM   57   C C   . GLY A 1 20  ? -19.814 -10.966 -3.911  1.00 43.50 ? 245 GLY A C   1 
ATOM   58   O O   . GLY A 1 20  ? -19.965 -10.962 -2.675  1.00 49.29 ? 245 GLY A O   1 
ATOM   59   N N   . PRO A 1 21  ? -19.384 -12.043 -4.578  1.00 36.74 ? 246 PRO A N   1 
ATOM   60   C CA  . PRO A 1 21  ? -18.712 -13.148 -3.875  1.00 35.69 ? 246 PRO A CA  1 
ATOM   61   C C   . PRO A 1 21  ? -17.346 -12.734 -3.268  1.00 31.82 ? 246 PRO A C   1 
ATOM   62   O O   . PRO A 1 21  ? -16.779 -11.711 -3.637  1.00 29.11 ? 246 PRO A O   1 
ATOM   63   C CB  . PRO A 1 21  ? -18.523 -14.202 -4.980  1.00 34.43 ? 246 PRO A CB  1 
ATOM   64   C CG  . PRO A 1 21  ? -18.546 -13.422 -6.249  1.00 33.12 ? 246 PRO A CG  1 
ATOM   65   C CD  . PRO A 1 21  ? -19.540 -12.327 -6.012  1.00 35.26 ? 246 PRO A CD  1 
ATOM   66   N N   . SER A 1 22  ? -16.831 -13.540 -2.352  1.00 31.02 ? 247 SER A N   1 
ATOM   67   C CA  . SER A 1 22  ? -15.550 -13.254 -1.736  1.00 31.07 ? 247 SER A CA  1 
ATOM   68   C C   . SER A 1 22  ? -14.377 -13.663 -2.633  1.00 30.88 ? 247 SER A C   1 
ATOM   69   O O   . SER A 1 22  ? -14.526 -14.433 -3.601  1.00 31.17 ? 247 SER A O   1 
ATOM   70   C CB  . SER A 1 22  ? -15.456 -13.955 -0.396  1.00 31.40 ? 247 SER A CB  1 
ATOM   71   O OG  . SER A 1 22  ? -15.479 -15.361 -0.561  1.00 34.20 ? 247 SER A OG  1 
ATOM   72   N N   . ILE A 1 23  ? -13.207 -13.133 -2.308  1.00 29.09 ? 248 ILE A N   1 
ATOM   73   C CA  . ILE A 1 23  ? -12.030 -13.318 -3.136  1.00 31.48 ? 248 ILE A CA  1 
ATOM   74   C C   . ILE A 1 23  ? -10.792 -13.393 -2.272  1.00 32.46 ? 248 ILE A C   1 
ATOM   75   O O   . ILE A 1 23  ? -10.832 -13.068 -1.088  1.00 34.56 ? 248 ILE A O   1 
ATOM   76   C CB  . ILE A 1 23  ? -11.822 -12.148 -4.120  1.00 32.39 ? 248 ILE A CB  1 
ATOM   77   C CG1 . ILE A 1 23  ? -11.843 -10.808 -3.382  1.00 33.40 ? 248 ILE A CG1 1 
ATOM   78   C CG2 . ILE A 1 23  ? -12.867 -12.148 -5.226  1.00 31.77 ? 248 ILE A CG2 1 
ATOM   79   C CD1 . ILE A 1 23  ? -10.905 -9.811  -4.025  1.00 34.07 ? 248 ILE A CD1 1 
ATOM   80   N N   . GLU A 1 24  ? -9.684  -13.809 -2.873  1.00 33.80 ? 249 GLU A N   1 
ATOM   81   C CA  . GLU A 1 24  ? -8.437  -13.944 -2.139  1.00 34.52 ? 249 GLU A CA  1 
ATOM   82   C C   . GLU A 1 24  ? -7.608  -12.699 -2.340  1.00 31.79 ? 249 GLU A C   1 
ATOM   83   O O   . GLU A 1 24  ? -7.489  -12.189 -3.468  1.00 32.59 ? 249 GLU A O   1 
ATOM   84   C CB  . GLU A 1 24  ? -7.656  -15.158 -2.602  1.00 38.58 ? 249 GLU A CB  1 
ATOM   85   C CG  . GLU A 1 24  ? -8.412  -16.448 -2.392  1.00 43.79 ? 249 GLU A CG  1 
ATOM   86   C CD  . GLU A 1 24  ? -7.623  -17.443 -1.574  1.00 53.70 ? 249 GLU A CD  1 
ATOM   87   O OE1 . GLU A 1 24  ? -6.456  -17.749 -1.968  1.00 53.31 ? 249 GLU A OE1 1 
ATOM   88   O OE2 . GLU A 1 24  ? -8.180  -17.894 -0.535  1.00 58.40 ? 249 GLU A OE2 1 
ATOM   89   N N   . VAL A 1 25  ? -7.043  -12.224 -1.233  1.00 28.04 ? 250 VAL A N   1 
ATOM   90   C CA  . VAL A 1 25  ? -6.169  -11.050 -1.217  1.00 24.66 ? 250 VAL A CA  1 
ATOM   91   C C   . VAL A 1 25  ? -4.896  -11.293 -0.399  1.00 22.78 ? 250 VAL A C   1 
ATOM   92   O O   . VAL A 1 25  ? -4.804  -12.238 0.394   1.00 20.40 ? 250 VAL A O   1 
ATOM   93   C CB  . VAL A 1 25  ? -6.905  -9.833  -0.639  1.00 23.61 ? 250 VAL A CB  1 
ATOM   94   C CG1 . VAL A 1 25  ? -8.092  -9.467  -1.507  1.00 22.82 ? 250 VAL A CG1 1 
ATOM   95   C CG2 . VAL A 1 25  ? -7.370  -10.112 0.787   1.00 24.29 ? 250 VAL A CG2 1 
ATOM   96   N N   . TYR A 1 26  ? -3.905  -10.448 -0.624  1.00 22.07 ? 251 TYR A N   1 
ATOM   97   C CA  . TYR A 1 26  ? -2.774  -10.342 0.298   1.00 22.27 ? 251 TYR A CA  1 
ATOM   98   C C   . TYR A 1 26  ? -2.895  -8.961  0.910   1.00 21.52 ? 251 TYR A C   1 
ATOM   99   O O   . TYR A 1 26  ? -3.241  -8.014  0.198   1.00 21.92 ? 251 TYR A O   1 
ATOM   100  C CB  . TYR A 1 26  ? -1.411  -10.462 -0.411  1.00 22.08 ? 251 TYR A CB  1 
ATOM   101  C CG  . TYR A 1 26  ? -1.173  -11.752 -1.182  1.00 21.75 ? 251 TYR A CG  1 
ATOM   102  C CD1 . TYR A 1 26  ? -1.221  -12.998 -0.556  1.00 23.65 ? 251 TYR A CD1 1 
ATOM   103  C CD2 . TYR A 1 26  ? -0.841  -11.720 -2.505  1.00 21.08 ? 251 TYR A CD2 1 
ATOM   104  C CE1 . TYR A 1 26  ? -0.973  -14.190 -1.257  1.00 23.10 ? 251 TYR A CE1 1 
ATOM   105  C CE2 . TYR A 1 26  ? -0.598  -12.881 -3.204  1.00 22.23 ? 251 TYR A CE2 1 
ATOM   106  C CZ  . TYR A 1 26  ? -0.670  -14.111 -2.584  1.00 22.25 ? 251 TYR A CZ  1 
ATOM   107  O OH  . TYR A 1 26  ? -0.446  -15.232 -3.332  1.00 21.38 ? 251 TYR A OH  1 
ATOM   108  N N   . VAL A 1 27  ? -2.639  -8.834  2.210   1.00 20.69 ? 252 VAL A N   1 
ATOM   109  C CA  . VAL A 1 27  ? -2.510  -7.505  2.817   1.00 20.73 ? 252 VAL A CA  1 
ATOM   110  C C   . VAL A 1 27  ? -1.085  -7.031  2.612   1.00 19.85 ? 252 VAL A C   1 
ATOM   111  O O   . VAL A 1 27  ? -0.173  -7.574  3.199   1.00 20.11 ? 252 VAL A O   1 
ATOM   112  C CB  . VAL A 1 27  ? -2.878  -7.496  4.308   1.00 19.78 ? 252 VAL A CB  1 
ATOM   113  C CG1 . VAL A 1 27  ? -2.456  -6.191  4.973   1.00 19.49 ? 252 VAL A CG1 1 
ATOM   114  C CG2 . VAL A 1 27  ? -4.370  -7.704  4.446   1.00 19.38 ? 252 VAL A CG2 1 
ATOM   115  N N   . SER A 1 28  ? -0.905  -6.023  1.770   1.00 19.89 ? 253 SER A N   1 
ATOM   116  C CA  . SER A 1 28  ? 0.433   -5.640  1.336   1.00 20.43 ? 253 SER A CA  1 
ATOM   117  C C   . SER A 1 28  ? 1.009   -4.519  2.183   1.00 19.90 ? 253 SER A C   1 
ATOM   118  O O   . SER A 1 28  ? 2.212   -4.383  2.264   1.00 21.70 ? 253 SER A O   1 
ATOM   119  C CB  . SER A 1 28  ? 0.456   -5.288  -0.173  1.00 20.49 ? 253 SER A CB  1 
ATOM   120  O OG  . SER A 1 28  ? -0.639  -4.493  -0.572  1.00 20.66 ? 253 SER A OG  1 
ATOM   121  N N   . ALA A 1 29  ? 0.155   -3.752  2.844   1.00 19.47 ? 254 ALA A N   1 
ATOM   122  C CA  . ALA A 1 29  ? 0.611   -2.629  3.654   1.00 19.27 ? 254 ALA A CA  1 
ATOM   123  C C   . ALA A 1 29  ? -0.488  -2.193  4.614   1.00 18.48 ? 254 ALA A C   1 
ATOM   124  O O   . ALA A 1 29  ? -1.625  -2.173  4.260   1.00 18.34 ? 254 ALA A O   1 
ATOM   125  C CB  . ALA A 1 29  ? 1.013   -1.472  2.756   1.00 19.82 ? 254 ALA A CB  1 
ATOM   126  N N   . VAL A 1 30  ? -0.125  -1.869  5.838   1.00 19.38 ? 255 VAL A N   1 
ATOM   127  C CA  . VAL A 1 30  ? -1.063  -1.467  6.855   1.00 20.79 ? 255 VAL A CA  1 
ATOM   128  C C   . VAL A 1 30  ? -0.670  -0.110  7.399   1.00 21.09 ? 255 VAL A C   1 
ATOM   129  O O   . VAL A 1 30  ? 0.464   0.123   7.737   1.00 20.86 ? 255 VAL A O   1 
ATOM   130  C CB  . VAL A 1 30  ? -1.076  -2.450  8.047   1.00 22.38 ? 255 VAL A CB  1 
ATOM   131  C CG1 . VAL A 1 30  ? -1.844  -1.836  9.239   1.00 23.92 ? 255 VAL A CG1 1 
ATOM   132  C CG2 . VAL A 1 30  ? -1.708  -3.785  7.640   1.00 22.14 ? 255 VAL A CG2 1 
ATOM   133  N N   . SER A 1 31  ? -1.621  0.792   7.502   1.00 23.01 ? 256 SER A N   1 
ATOM   134  C CA  . SER A 1 31  ? -1.429  1.970   8.321   1.00 23.27 ? 256 SER A CA  1 
ATOM   135  C C   . SER A 1 31  ? -2.195  1.735   9.642   1.00 23.69 ? 256 SER A C   1 
ATOM   136  O O   . SER A 1 31  ? -1.653  1.894   10.710  1.00 25.30 ? 256 SER A O   1 
ATOM   137  C CB  . SER A 1 31  ? -1.902  3.209   7.588   1.00 23.65 ? 256 SER A CB  1 
ATOM   138  O OG  . SER A 1 31  ? -1.886  4.305   8.469   1.00 26.66 ? 256 SER A OG  1 
ATOM   139  N N   . SER A 1 32  ? -3.449  1.331   9.537   1.00 23.49 ? 257 SER A N   1 
ATOM   140  C CA  . SER A 1 32  ? -4.265  0.940   10.664  1.00 22.65 ? 257 SER A CA  1 
ATOM   141  C C   . SER A 1 32  ? -5.393  0.095   10.064  1.00 23.20 ? 257 SER A C   1 
ATOM   142  O O   . SER A 1 32  ? -5.488  -0.021  8.839   1.00 24.37 ? 257 SER A O   1 
ATOM   143  C CB  . SER A 1 32  ? -4.822  2.168   11.363  1.00 21.90 ? 257 SER A CB  1 
ATOM   144  O OG  . SER A 1 32  ? -5.785  2.848   10.545  1.00 22.49 ? 257 SER A OG  1 
ATOM   145  N N   . PRO A 1 33  ? -6.260  -0.490  10.905  1.00 23.20 ? 258 PRO A N   1 
ATOM   146  C CA  . PRO A 1 33  ? -7.434  -1.138  10.306  1.00 23.88 ? 258 PRO A CA  1 
ATOM   147  C C   . PRO A 1 33  ? -8.365  -0.191  9.515   1.00 23.75 ? 258 PRO A C   1 
ATOM   148  O O   . PRO A 1 33  ? -9.126  -0.653  8.683   1.00 24.70 ? 258 PRO A O   1 
ATOM   149  C CB  . PRO A 1 33  ? -8.154  -1.767  11.507  1.00 23.52 ? 258 PRO A CB  1 
ATOM   150  C CG  . PRO A 1 33  ? -7.094  -1.901  12.554  1.00 23.60 ? 258 PRO A CG  1 
ATOM   151  C CD  . PRO A 1 33  ? -6.152  -0.754  12.348  1.00 23.07 ? 258 PRO A CD  1 
ATOM   152  N N   . SER A 1 34  ? -8.304  1.106   9.754   1.00 24.18 ? 259 SER A N   1 
ATOM   153  C CA  . SER A 1 34  ? -9.147  2.040   8.997   1.00 26.32 ? 259 SER A CA  1 
ATOM   154  C C   . SER A 1 34  ? -8.501  2.472   7.691   1.00 26.70 ? 259 SER A C   1 
ATOM   155  O O   . SER A 1 34  ? -9.173  3.036   6.832   1.00 26.45 ? 259 SER A O   1 
ATOM   156  C CB  . SER A 1 34  ? -9.475  3.281   9.832   1.00 26.40 ? 259 SER A CB  1 
ATOM   157  O OG  . SER A 1 34  ? -10.146 2.885   11.016  1.00 28.80 ? 259 SER A OG  1 
ATOM   158  N N   . ARG A 1 35  ? -7.196  2.245   7.551   1.00 26.73 ? 260 ARG A N   1 
ATOM   159  C CA  . ARG A 1 35  ? -6.525  2.460   6.266   1.00 26.00 ? 260 ARG A CA  1 
ATOM   160  C C   . ARG A 1 35  ? -5.407  1.431   6.130   1.00 24.83 ? 260 ARG A C   1 
ATOM   161  O O   . ARG A 1 35  ? -4.364  1.522   6.777   1.00 23.75 ? 260 ARG A O   1 
ATOM   162  C CB  . ARG A 1 35  ? -6.039  3.923   6.133   1.00 26.01 ? 260 ARG A CB  1 
ATOM   163  C CG  . ARG A 1 35  ? -5.226  4.279   4.887   1.00 25.09 ? 260 ARG A CG  1 
ATOM   164  C CD  . ARG A 1 35  ? -4.976  5.793   4.763   1.00 24.01 ? 260 ARG A CD  1 
ATOM   165  N N   . PHE A 1 36  ? -5.679  0.411   5.329   1.00 23.68 ? 261 PHE A N   1 
ATOM   166  C CA  . PHE A 1 36  ? -4.654  -0.533  4.896   1.00 23.13 ? 261 PHE A CA  1 
ATOM   167  C C   . PHE A 1 36  ? -4.827  -0.824  3.402   1.00 23.30 ? 261 PHE A C   1 
ATOM   168  O O   . PHE A 1 36  ? -5.785  -0.353  2.786   1.00 24.73 ? 261 PHE A O   1 
ATOM   169  C CB  . PHE A 1 36  ? -4.699  -1.816  5.720   1.00 22.43 ? 261 PHE A CB  1 
ATOM   170  C CG  . PHE A 1 36  ? -5.989  -2.563  5.626   1.00 21.68 ? 261 PHE A CG  1 
ATOM   171  C CD1 . PHE A 1 36  ? -6.148  -3.573  4.704   1.00 21.94 ? 261 PHE A CD1 1 
ATOM   172  C CD2 . PHE A 1 36  ? -7.024  -2.286  6.491   1.00 21.68 ? 261 PHE A CD2 1 
ATOM   173  C CE1 . PHE A 1 36  ? -7.338  -4.290  4.618   1.00 22.07 ? 261 PHE A CE1 1 
ATOM   174  C CE2 . PHE A 1 36  ? -8.225  -2.981  6.407   1.00 22.07 ? 261 PHE A CE2 1 
ATOM   175  C CZ  . PHE A 1 36  ? -8.380  -3.993  5.466   1.00 21.74 ? 261 PHE A CZ  1 
ATOM   176  N N   . TRP A 1 37  ? -3.900  -1.589  2.827   1.00 22.44 ? 262 TRP A N   1 
ATOM   177  C CA  . TRP A 1 37  ? -3.913  -1.902  1.399   1.00 21.93 ? 262 TRP A CA  1 
ATOM   178  C C   . TRP A 1 37  ? -3.843  -3.400  1.110   1.00 20.63 ? 262 TRP A C   1 
ATOM   179  O O   . TRP A 1 37  ? -3.167  -4.148  1.792   1.00 20.43 ? 262 TRP A O   1 
ATOM   180  C CB  . TRP A 1 37  ? -2.739  -1.198  0.723   1.00 22.26 ? 262 TRP A CB  1 
ATOM   181  C CG  . TRP A 1 37  ? -2.924  0.266   0.671   1.00 22.21 ? 262 TRP A CG  1 
ATOM   182  C CD1 . TRP A 1 37  ? -3.435  0.983   -0.366  1.00 22.13 ? 262 TRP A CD1 1 
ATOM   183  C CD2 . TRP A 1 37  ? -2.597  1.217   1.703   1.00 22.17 ? 262 TRP A CD2 1 
ATOM   184  N NE1 . TRP A 1 37  ? -3.457  2.323   -0.044  1.00 22.94 ? 262 TRP A NE1 1 
ATOM   185  C CE2 . TRP A 1 37  ? -2.953  2.495   1.217   1.00 21.44 ? 262 TRP A CE2 1 
ATOM   186  C CE3 . TRP A 1 37  ? -2.049  1.109   2.998   1.00 21.74 ? 262 TRP A CE3 1 
ATOM   187  C CZ2 . TRP A 1 37  ? -2.781  3.654   1.966   1.00 20.57 ? 262 TRP A CZ2 1 
ATOM   188  C CZ3 . TRP A 1 37  ? -1.869  2.261   3.743   1.00 20.76 ? 262 TRP A CZ3 1 
ATOM   189  C CH2 . TRP A 1 37  ? -2.222  3.521   3.218   1.00 21.00 ? 262 TRP A CH2 1 
ATOM   190  N N   . VAL A 1 38  ? -4.545  -3.830  0.081   1.00 20.66 ? 263 VAL A N   1 
ATOM   191  C CA  . VAL A 1 38  ? -4.473  -5.232  -0.347  1.00 20.92 ? 263 VAL A CA  1 
ATOM   192  C C   . VAL A 1 38  ? -4.147  -5.365  -1.840  1.00 21.63 ? 263 VAL A C   1 
ATOM   193  O O   . VAL A 1 38  ? -4.255  -4.403  -2.637  1.00 19.75 ? 263 VAL A O   1 
ATOM   194  C CB  . VAL A 1 38  ? -5.777  -6.011  -0.065  1.00 21.05 ? 263 VAL A CB  1 
ATOM   195  C CG1 . VAL A 1 38  ? -6.215  -5.886  1.402   1.00 20.88 ? 263 VAL A CG1 1 
ATOM   196  C CG2 . VAL A 1 38  ? -6.891  -5.576  -1.011  1.00 20.78 ? 263 VAL A CG2 1 
ATOM   197  N N   . GLN A 1 39  ? -3.711  -6.573  -2.185  1.00 23.64 ? 264 GLN A N   1 
ATOM   198  C CA  . GLN A 1 39  ? -3.433  -6.973  -3.570  1.00 25.16 ? 264 GLN A CA  1 
ATOM   199  C C   . GLN A 1 39  ? -4.331  -8.158  -3.880  1.00 26.48 ? 264 GLN A C   1 
ATOM   200  O O   . GLN A 1 39  ? -4.532  -9.013  -3.029  1.00 29.03 ? 264 GLN A O   1 
ATOM   201  C CB  . GLN A 1 39  ? -1.983  -7.382  -3.720  1.00 24.91 ? 264 GLN A CB  1 
ATOM   202  C CG  . GLN A 1 39  ? -0.988  -6.266  -3.429  1.00 25.78 ? 264 GLN A CG  1 
ATOM   203  C CD  . GLN A 1 39  ? 0.437   -6.776  -3.275  1.00 26.52 ? 264 GLN A CD  1 
ATOM   204  O OE1 . GLN A 1 39  ? 0.672   -7.870  -2.734  1.00 29.74 ? 264 GLN A OE1 1 
ATOM   205  N NE2 . GLN A 1 39  ? 1.395   -5.988  -3.723  1.00 25.76 ? 264 GLN A NE2 1 
ATOM   206  N N   . PHE A 1 40  ? -4.886  -8.195  -5.079  1.00 27.53 ? 265 PHE A N   1 
ATOM   207  C CA  . PHE A 1 40  ? -5.750  -9.304  -5.494  1.00 27.71 ? 265 PHE A CA  1 
ATOM   208  C C   . PHE A 1 40  ? -4.874  -10.492 -5.847  1.00 26.12 ? 265 PHE A C   1 
ATOM   209  O O   . PHE A 1 40  ? -3.986  -10.383 -6.683  1.00 25.58 ? 265 PHE A O   1 
ATOM   210  C CB  . PHE A 1 40  ? -6.618  -8.912  -6.720  1.00 28.93 ? 265 PHE A CB  1 
ATOM   211  C CG  . PHE A 1 40  ? -7.723  -7.943  -6.404  1.00 30.53 ? 265 PHE A CG  1 
ATOM   212  C CD1 . PHE A 1 40  ? -7.455  -6.598  -6.181  1.00 33.00 ? 265 PHE A CD1 1 
ATOM   213  C CD2 . PHE A 1 40  ? -9.039  -8.370  -6.308  1.00 34.21 ? 265 PHE A CD2 1 
ATOM   214  C CE1 . PHE A 1 40  ? -8.473  -5.689  -5.876  1.00 33.06 ? 265 PHE A CE1 1 
ATOM   215  C CE2 . PHE A 1 40  ? -10.069 -7.456  -6.010  1.00 35.32 ? 265 PHE A CE2 1 
ATOM   216  C CZ  . PHE A 1 40  ? -9.778  -6.121  -5.791  1.00 33.63 ? 265 PHE A CZ  1 
ATOM   217  N N   . VAL A 1 41  ? -5.115  -11.636 -5.231  1.00 26.23 ? 266 VAL A N   1 
ATOM   218  C CA  . VAL A 1 41  ? -4.433  -12.843 -5.681  1.00 26.58 ? 266 VAL A CA  1 
ATOM   219  C C   . VAL A 1 41  ? -4.833  -13.135 -7.139  1.00 26.37 ? 266 VAL A C   1 
ATOM   220  O O   . VAL A 1 41  ? -5.994  -12.924 -7.547  1.00 26.63 ? 266 VAL A O   1 
ATOM   221  C CB  . VAL A 1 41  ? -4.723  -14.036 -4.746  1.00 28.25 ? 266 VAL A CB  1 
ATOM   222  C CG1 . VAL A 1 41  ? -4.079  -15.321 -5.259  1.00 26.45 ? 266 VAL A CG1 1 
ATOM   223  C CG2 . VAL A 1 41  ? -4.223  -13.707 -3.334  1.00 29.49 ? 266 VAL A CG2 1 
ATOM   224  N N   . GLY A 1 42  ? -3.841  -13.572 -7.915  1.00 25.53 ? 267 GLY A N   1 
ATOM   225  C CA  . GLY A 1 42  ? -3.971  -13.789 -9.358  1.00 24.02 ? 267 GLY A CA  1 
ATOM   226  C C   . GLY A 1 42  ? -2.693  -13.504 -10.163 1.00 23.12 ? 267 GLY A C   1 
ATOM   227  O O   . GLY A 1 42  ? -1.633  -13.208 -9.602  1.00 21.77 ? 267 GLY A O   1 
ATOM   228  N N   . PRO A 1 43  ? -2.795  -13.583 -11.502 1.00 23.15 ? 268 PRO A N   1 
ATOM   229  C CA  . PRO A 1 43  ? -1.633  -13.521 -12.372 1.00 23.47 ? 268 PRO A CA  1 
ATOM   230  C C   . PRO A 1 43  ? -0.841  -12.210 -12.335 1.00 23.56 ? 268 PRO A C   1 
ATOM   231  O O   . PRO A 1 43  ? 0.385   -12.247 -12.520 1.00 21.94 ? 268 PRO A O   1 
ATOM   232  C CB  . PRO A 1 43  ? -2.236  -13.762 -13.764 1.00 23.89 ? 268 PRO A CB  1 
ATOM   233  C CG  . PRO A 1 43  ? -3.662  -13.328 -13.666 1.00 23.31 ? 268 PRO A CG  1 
ATOM   234  C CD  . PRO A 1 43  ? -4.048  -13.726 -12.277 1.00 23.44 ? 268 PRO A CD  1 
ATOM   235  N N   . GLN A 1 44  ? -1.523  -11.077 -12.093 1.00 24.43 ? 269 GLN A N   1 
ATOM   236  C CA  . GLN A 1 44  ? -0.849  -9.761  -12.027 1.00 24.25 ? 269 GLN A CA  1 
ATOM   237  C C   . GLN A 1 44  ? 0.122   -9.641  -10.873 1.00 26.15 ? 269 GLN A C   1 
ATOM   238  O O   . GLN A 1 44  ? 1.071   -8.864  -10.954 1.00 27.83 ? 269 GLN A O   1 
ATOM   239  C CB  . GLN A 1 44  ? -1.837  -8.630  -11.970 1.00 22.74 ? 269 GLN A CB  1 
ATOM   240  C CG  . GLN A 1 44  ? -2.632  -8.494  -13.241 1.00 23.14 ? 269 GLN A CG  1 
ATOM   241  C CD  . GLN A 1 44  ? -3.535  -7.277  -13.248 1.00 24.35 ? 269 GLN A CD  1 
ATOM   242  O OE1 . GLN A 1 44  ? -3.485  -6.407  -12.345 1.00 24.93 ? 269 GLN A OE1 1 
ATOM   243  N NE2 . GLN A 1 44  ? -4.389  -7.208  -14.264 1.00 24.09 ? 269 GLN A NE2 1 
ATOM   244  N N   . VAL A 1 45  ? -0.075  -10.421 -9.815  1.00 27.01 ? 270 VAL A N   1 
ATOM   245  C CA  . VAL A 1 45  ? 0.913   -10.472 -8.749  1.00 28.62 ? 270 VAL A CA  1 
ATOM   246  C C   . VAL A 1 45  ? 2.283   -11.017 -9.235  1.00 30.64 ? 270 VAL A C   1 
ATOM   247  O O   . VAL A 1 45  ? 3.319   -10.408 -9.007  1.00 33.58 ? 270 VAL A O   1 
ATOM   248  C CB  . VAL A 1 45  ? 0.430   -11.300 -7.563  1.00 29.67 ? 270 VAL A CB  1 
ATOM   249  C CG1 . VAL A 1 45  ? 1.520   -11.320 -6.494  1.00 32.09 ? 270 VAL A CG1 1 
ATOM   250  C CG2 . VAL A 1 45  ? -0.851  -10.726 -6.980  1.00 29.95 ? 270 VAL A CG2 1 
ATOM   251  N N   . ALA A 1 46  ? 2.293   -12.161 -9.906  1.00 30.99 ? 271 ALA A N   1 
ATOM   252  C CA  . ALA A 1 46  ? 3.511   -12.664 -10.504 1.00 29.74 ? 271 ALA A CA  1 
ATOM   253  C C   . ALA A 1 46  ? 4.107   -11.640 -11.480 1.00 30.92 ? 271 ALA A C   1 
ATOM   254  O O   . ALA A 1 46  ? 5.317   -11.432 -11.492 1.00 32.11 ? 271 ALA A O   1 
ATOM   255  C CB  . ALA A 1 46  ? 3.255   -13.999 -11.187 1.00 28.89 ? 271 ALA A CB  1 
ATOM   256  N N   . GLN A 1 47  ? 3.278   -10.969 -12.271 1.00 32.08 ? 272 GLN A N   1 
ATOM   257  C CA  . GLN A 1 47  ? 3.807   -9.975  -13.221 1.00 34.28 ? 272 GLN A CA  1 
ATOM   258  C C   . GLN A 1 47  ? 4.526   -8.860  -12.463 1.00 37.71 ? 272 GLN A C   1 
ATOM   259  O O   . GLN A 1 47  ? 5.512   -8.304  -12.955 1.00 43.74 ? 272 GLN A O   1 
ATOM   260  C CB  . GLN A 1 47  ? 2.700   -9.348  -14.066 1.00 34.16 ? 272 GLN A CB  1 
ATOM   261  C CG  . GLN A 1 47  ? 1.893   -10.328 -14.876 1.00 36.40 ? 272 GLN A CG  1 
ATOM   262  C CD  . GLN A 1 47  ? 0.655   -9.682  -15.433 1.00 41.46 ? 272 GLN A CD  1 
ATOM   263  O OE1 . GLN A 1 47  ? -0.477  -10.185 -15.262 1.00 43.51 ? 272 GLN A OE1 1 
ATOM   264  N NE2 . GLN A 1 47  ? 0.847   -8.537  -16.095 1.00 43.54 ? 272 GLN A NE2 1 
ATOM   265  N N   . LEU A 1 48  ? 4.001   -8.531  -11.276 1.00 36.03 ? 273 LEU A N   1 
ATOM   266  C CA  . LEU A 1 48  ? 4.591   -7.533  -10.373 1.00 34.51 ? 273 LEU A CA  1 
ATOM   267  C C   . LEU A 1 48  ? 5.971   -7.938  -9.813  1.00 32.35 ? 273 LEU A C   1 
ATOM   268  O O   . LEU A 1 48  ? 6.870   -7.092  -9.787  1.00 27.09 ? 273 LEU A O   1 
ATOM   269  C CB  . LEU A 1 48  ? 3.604   -7.191  -9.226  1.00 34.09 ? 273 LEU A CB  1 
ATOM   270  C CG  . LEU A 1 48  ? 4.141   -6.397  -8.031  1.00 32.06 ? 273 LEU A CG  1 
ATOM   271  C CD1 . LEU A 1 48  ? 4.513   -4.992  -8.454  1.00 31.17 ? 273 LEU A CD1 1 
ATOM   272  C CD2 . LEU A 1 48  ? 3.144   -6.396  -6.875  1.00 32.84 ? 273 LEU A CD2 1 
ATOM   273  N N   . ASP A 1 49  ? 6.137   -9.199  -9.389  1.00 31.95 ? 274 ASP A N   1 
ATOM   274  C CA  . ASP A 1 49  ? 7.486   -9.726  -9.068  1.00 35.36 ? 274 ASP A CA  1 
ATOM   275  C C   . ASP A 1 49  ? 8.494   -9.445  -10.178 1.00 34.25 ? 274 ASP A C   1 
ATOM   276  O O   . ASP A 1 49  ? 9.612   -9.043  -9.892  1.00 34.60 ? 274 ASP A O   1 
ATOM   277  C CB  . ASP A 1 49  ? 7.487   -11.236 -8.772  1.00 38.84 ? 274 ASP A CB  1 
ATOM   278  C CG  . ASP A 1 49  ? 6.890   -11.584 -7.389  1.00 45.60 ? 274 ASP A CG  1 
ATOM   279  O OD1 . ASP A 1 49  ? 6.748   -10.693 -6.507  1.00 49.02 ? 274 ASP A OD1 1 
ATOM   280  O OD2 . ASP A 1 49  ? 6.548   -12.774 -7.180  1.00 52.44 ? 274 ASP A OD2 1 
ATOM   281  N N   . ASP A 1 50  ? 8.089   -9.632  -11.437 1.00 35.25 ? 275 ASP A N   1 
ATOM   282  C CA  . ASP A 1 50  ? 8.965   -9.382  -12.597 1.00 36.36 ? 275 ASP A CA  1 
ATOM   283  C C   . ASP A 1 50  ? 9.219   -7.913  -12.846 1.00 35.44 ? 275 ASP A C   1 
ATOM   284  O O   . ASP A 1 50  ? 10.266  -7.532  -13.385 1.00 34.87 ? 275 ASP A O   1 
ATOM   285  C CB  . ASP A 1 50  ? 8.390   -10.018 -13.876 1.00 38.52 ? 275 ASP A CB  1 
ATOM   286  C CG  . ASP A 1 50  ? 8.590   -11.525 -13.909 1.00 42.07 ? 275 ASP A CG  1 
ATOM   287  O OD1 . ASP A 1 50  ? 9.739   -11.994 -13.703 1.00 45.99 ? 275 ASP A OD1 1 
ATOM   288  O OD2 . ASP A 1 50  ? 7.601   -12.248 -14.113 1.00 43.12 ? 275 ASP A OD2 1 
ATOM   289  N N   . LEU A 1 51  ? 8.237   -7.092  -12.490 1.00 34.07 ? 276 LEU A N   1 
ATOM   290  C CA  . LEU A 1 51  ? 8.392   -5.643  -12.570 1.00 32.18 ? 276 LEU A CA  1 
ATOM   291  C C   . LEU A 1 51  ? 9.448   -5.127  -11.579 1.00 28.54 ? 276 LEU A C   1 
ATOM   292  O O   . LEU A 1 51  ? 10.298  -4.323  -11.927 1.00 25.45 ? 276 LEU A O   1 
ATOM   293  C CB  . LEU A 1 51  ? 7.056   -4.966  -12.312 1.00 31.44 ? 276 LEU A CB  1 
ATOM   294  C CG  . LEU A 1 51  ? 7.038   -3.490  -12.651 1.00 31.04 ? 276 LEU A CG  1 
ATOM   295  C CD1 . LEU A 1 51  ? 7.421   -3.257  -14.102 1.00 31.05 ? 276 LEU A CD1 1 
ATOM   296  C CD2 . LEU A 1 51  ? 5.672   -2.893  -12.356 1.00 32.57 ? 276 LEU A CD2 1 
ATOM   297  N N   . VAL A 1 52  ? 9.398   -5.620  -10.355 1.00 27.47 ? 277 VAL A N   1 
ATOM   298  C CA  . VAL A 1 52  ? 10.343  -5.206  -9.341  1.00 28.04 ? 277 VAL A CA  1 
ATOM   299  C C   . VAL A 1 52  ? 11.754  -5.598  -9.768  1.00 30.00 ? 277 VAL A C   1 
ATOM   300  O O   . VAL A 1 52  ? 12.649  -4.741  -9.861  1.00 28.86 ? 277 VAL A O   1 
ATOM   301  C CB  . VAL A 1 52  ? 10.028  -5.830  -7.976  1.00 26.39 ? 277 VAL A CB  1 
ATOM   302  C CG1 . VAL A 1 52  ? 11.122  -5.471  -6.981  1.00 26.98 ? 277 VAL A CG1 1 
ATOM   303  C CG2 . VAL A 1 52  ? 8.666   -5.359  -7.472  1.00 25.69 ? 277 VAL A CG2 1 
ATOM   304  N N   . ALA A 1 53  ? 11.921  -6.893  -10.033 1.00 32.63 ? 278 ALA A N   1 
ATOM   305  C CA  . ALA A 1 53  ? 13.185  -7.493  -10.509 1.00 33.21 ? 278 ALA A CA  1 
ATOM   306  C C   . ALA A 1 53  ? 13.793  -6.724  -11.653 1.00 36.08 ? 278 ALA A C   1 
ATOM   307  O O   . ALA A 1 53  ? 14.981  -6.387  -11.606 1.00 40.14 ? 278 ALA A O   1 
ATOM   308  C CB  . ALA A 1 53  ? 12.946  -8.928  -10.968 1.00 31.77 ? 278 ALA A CB  1 
ATOM   309  N N   . HIS A 1 54  ? 12.980  -6.487  -12.687 1.00 37.97 ? 279 HIS A N   1 
ATOM   310  C CA  . HIS A 1 54  ? 13.430  -5.821  -13.906 1.00 40.69 ? 279 HIS A CA  1 
ATOM   311  C C   . HIS A 1 54  ? 13.816  -4.395  -13.597 1.00 35.95 ? 279 HIS A C   1 
ATOM   312  O O   . HIS A 1 54  ? 14.857  -3.914  -14.034 1.00 37.05 ? 279 HIS A O   1 
ATOM   313  C CB  . HIS A 1 54  ? 12.358  -5.873  -15.010 1.00 50.80 ? 279 HIS A CB  1 
ATOM   314  C CG  . HIS A 1 54  ? 12.545  -4.831  -16.074 1.00 66.78 ? 279 HIS A CG  1 
ATOM   315  N ND1 . HIS A 1 54  ? 13.316  -5.032  -17.201 1.00 74.31 ? 279 HIS A ND1 1 
ATOM   316  C CD2 . HIS A 1 54  ? 12.088  -3.558  -16.159 1.00 77.51 ? 279 HIS A CD2 1 
ATOM   317  C CE1 . HIS A 1 54  ? 13.313  -3.936  -17.939 1.00 77.72 ? 279 HIS A CE1 1 
ATOM   318  N NE2 . HIS A 1 54  ? 12.580  -3.023  -17.327 1.00 78.96 ? 279 HIS A NE2 1 
ATOM   319  N N   . MET A 1 55  ? 12.972  -3.712  -12.841 1.00 33.40 ? 280 MET A N   1 
ATOM   320  C CA  . MET A 1 55  ? 13.266  -2.346  -12.417 1.00 31.28 ? 280 MET A CA  1 
ATOM   321  C C   . MET A 1 55  ? 14.473  -2.253  -11.530 1.00 28.76 ? 280 MET A C   1 
ATOM   322  O O   . MET A 1 55  ? 15.281  -1.367  -11.704 1.00 29.04 ? 280 MET A O   1 
ATOM   323  C CB  . MET A 1 55  ? 12.103  -1.752  -11.645 1.00 31.88 ? 280 MET A CB  1 
ATOM   324  C CG  . MET A 1 55  ? 11.019  -1.209  -12.542 1.00 32.33 ? 280 MET A CG  1 
ATOM   325  S SD  . MET A 1 55  ? 9.918   -0.203  -11.567 1.00 32.76 ? 280 MET A SD  1 
ATOM   326  C CE  . MET A 1 55  ? 8.487   -0.295  -12.584 1.00 32.27 ? 280 MET A CE  1 
ATOM   327  N N   . THR A 1 56  ? 14.551  -3.129  -10.542 1.00 26.88 ? 281 THR A N   1 
ATOM   328  C CA  . THR A 1 56  ? 15.733  -3.242  -9.703  1.00 26.67 ? 281 THR A CA  1 
ATOM   329  C C   . THR A 1 56  ? 17.019  -3.495  -10.547 1.00 29.04 ? 281 THR A C   1 
ATOM   330  O O   . THR A 1 56  ? 18.048  -2.914  -10.259 1.00 26.91 ? 281 THR A O   1 
ATOM   331  C CB  . THR A 1 56  ? 15.500  -4.332  -8.640  1.00 25.39 ? 281 THR A CB  1 
ATOM   332  O OG1 . THR A 1 56  ? 14.271  -4.062  -7.945  1.00 23.42 ? 281 THR A OG1 1 
ATOM   333  C CG2 . THR A 1 56  ? 16.657  -4.444  -7.649  1.00 24.26 ? 281 THR A CG2 1 
ATOM   334  N N   . GLU A 1 57  ? 16.954  -4.312  -11.609 1.00 33.37 ? 282 GLU A N   1 
ATOM   335  C CA  . GLU A 1 57  ? 18.115  -4.484  -12.528 1.00 35.73 ? 282 GLU A CA  1 
ATOM   336  C C   . GLU A 1 57  ? 18.405  -3.162  -13.222 1.00 37.06 ? 282 GLU A C   1 
ATOM   337  O O   . GLU A 1 57  ? 19.536  -2.700  -13.251 1.00 40.46 ? 282 GLU A O   1 
ATOM   338  C CB  . GLU A 1 57  ? 17.914  -5.597  -13.591 1.00 33.20 ? 282 GLU A CB  1 
ATOM   339  N N   . TYR A 1 58  ? 17.358  -2.550  -13.751 1.00 39.35 ? 283 TYR A N   1 
ATOM   340  C CA  . TYR A 1 58  ? 17.492  -1.371  -14.599 1.00 40.39 ? 283 TYR A CA  1 
ATOM   341  C C   . TYR A 1 58  ? 18.006  -0.115  -13.858 1.00 41.22 ? 283 TYR A C   1 
ATOM   342  O O   . TYR A 1 58  ? 19.056  0.428   -14.208 1.00 45.50 ? 283 TYR A O   1 
ATOM   343  C CB  . TYR A 1 58  ? 16.156  -1.085  -15.283 1.00 39.78 ? 283 TYR A CB  1 
ATOM   344  C CG  . TYR A 1 58  ? 16.220  0.081   -16.209 1.00 39.02 ? 283 TYR A CG  1 
ATOM   345  C CD1 . TYR A 1 58  ? 16.810  -0.035  -17.461 1.00 39.73 ? 283 TYR A CD1 1 
ATOM   346  C CD2 . TYR A 1 58  ? 15.709  1.310   -15.832 1.00 40.09 ? 283 TYR A CD2 1 
ATOM   347  C CE1 . TYR A 1 58  ? 16.892  1.054   -18.331 1.00 41.43 ? 283 TYR A CE1 1 
ATOM   348  C CE2 . TYR A 1 58  ? 15.781  2.411   -16.685 1.00 43.50 ? 283 TYR A CE2 1 
ATOM   349  C CZ  . TYR A 1 58  ? 16.367  2.275   -17.940 1.00 42.59 ? 283 TYR A CZ  1 
ATOM   350  O OH  . TYR A 1 58  ? 16.409  3.354   -18.779 1.00 42.61 ? 283 TYR A OH  1 
ATOM   351  N N   . TYR A 1 59  ? 17.278  0.335   -12.838 1.00 39.48 ? 284 TYR A N   1 
ATOM   352  C CA  . TYR A 1 59  ? 17.664  1.540   -12.086 1.00 37.97 ? 284 TYR A CA  1 
ATOM   353  C C   . TYR A 1 59  ? 18.867  1.349   -11.151 1.00 38.46 ? 284 TYR A C   1 
ATOM   354  O O   . TYR A 1 59  ? 19.372  2.327   -10.595 1.00 41.21 ? 284 TYR A O   1 
ATOM   355  C CB  . TYR A 1 59  ? 16.457  2.125   -11.307 1.00 36.25 ? 284 TYR A CB  1 
ATOM   356  C CG  . TYR A 1 59  ? 15.432  2.775   -12.215 1.00 32.07 ? 284 TYR A CG  1 
ATOM   357  C CD1 . TYR A 1 59  ? 15.652  4.020   -12.765 1.00 29.65 ? 284 TYR A CD1 1 
ATOM   358  C CD2 . TYR A 1 59  ? 14.256  2.118   -12.535 1.00 31.92 ? 284 TYR A CD2 1 
ATOM   359  C CE1 . TYR A 1 59  ? 14.722  4.593   -13.613 1.00 29.87 ? 284 TYR A CE1 1 
ATOM   360  C CE2 . TYR A 1 59  ? 13.321  2.688   -13.367 1.00 30.34 ? 284 TYR A CE2 1 
ATOM   361  C CZ  . TYR A 1 59  ? 13.564  3.916   -13.912 1.00 29.51 ? 284 TYR A CZ  1 
ATOM   362  O OH  . TYR A 1 59  ? 12.619  4.435   -14.763 1.00 31.73 ? 284 TYR A OH  1 
ATOM   363  N N   . SER A 1 60  ? 19.324  0.114   -10.980 1.00 39.98 ? 285 SER A N   1 
ATOM   364  C CA  . SER A 1 60  ? 20.515  -0.156  -10.192 1.00 41.95 ? 285 SER A CA  1 
ATOM   365  C C   . SER A 1 60  ? 21.811  0.309   -10.865 1.00 47.89 ? 285 SER A C   1 
ATOM   366  O O   . SER A 1 60  ? 22.833  0.497   -10.182 1.00 50.55 ? 285 SER A O   1 
ATOM   367  C CB  . SER A 1 60  ? 20.617  -1.639  -9.889  1.00 41.65 ? 285 SER A CB  1 
ATOM   368  O OG  . SER A 1 60  ? 19.850  -1.934  -8.744  1.00 44.52 ? 285 SER A OG  1 
ATOM   369  N N   . LYS A 1 61  ? 21.790  0.484   -12.187 1.00 46.69 ? 286 LYS A N   1 
ATOM   370  C CA  . LYS A 1 61  ? 22.972  0.975   -12.878 1.00 48.84 ? 286 LYS A CA  1 
ATOM   371  C C   . LYS A 1 61  ? 22.925  2.519   -12.901 1.00 51.52 ? 286 LYS A C   1 
ATOM   372  O O   . LYS A 1 61  ? 21.897  3.091   -13.255 1.00 50.54 ? 286 LYS A O   1 
ATOM   373  C CB  . LYS A 1 61  ? 23.053  0.360   -14.284 1.00 46.38 ? 286 LYS A CB  1 
ATOM   374  C CG  . LYS A 1 61  ? 22.900  -1.155  -14.291 1.00 45.81 ? 286 LYS A CG  1 
ATOM   375  N N   . LYS A 1 62  ? 24.027  3.183   -12.515 1.00 53.92 ? 287 LYS A N   1 
ATOM   376  C CA  . LYS A 1 62  ? 24.103  4.671   -12.541 1.00 55.15 ? 287 LYS A CA  1 
ATOM   377  C C   . LYS A 1 62  ? 23.857  5.251   -13.931 1.00 52.15 ? 287 LYS A C   1 
ATOM   378  O O   . LYS A 1 62  ? 23.368  6.369   -14.043 1.00 57.25 ? 287 LYS A O   1 
ATOM   379  C CB  . LYS A 1 62  ? 25.448  5.194   -11.992 1.00 53.86 ? 287 LYS A CB  1 
ATOM   380  N N   . GLU A 1 63  ? 24.185  4.490   -14.975 1.00 48.49 ? 288 GLU A N   1 
ATOM   381  C CA  . GLU A 1 63  ? 23.998  4.925   -16.366 1.00 48.45 ? 288 GLU A CA  1 
ATOM   382  C C   . GLU A 1 63  ? 22.520  5.137   -16.693 1.00 48.33 ? 288 GLU A C   1 
ATOM   383  O O   . GLU A 1 63  ? 22.153  6.073   -17.413 1.00 42.87 ? 288 GLU A O   1 
ATOM   384  C CB  . GLU A 1 63  ? 24.602  3.892   -17.339 1.00 48.57 ? 288 GLU A CB  1 
ATOM   385  N N   . ASN A 1 64  ? 21.685  4.249   -16.159 1.00 50.20 ? 289 ASN A N   1 
ATOM   386  C CA  . ASN A 1 64  ? 20.242  4.323   -16.350 1.00 52.41 ? 289 ASN A CA  1 
ATOM   387  C C   . ASN A 1 64  ? 19.601  5.426   -15.510 1.00 51.96 ? 289 ASN A C   1 
ATOM   388  O O   . ASN A 1 64  ? 18.795  6.197   -16.015 1.00 59.69 ? 289 ASN A O   1 
ATOM   389  C CB  . ASN A 1 64  ? 19.602  2.973   -16.034 1.00 54.71 ? 289 ASN A CB  1 
ATOM   390  C CG  . ASN A 1 64  ? 19.944  1.911   -17.075 1.00 55.78 ? 289 ASN A CG  1 
ATOM   391  O OD1 . ASN A 1 64  ? 19.992  2.209   -18.279 1.00 54.49 ? 289 ASN A OD1 1 
ATOM   392  N ND2 . ASN A 1 64  ? 20.177  0.668   -16.621 1.00 49.23 ? 289 ASN A ND2 1 
ATOM   393  N N   . ARG A 1 65  ? 19.947  5.515   -14.238 1.00 48.77 ? 290 ARG A N   1 
ATOM   394  C CA  . ARG A 1 65  ? 19.484  6.638   -13.439 1.00 48.18 ? 290 ARG A CA  1 
ATOM   395  C C   . ARG A 1 65  ? 19.776  7.969   -14.136 1.00 49.87 ? 290 ARG A C   1 
ATOM   396  O O   . ARG A 1 65  ? 18.887  8.801   -14.242 1.00 51.10 ? 290 ARG A O   1 
ATOM   397  C CB  . ARG A 1 65  ? 20.098  6.606   -12.049 1.00 47.46 ? 290 ARG A CB  1 
ATOM   398  C CG  . ARG A 1 65  ? 19.503  5.525   -11.166 1.00 47.96 ? 290 ARG A CG  1 
ATOM   399  C CD  . ARG A 1 65  ? 20.260  5.399   -9.861  1.00 49.06 ? 290 ARG A CD  1 
ATOM   400  N NE  . ARG A 1 65  ? 21.580  4.793   -10.060 1.00 54.76 ? 290 ARG A NE  1 
ATOM   401  C CZ  . ARG A 1 65  ? 22.428  4.498   -9.072  1.00 57.68 ? 290 ARG A CZ  1 
ATOM   402  N NH1 . ARG A 1 65  ? 22.107  4.743   -7.810  1.00 59.82 ? 290 ARG A NH1 1 
ATOM   403  N NH2 . ARG A 1 65  ? 23.603  3.946   -9.335  1.00 56.16 ? 290 ARG A NH2 1 
ATOM   404  N N   . GLU A 1 66  ? 20.991  8.148   -14.654 1.00 52.76 ? 291 GLU A N   1 
ATOM   405  C CA  . GLU A 1 66  ? 21.386  9.412   -15.320 1.00 54.45 ? 291 GLU A CA  1 
ATOM   406  C C   . GLU A 1 66  ? 20.597  9.740   -16.607 1.00 54.30 ? 291 GLU A C   1 
ATOM   407  O O   . GLU A 1 66  ? 20.462  10.909  -16.995 1.00 58.62 ? 291 GLU A O   1 
ATOM   408  C CB  . GLU A 1 66  ? 22.899  9.428   -15.594 1.00 55.91 ? 291 GLU A CB  1 
ATOM   409  C CG  . GLU A 1 66  ? 23.720  9.712   -14.335 1.00 60.34 ? 291 GLU A CG  1 
ATOM   410  C CD  . GLU A 1 66  ? 25.077  9.019   -14.318 1.00 62.15 ? 291 GLU A CD  1 
ATOM   411  O OE1 . GLU A 1 66  ? 25.801  9.118   -15.337 1.00 62.58 ? 291 GLU A OE1 1 
ATOM   412  O OE2 . GLU A 1 66  ? 25.417  8.375   -13.291 1.00 60.19 ? 291 GLU A OE2 1 
ATOM   413  N N   . ALA A 1 67  ? 20.078  8.713   -17.267 1.00 49.55 ? 292 ALA A N   1 
ATOM   414  C CA  . ALA A 1 67  ? 19.212  8.917   -18.419 1.00 47.60 ? 292 ALA A CA  1 
ATOM   415  C C   . ALA A 1 67  ? 17.776  9.270   -17.958 1.00 49.55 ? 292 ALA A C   1 
ATOM   416  O O   . ALA A 1 67  ? 16.924  9.670   -18.773 1.00 46.28 ? 292 ALA A O   1 
ATOM   417  C CB  . ALA A 1 67  ? 19.212  7.666   -19.293 1.00 45.61 ? 292 ALA A CB  1 
ATOM   418  N N   . HIS A 1 68  ? 17.520  9.131   -16.652 1.00 49.01 ? 293 HIS A N   1 
ATOM   419  C CA  . HIS A 1 68  ? 16.196  9.352   -16.070 1.00 47.42 ? 293 HIS A CA  1 
ATOM   420  C C   . HIS A 1 68  ? 16.283  10.239  -14.836 1.00 45.96 ? 293 HIS A C   1 
ATOM   421  O O   . HIS A 1 68  ? 15.706  9.971   -13.776 1.00 45.53 ? 293 HIS A O   1 
ATOM   422  C CB  . HIS A 1 68  ? 15.574  8.009   -15.759 1.00 44.73 ? 293 HIS A CB  1 
ATOM   423  C CG  . HIS A 1 68  ? 15.113  7.302   -16.979 1.00 44.40 ? 293 HIS A CG  1 
ATOM   424  N ND1 . HIS A 1 68  ? 14.026  7.734   -17.706 1.00 44.23 ? 293 HIS A ND1 1 
ATOM   425  C CD2 . HIS A 1 68  ? 15.606  6.225   -17.631 1.00 46.05 ? 293 HIS A CD2 1 
ATOM   426  C CE1 . HIS A 1 68  ? 13.854  6.939   -18.747 1.00 44.84 ? 293 HIS A CE1 1 
ATOM   427  N NE2 . HIS A 1 68  ? 14.799  6.016   -18.726 1.00 46.64 ? 293 HIS A NE2 1 
ATOM   428  N N   . THR A 1 69  ? 17.017  11.318  -15.006 1.00 43.99 ? 294 THR A N   1 
ATOM   429  C CA  . THR A 1 69  ? 17.223  12.278  -13.946 1.00 45.41 ? 294 THR A CA  1 
ATOM   430  C C   . THR A 1 69  ? 16.031  13.252  -14.014 1.00 42.70 ? 294 THR A C   1 
ATOM   431  O O   . THR A 1 69  ? 15.664  13.685  -15.107 1.00 39.00 ? 294 THR A O   1 
ATOM   432  C CB  . THR A 1 69  ? 18.629  12.939  -14.098 1.00 47.02 ? 294 THR A CB  1 
ATOM   433  O OG1 . THR A 1 69  ? 18.769  14.018  -13.179 1.00 49.87 ? 294 THR A OG1 1 
ATOM   434  C CG2 . THR A 1 69  ? 18.874  13.452  -15.519 1.00 47.74 ? 294 THR A CG2 1 
ATOM   435  N N   . LEU A 1 70  ? 15.382  13.527  -12.872 1.00 41.39 ? 295 LEU A N   1 
ATOM   436  C CA  . LEU A 1 70  ? 14.252  14.494  -12.828 1.00 38.26 ? 295 LEU A CA  1 
ATOM   437  C C   . LEU A 1 70  ? 14.762  15.904  -12.601 1.00 36.43 ? 295 LEU A C   1 
ATOM   438  O O   . LEU A 1 70  ? 15.465  16.159  -11.621 1.00 36.84 ? 295 LEU A O   1 
ATOM   439  C CB  . LEU A 1 70  ? 13.275  14.199  -11.691 1.00 38.51 ? 295 LEU A CB  1 
ATOM   440  C CG  . LEU A 1 70  ? 12.403  12.951  -11.737 1.00 41.06 ? 295 LEU A CG  1 
ATOM   441  C CD1 . LEU A 1 70  ? 11.849  12.677  -10.342 1.00 42.15 ? 295 LEU A CD1 1 
ATOM   442  C CD2 . LEU A 1 70  ? 11.274  13.107  -12.743 1.00 40.68 ? 295 LEU A CD2 1 
ATOM   443  N N   . ARG A 1 71  ? 14.382  16.828  -13.473 1.00 34.90 ? 296 ARG A N   1 
ATOM   444  C CA  . ARG A 1 71  ? 14.754  18.232  -13.303 1.00 37.02 ? 296 ARG A CA  1 
ATOM   445  C C   . ARG A 1 71  ? 13.726  18.984  -12.395 1.00 36.05 ? 296 ARG A C   1 
ATOM   446  O O   . ARG A 1 71  ? 14.073  19.981  -11.746 1.00 35.79 ? 296 ARG A O   1 
ATOM   447  C CB  . ARG A 1 71  ? 14.937  18.893  -14.689 1.00 36.62 ? 296 ARG A CB  1 
ATOM   448  N N   . HIS A 1 72  ? 12.496  18.463  -12.340 1.00 33.24 ? 297 HIS A N   1 
ATOM   449  C CA  . HIS A 1 72  ? 11.393  19.032  -11.578 1.00 34.54 ? 297 HIS A CA  1 
ATOM   450  C C   . HIS A 1 72  ? 10.432  17.922  -11.088 1.00 36.11 ? 297 HIS A C   1 
ATOM   451  O O   . HIS A 1 72  ? 10.116  17.015  -11.842 1.00 39.03 ? 297 HIS A O   1 
ATOM   452  C CB  . HIS A 1 72  ? 10.633  19.994  -12.494 1.00 33.71 ? 297 HIS A CB  1 
ATOM   453  C CG  . HIS A 1 72  ? 9.385   20.564  -11.891 1.00 33.26 ? 297 HIS A CG  1 
ATOM   454  N ND1 . HIS A 1 72  ? 9.374   21.738  -11.171 1.00 33.07 ? 297 HIS A ND1 1 
ATOM   455  C CD2 . HIS A 1 72  ? 8.103   20.133  -11.918 1.00 34.09 ? 297 HIS A CD2 1 
ATOM   456  C CE1 . HIS A 1 72  ? 8.141   22.005  -10.779 1.00 32.97 ? 297 HIS A CE1 1 
ATOM   457  N NE2 . HIS A 1 72  ? 7.347   21.044  -11.212 1.00 33.53 ? 297 HIS A NE2 1 
ATOM   458  N N   . VAL A 1 73  ? 9.940   18.011  -9.851  1.00 36.12 ? 298 VAL A N   1 
ATOM   459  C CA  . VAL A 1 73  ? 8.970   17.031  -9.315  1.00 35.27 ? 298 VAL A CA  1 
ATOM   460  C C   . VAL A 1 73  ? 7.651   17.675  -8.901  1.00 34.04 ? 298 VAL A C   1 
ATOM   461  O O   . VAL A 1 73  ? 7.624   18.665  -8.190  1.00 35.60 ? 298 VAL A O   1 
ATOM   462  C CB  . VAL A 1 73  ? 9.495   16.344  -8.051  1.00 36.88 ? 298 VAL A CB  1 
ATOM   463  C CG1 . VAL A 1 73  ? 8.829   14.992  -7.863  1.00 38.04 ? 298 VAL A CG1 1 
ATOM   464  C CG2 . VAL A 1 73  ? 10.988  16.175  -8.138  1.00 38.65 ? 298 VAL A CG2 1 
ATOM   465  N N   . SER A 1 74  ? 6.550   17.089  -9.317  1.00 33.28 ? 299 SER A N   1 
ATOM   466  C CA  . SER A 1 74  ? 5.251   17.599  -8.945  1.00 33.37 ? 299 SER A CA  1 
ATOM   467  C C   . SER A 1 74  ? 4.574   16.605  -8.047  1.00 31.60 ? 299 SER A C   1 
ATOM   468  O O   . SER A 1 74  ? 4.911   15.417  -8.035  1.00 31.92 ? 299 SER A O   1 
ATOM   469  C CB  . SER A 1 74  ? 4.394   17.801  -10.178 1.00 34.40 ? 299 SER A CB  1 
ATOM   470  O OG  . SER A 1 74  ? 5.232   17.967  -11.293 1.00 38.01 ? 299 SER A OG  1 
ATOM   471  N N   . VAL A 1 75  ? 3.613   17.113  -7.287  1.00 30.40 ? 300 VAL A N   1 
ATOM   472  C CA  . VAL A 1 75  ? 2.707   16.281  -6.526  1.00 28.36 ? 300 VAL A CA  1 
ATOM   473  C C   . VAL A 1 75  ? 1.887   15.514  -7.547  1.00 26.49 ? 300 VAL A C   1 
ATOM   474  O O   . VAL A 1 75  ? 1.561   16.077  -8.591  1.00 26.71 ? 300 VAL A O   1 
ATOM   475  C CB  . VAL A 1 75  ? 1.779   17.166  -5.704  1.00 29.03 ? 300 VAL A CB  1 
ATOM   476  C CG1 . VAL A 1 75  ? 0.633   16.365  -5.121  1.00 29.05 ? 300 VAL A CG1 1 
ATOM   477  C CG2 . VAL A 1 75  ? 2.590   17.850  -4.623  1.00 32.37 ? 300 VAL A CG2 1 
ATOM   478  N N   . GLY A 1 76  ? 1.570   14.253  -7.255  1.00 23.34 ? 301 GLY A N   1 
ATOM   479  C CA  . GLY A 1 76  ? 0.798   13.404  -8.146  1.00 22.50 ? 301 GLY A CA  1 
ATOM   480  C C   . GLY A 1 76  ? 1.619   12.694  -9.205  1.00 22.57 ? 301 GLY A C   1 
ATOM   481  O O   . GLY A 1 76  ? 1.142   11.790  -9.869  1.00 23.35 ? 301 GLY A O   1 
ATOM   482  N N   . GLN A 1 77  ? 2.867   13.092  -9.371  1.00 22.74 ? 302 GLN A N   1 
ATOM   483  C CA  . GLN A 1 77  ? 3.718   12.481  -10.347 1.00 22.46 ? 302 GLN A CA  1 
ATOM   484  C C   . GLN A 1 77  ? 4.133   11.067  -9.930  1.00 23.15 ? 302 GLN A C   1 
ATOM   485  O O   . GLN A 1 77  ? 4.512   10.813  -8.764  1.00 24.90 ? 302 GLN A O   1 
ATOM   486  C CB  . GLN A 1 77  ? 4.962   13.336  -10.530 1.00 23.43 ? 302 GLN A CB  1 
ATOM   487  C CG  . GLN A 1 77  ? 5.842   12.934  -11.717 1.00 23.68 ? 302 GLN A CG  1 
ATOM   488  C CD  . GLN A 1 77  ? 7.080   13.807  -11.854 1.00 24.67 ? 302 GLN A CD  1 
ATOM   489  O OE1 . GLN A 1 77  ? 7.197   14.902  -11.277 1.00 25.55 ? 302 GLN A OE1 1 
ATOM   490  N NE2 . GLN A 1 77  ? 8.017   13.327  -12.631 1.00 26.70 ? 302 GLN A NE2 1 
ATOM   491  N N   . VAL A 1 78  ? 4.087   10.163  -10.903 1.00 21.71 ? 303 VAL A N   1 
ATOM   492  C CA  . VAL A 1 78  ? 4.577   8.810   -10.744 1.00 21.26 ? 303 VAL A CA  1 
ATOM   493  C C   . VAL A 1 78  ? 6.062   8.783   -11.133 1.00 22.94 ? 303 VAL A C   1 
ATOM   494  O O   . VAL A 1 78  ? 6.429   9.236   -12.220 1.00 21.85 ? 303 VAL A O   1 
ATOM   495  C CB  . VAL A 1 78  ? 3.792   7.819   -11.619 1.00 21.02 ? 303 VAL A CB  1 
ATOM   496  C CG1 . VAL A 1 78  ? 4.270   6.404   -11.367 1.00 22.12 ? 303 VAL A CG1 1 
ATOM   497  C CG2 . VAL A 1 78  ? 2.288   7.915   -11.331 1.00 21.12 ? 303 VAL A CG2 1 
ATOM   498  N N   . VAL A 1 79  ? 6.890   8.236   -10.236 1.00 22.73 ? 304 VAL A N   1 
ATOM   499  C CA  . VAL A 1 79  ? 8.329   8.159   -10.396 1.00 23.71 ? 304 VAL A CA  1 
ATOM   500  C C   . VAL A 1 79  ? 8.824   6.747   -10.067 1.00 26.08 ? 304 VAL A C   1 
ATOM   501  O O   . VAL A 1 79  ? 8.034   5.871   -9.650  1.00 27.37 ? 304 VAL A O   1 
ATOM   502  C CB  . VAL A 1 79  ? 9.054   9.144   -9.444  1.00 23.27 ? 304 VAL A CB  1 
ATOM   503  C CG1 . VAL A 1 79  ? 8.686   10.584  -9.794  1.00 23.23 ? 304 VAL A CG1 1 
ATOM   504  C CG2 . VAL A 1 79  ? 8.752   8.831   -7.980  1.00 22.53 ? 304 VAL A CG2 1 
ATOM   505  N N   . ALA A 1 80  ? 10.131  6.530   -10.229 1.00 25.72 ? 305 ALA A N   1 
ATOM   506  C CA  . ALA A 1 80  ? 10.759  5.329   -9.681  1.00 25.77 ? 305 ALA A CA  1 
ATOM   507  C C   . ALA A 1 80  ? 11.568  5.676   -8.419  1.00 25.92 ? 305 ALA A C   1 
ATOM   508  O O   . ALA A 1 80  ? 12.321  6.669   -8.387  1.00 23.90 ? 305 ALA A O   1 
ATOM   509  C CB  . ALA A 1 80  ? 11.636  4.677   -10.720 1.00 25.93 ? 305 ALA A CB  1 
ATOM   510  N N   . ALA A 1 81  ? 11.416  4.835   -7.393  1.00 26.02 ? 306 ALA A N   1 
ATOM   511  C CA  . ALA A 1 81  ? 12.000  5.087   -6.074  1.00 27.75 ? 306 ALA A CA  1 
ATOM   512  C C   . ALA A 1 81  ? 12.438  3.792   -5.349  1.00 29.25 ? 306 ALA A C   1 
ATOM   513  O O   . ALA A 1 81  ? 11.716  2.791   -5.380  1.00 27.75 ? 306 ALA A O   1 
ATOM   514  C CB  . ALA A 1 81  ? 10.980  5.839   -5.230  1.00 28.82 ? 306 ALA A CB  1 
ATOM   515  N N   . VAL A 1 82  ? 13.618  3.811   -4.707  1.00 31.86 ? 307 VAL A N   1 
ATOM   516  C CA  . VAL A 1 82  ? 14.100  2.664   -3.895  1.00 33.40 ? 307 VAL A CA  1 
ATOM   517  C C   . VAL A 1 82  ? 13.398  2.593   -2.555  1.00 36.45 ? 307 VAL A C   1 
ATOM   518  O O   . VAL A 1 82  ? 12.849  3.590   -2.101  1.00 39.99 ? 307 VAL A O   1 
ATOM   519  C CB  . VAL A 1 82  ? 15.605  2.729   -3.577  1.00 33.67 ? 307 VAL A CB  1 
ATOM   520  C CG1 . VAL A 1 82  ? 16.410  2.702   -4.839  1.00 33.72 ? 307 VAL A CG1 1 
ATOM   521  C CG2 . VAL A 1 82  ? 15.957  3.968   -2.755  1.00 35.25 ? 307 VAL A CG2 1 
ATOM   522  N N   . PHE A 1 83  ? 13.449  1.434   -1.903  1.00 40.48 ? 308 PHE A N   1 
ATOM   523  C CA  . PHE A 1 83  ? 12.878  1.313   -0.566  1.00 46.83 ? 308 PHE A CA  1 
ATOM   524  C C   . PHE A 1 83  ? 13.939  1.482   0.530   1.00 46.68 ? 308 PHE A C   1 
ATOM   525  O O   . PHE A 1 83  ? 13.771  2.248   1.478   1.00 46.64 ? 308 PHE A O   1 
ATOM   526  C CB  . PHE A 1 83  ? 12.123  -0.003  -0.395  1.00 49.65 ? 308 PHE A CB  1 
ATOM   527  C CG  . PHE A 1 83  ? 11.326  -0.068  0.883   1.00 53.97 ? 308 PHE A CG  1 
ATOM   528  C CD1 . PHE A 1 83  ? 10.131  0.656   1.011   1.00 53.53 ? 308 PHE A CD1 1 
ATOM   529  C CD2 . PHE A 1 83  ? 11.777  -0.828  1.969   1.00 55.56 ? 308 PHE A CD2 1 
ATOM   530  C CE1 . PHE A 1 83  ? 9.393   0.609   2.186   1.00 54.24 ? 308 PHE A CE1 1 
ATOM   531  C CE2 . PHE A 1 83  ? 11.041  -0.876  3.146   1.00 57.26 ? 308 PHE A CE2 1 
ATOM   532  C CZ  . PHE A 1 83  ? 9.851   -0.155  3.256   1.00 56.65 ? 308 PHE A CZ  1 
ATOM   533  N N   . ARG A 1 84  ? 15.011  0.728   0.414   1.00 50.00 ? 309 ARG A N   1 
ATOM   534  C CA  . ARG A 1 84  ? 16.195  0.932   1.226   1.00 51.18 ? 309 ARG A CA  1 
ATOM   535  C C   . ARG A 1 84  ? 17.275  1.010   0.199   1.00 54.80 ? 309 ARG A C   1 
ATOM   536  O O   . ARG A 1 84  ? 17.202  0.372   -0.849  1.00 57.68 ? 309 ARG A O   1 
ATOM   537  C CB  . ARG A 1 84  ? 16.469  -0.255  2.153   1.00 50.68 ? 309 ARG A CB  1 
ATOM   538  C CG  . ARG A 1 84  ? 15.414  -0.477  3.208   1.00 52.15 ? 309 ARG A CG  1 
ATOM   539  C CD  . ARG A 1 84  ? 15.716  -1.727  4.001   1.00 55.74 ? 309 ARG A CD  1 
ATOM   540  N NE  . ARG A 1 84  ? 14.848  -1.830  5.177   1.00 59.18 ? 309 ARG A NE  1 
ATOM   541  C CZ  . ARG A 1 84  ? 15.191  -2.395  6.336   1.00 60.61 ? 309 ARG A CZ  1 
ATOM   542  N NH1 . ARG A 1 84  ? 16.403  -2.934  6.525   1.00 58.46 ? 309 ARG A NH1 1 
ATOM   543  N NH2 . ARG A 1 84  ? 14.314  -2.404  7.332   1.00 63.66 ? 309 ARG A NH2 1 
ATOM   544  N N   . HIS A 1 85  ? 18.325  1.721   0.531   1.00 56.74 ? 310 HIS A N   1 
ATOM   545  C CA  . HIS A 1 85  ? 19.327  2.078   -0.439  1.00 58.53 ? 310 HIS A CA  1 
ATOM   546  C C   . HIS A 1 85  ? 20.208  0.841   -0.785  1.00 57.28 ? 310 HIS A C   1 
ATOM   547  O O   . HIS A 1 85  ? 20.455  -0.042  0.059   1.00 47.58 ? 310 HIS A O   1 
ATOM   548  C CB  . HIS A 1 85  ? 20.052  3.325   0.071   1.00 60.44 ? 310 HIS A CB  1 
ATOM   549  C CG  . HIS A 1 85  ? 19.096  4.420   0.478   1.00 66.25 ? 310 HIS A CG  1 
ATOM   550  N ND1 . HIS A 1 85  ? 18.226  4.304   1.549   1.00 66.68 ? 310 HIS A ND1 1 
ATOM   551  C CD2 . HIS A 1 85  ? 18.835  5.628   -0.077  1.00 66.23 ? 310 HIS A CD2 1 
ATOM   552  C CE1 . HIS A 1 85  ? 17.496  5.400   1.654   1.00 63.10 ? 310 HIS A CE1 1 
ATOM   553  N NE2 . HIS A 1 85  ? 17.848  6.221   0.683   1.00 64.13 ? 310 HIS A NE2 1 
ATOM   554  N N   . ASP A 1 86  ? 20.594  0.763   -2.064  1.00 59.04 ? 311 ASP A N   1 
ATOM   555  C CA  . ASP A 1 86  ? 21.088  -0.475  -2.685  1.00 59.44 ? 311 ASP A CA  1 
ATOM   556  C C   . ASP A 1 86  ? 20.048  -1.606  -2.544  1.00 57.18 ? 311 ASP A C   1 
ATOM   557  O O   . ASP A 1 86  ? 20.416  -2.784  -2.398  1.00 54.88 ? 311 ASP A O   1 
ATOM   558  C CB  . ASP A 1 86  ? 22.455  -0.892  -2.110  1.00 59.55 ? 311 ASP A CB  1 
ATOM   559  N N   . GLY A 1 87  ? 18.759  -1.230  -2.592  1.00 52.77 ? 312 GLY A N   1 
ATOM   560  C CA  . GLY A 1 87  ? 17.625  -2.158  -2.418  1.00 47.18 ? 312 GLY A CA  1 
ATOM   561  C C   . GLY A 1 87  ? 16.834  -2.261  -3.708  1.00 46.13 ? 312 GLY A C   1 
ATOM   562  O O   . GLY A 1 87  ? 17.386  -2.065  -4.794  1.00 45.81 ? 312 GLY A O   1 
ATOM   563  N N   . ARG A 1 88  ? 15.541  -2.560  -3.608  1.00 43.01 ? 313 ARG A N   1 
ATOM   564  C CA  . ARG A 1 88  ? 14.715  -2.744  -4.799  1.00 41.02 ? 313 ARG A CA  1 
ATOM   565  C C   . ARG A 1 88  ? 13.997  -1.445  -5.196  1.00 38.84 ? 313 ARG A C   1 
ATOM   566  O O   . ARG A 1 88  ? 13.757  -0.574  -4.342  1.00 35.26 ? 313 ARG A O   1 
ATOM   567  C CB  . ARG A 1 88  ? 13.735  -3.899  -4.588  1.00 44.85 ? 313 ARG A CB  1 
ATOM   568  C CG  . ARG A 1 88  ? 14.436  -5.255  -4.636  1.00 49.77 ? 313 ARG A CG  1 
ATOM   569  C CD  . ARG A 1 88  ? 13.495  -6.423  -4.419  1.00 53.94 ? 313 ARG A CD  1 
ATOM   570  N NE  . ARG A 1 88  ? 12.704  -6.217  -3.207  1.00 61.18 ? 313 ARG A NE  1 
ATOM   571  C CZ  . ARG A 1 88  ? 13.008  -6.691  -2.000  1.00 64.80 ? 313 ARG A CZ  1 
ATOM   572  N NH1 . ARG A 1 88  ? 14.100  -7.434  -1.807  1.00 65.30 ? 313 ARG A NH1 1 
ATOM   573  N NH2 . ARG A 1 88  ? 12.207  -6.428  -0.971  1.00 63.59 ? 313 ARG A NH2 1 
ATOM   574  N N   . TRP A 1 89  ? 13.682  -1.333  -6.495  1.00 33.68 ? 314 TRP A N   1 
ATOM   575  C CA  . TRP A 1 89  ? 13.038  -0.153  -7.072  1.00 31.72 ? 314 TRP A CA  1 
ATOM   576  C C   . TRP A 1 89  ? 11.570  -0.360  -7.430  1.00 29.18 ? 314 TRP A C   1 
ATOM   577  O O   . TRP A 1 89  ? 11.178  -1.377  -7.994  1.00 26.51 ? 314 TRP A O   1 
ATOM   578  C CB  . TRP A 1 89  ? 13.766  0.296   -8.325  1.00 33.63 ? 314 TRP A CB  1 
ATOM   579  C CG  . TRP A 1 89  ? 15.092  0.914   -8.082  1.00 33.99 ? 314 TRP A CG  1 
ATOM   580  C CD1 . TRP A 1 89  ? 16.261  0.266   -7.817  1.00 33.98 ? 314 TRP A CD1 1 
ATOM   581  C CD2 . TRP A 1 89  ? 15.394  2.307   -8.099  1.00 33.86 ? 314 TRP A CD2 1 
ATOM   582  N NE1 . TRP A 1 89  ? 17.273  1.172   -7.666  1.00 35.47 ? 314 TRP A NE1 1 
ATOM   583  C CE2 . TRP A 1 89  ? 16.766  2.436   -7.846  1.00 35.57 ? 314 TRP A CE2 1 
ATOM   584  C CE3 . TRP A 1 89  ? 14.633  3.461   -8.291  1.00 34.61 ? 314 TRP A CE3 1 
ATOM   585  C CZ2 . TRP A 1 89  ? 17.403  3.690   -7.786  1.00 35.97 ? 314 TRP A CZ2 1 
ATOM   586  C CZ3 . TRP A 1 89  ? 15.263  4.705   -8.230  1.00 34.91 ? 314 TRP A CZ3 1 
ATOM   587  C CH2 . TRP A 1 89  ? 16.629  4.806   -7.981  1.00 34.35 ? 314 TRP A CH2 1 
ATOM   588  N N   . TYR A 1 90  ? 10.788  0.669   -7.142  1.00 27.11 ? 315 TYR A N   1 
ATOM   589  C CA  . TYR A 1 90  ? 9.354   0.576   -7.083  1.00 26.99 ? 315 TYR A CA  1 
ATOM   590  C C   . TYR A 1 90  ? 8.691   1.738   -7.824  1.00 25.51 ? 315 TYR A C   1 
ATOM   591  O O   . TYR A 1 90  ? 9.302   2.779   -8.045  1.00 25.42 ? 315 TYR A O   1 
ATOM   592  C CB  . TYR A 1 90  ? 8.925   0.598   -5.614  1.00 27.92 ? 315 TYR A CB  1 
ATOM   593  C CG  . TYR A 1 90  ? 9.319   -0.633  -4.844  1.00 29.26 ? 315 TYR A CG  1 
ATOM   594  C CD1 . TYR A 1 90  ? 10.334  -0.593  -3.891  1.00 30.82 ? 315 TYR A CD1 1 
ATOM   595  C CD2 . TYR A 1 90  ? 8.677   -1.853  -5.065  1.00 31.41 ? 315 TYR A CD2 1 
ATOM   596  C CE1 . TYR A 1 90  ? 10.708  -1.729  -3.177  1.00 31.14 ? 315 TYR A CE1 1 
ATOM   597  C CE2 . TYR A 1 90  ? 9.044   -3.000  -4.352  1.00 32.97 ? 315 TYR A CE2 1 
ATOM   598  C CZ  . TYR A 1 90  ? 10.059  -2.928  -3.401  1.00 31.68 ? 315 TYR A CZ  1 
ATOM   599  O OH  . TYR A 1 90  ? 10.434  -4.048  -2.703  1.00 28.80 ? 315 TYR A OH  1 
ATOM   600  N N   . ARG A 1 91  ? 7.431   1.555   -8.205  1.00 23.97 ? 316 ARG A N   1 
ATOM   601  C CA  . ARG A 1 91  ? 6.686   2.630   -8.810  1.00 22.85 ? 316 ARG A CA  1 
ATOM   602  C C   . ARG A 1 91  ? 6.079   3.403   -7.647  1.00 23.00 ? 316 ARG A C   1 
ATOM   603  O O   . ARG A 1 91  ? 5.392   2.826   -6.811  1.00 22.15 ? 316 ARG A O   1 
ATOM   604  C CB  . ARG A 1 91  ? 5.592   2.116   -9.755  1.00 21.87 ? 316 ARG A CB  1 
ATOM   605  C CG  . ARG A 1 91  ? 6.093   1.297   -10.916 1.00 21.16 ? 316 ARG A CG  1 
ATOM   606  C CD  . ARG A 1 91  ? 4.982   0.947   -11.908 1.00 20.83 ? 316 ARG A CD  1 
ATOM   607  N NE  . ARG A 1 91  ? 3.960   0.060   -11.350 1.00 21.24 ? 316 ARG A NE  1 
ATOM   608  C CZ  . ARG A 1 91  ? 2.932   -0.433  -12.042 1.00 21.72 ? 316 ARG A CZ  1 
ATOM   609  N NH1 . ARG A 1 91  ? 2.790   -0.106  -13.313 1.00 22.45 ? 316 ARG A NH1 1 
ATOM   610  N NH2 . ARG A 1 91  ? 2.041   -1.263  -11.485 1.00 21.03 ? 316 ARG A NH2 1 
ATOM   611  N N   . ALA A 1 92  ? 6.349   4.701   -7.593  1.00 23.39 ? 317 ALA A N   1 
ATOM   612  C CA  . ALA A 1 92  ? 5.863   5.518   -6.511  1.00 25.12 ? 317 ALA A CA  1 
ATOM   613  C C   . ALA A 1 92  ? 5.113   6.716   -7.035  1.00 26.88 ? 317 ALA A C   1 
ATOM   614  O O   . ALA A 1 92  ? 5.456   7.252   -8.085  1.00 30.90 ? 317 ALA A O   1 
ATOM   615  C CB  . ALA A 1 92  ? 7.033   5.977   -5.682  1.00 26.02 ? 317 ALA A CB  1 
ATOM   616  N N   . ARG A 1 93  ? 4.089   7.144   -6.318  1.00 26.94 ? 318 ARG A N   1 
ATOM   617  C CA  . ARG A 1 93  ? 3.510   8.444   -6.596  1.00 28.42 ? 318 ARG A CA  1 
ATOM   618  C C   . ARG A 1 93  ? 3.927   9.438   -5.522  1.00 25.82 ? 318 ARG A C   1 
ATOM   619  O O   . ARG A 1 93  ? 3.944   9.117   -4.361  1.00 23.88 ? 318 ARG A O   1 
ATOM   620  C CB  . ARG A 1 93  ? 1.981   8.383   -6.692  1.00 30.76 ? 318 ARG A CB  1 
ATOM   621  C CG  . ARG A 1 93  ? 1.347   9.765   -6.768  1.00 32.47 ? 318 ARG A CG  1 
ATOM   622  C CD  . ARG A 1 93  ? -0.121  9.655   -7.000  1.00 34.08 ? 318 ARG A CD  1 
ATOM   623  N NE  . ARG A 1 93  ? -0.354  9.409   -8.413  1.00 37.77 ? 318 ARG A NE  1 
ATOM   624  C CZ  . ARG A 1 93  ? -1.010  8.365   -8.909  1.00 39.82 ? 318 ARG A CZ  1 
ATOM   625  N NH1 . ARG A 1 93  ? -1.525  7.431   -8.088  1.00 40.85 ? 318 ARG A NH1 1 
ATOM   626  N NH2 . ARG A 1 93  ? -1.152  8.264   -10.232 1.00 36.31 ? 318 ARG A NH2 1 
ATOM   627  N N   . VAL A 1 94  ? 4.246   10.655  -5.930  1.00 25.68 ? 319 VAL A N   1 
ATOM   628  C CA  . VAL A 1 94  ? 4.538   11.713  -4.987  1.00 26.72 ? 319 VAL A CA  1 
ATOM   629  C C   . VAL A 1 94  ? 3.223   12.234  -4.381  1.00 26.15 ? 319 VAL A C   1 
ATOM   630  O O   . VAL A 1 94  ? 2.436   12.849  -5.069  1.00 25.76 ? 319 VAL A O   1 
ATOM   631  C CB  . VAL A 1 94  ? 5.313   12.847  -5.695  1.00 27.53 ? 319 VAL A CB  1 
ATOM   632  C CG1 . VAL A 1 94  ? 5.497   14.060  -4.783  1.00 27.72 ? 319 VAL A CG1 1 
ATOM   633  C CG2 . VAL A 1 94  ? 6.656   12.312  -6.193  1.00 26.96 ? 319 VAL A CG2 1 
ATOM   634  N N   . HIS A 1 95  ? 2.976   11.961  -3.102  1.00 26.59 ? 320 HIS A N   1 
ATOM   635  C CA  . HIS A 1 95  ? 1.801   12.520  -2.433  1.00 28.52 ? 320 HIS A CA  1 
ATOM   636  C C   . HIS A 1 95  ? 1.996   13.981  -2.009  1.00 27.28 ? 320 HIS A C   1 
ATOM   637  O O   . HIS A 1 95  ? 1.165   14.812  -2.332  1.00 26.57 ? 320 HIS A O   1 
ATOM   638  C CB  . HIS A 1 95  ? 1.389   11.686  -1.218  1.00 30.61 ? 320 HIS A CB  1 
ATOM   639  C CG  . HIS A 1 95  ? 0.211   12.257  -0.490  1.00 33.18 ? 320 HIS A CG  1 
ATOM   640  N ND1 . HIS A 1 95  ? 0.338   13.069  0.617   1.00 35.97 ? 320 HIS A ND1 1 
ATOM   641  C CD2 . HIS A 1 95  ? -1.117  12.161  -0.734  1.00 34.43 ? 320 HIS A CD2 1 
ATOM   642  C CE1 . HIS A 1 95  ? -0.861  13.442  1.032   1.00 36.48 ? 320 HIS A CE1 1 
ATOM   643  N NE2 . HIS A 1 95  ? -1.762  12.914  0.222   1.00 36.73 ? 320 HIS A NE2 1 
ATOM   644  N N   . ASP A 1 96  ? 3.072   14.268  -1.258  1.00 28.36 ? 321 ASP A N   1 
ATOM   645  C CA  . ASP A 1 96  ? 3.488   15.644  -0.913  1.00 27.91 ? 321 ASP A CA  1 
ATOM   646  C C   . ASP A 1 96  ? 5.007   15.797  -0.875  1.00 27.10 ? 321 ASP A C   1 
ATOM   647  O O   . ASP A 1 96  ? 5.749   14.840  -1.054  1.00 28.27 ? 321 ASP A O   1 
ATOM   648  C CB  . ASP A 1 96  ? 2.855   16.140  0.400   1.00 28.81 ? 321 ASP A CB  1 
ATOM   649  C CG  . ASP A 1 96  ? 3.118   15.214  1.590   1.00 31.07 ? 321 ASP A CG  1 
ATOM   650  O OD1 . ASP A 1 96  ? 2.344   14.257  1.719   1.00 32.74 ? 321 ASP A OD1 1 
ATOM   651  O OD2 . ASP A 1 96  ? 4.047   15.458  2.430   1.00 33.39 ? 321 ASP A OD2 1 
ATOM   652  N N   . ILE A 1 97  ? 5.446   17.035  -0.679  1.00 26.70 ? 322 ILE A N   1 
ATOM   653  C CA  . ILE A 1 97  ? 6.848   17.411  -0.627  1.00 26.22 ? 322 ILE A CA  1 
ATOM   654  C C   . ILE A 1 97  ? 7.019   18.374  0.531   1.00 26.56 ? 322 ILE A C   1 
ATOM   655  O O   . ILE A 1 97  ? 6.216   19.281  0.717   1.00 28.25 ? 322 ILE A O   1 
ATOM   656  C CB  . ILE A 1 97  ? 7.297   18.144  -1.913  1.00 26.77 ? 322 ILE A CB  1 
ATOM   657  C CG1 . ILE A 1 97  ? 7.051   17.265  -3.154  1.00 28.03 ? 322 ILE A CG1 1 
ATOM   658  C CG2 . ILE A 1 97  ? 8.772   18.521  -1.826  1.00 25.91 ? 322 ILE A CG2 1 
ATOM   659  C CD1 . ILE A 1 97  ? 7.066   18.015  -4.469  1.00 28.20 ? 322 ILE A CD1 1 
ATOM   660  N N   . ARG A 1 98  ? 8.072   18.187  1.305   1.00 27.31 ? 323 ARG A N   1 
ATOM   661  C CA  . ARG A 1 98  ? 8.263   18.961  2.495   1.00 28.64 ? 323 ARG A CA  1 
ATOM   662  C C   . ARG A 1 98  ? 9.736   19.071  2.828   1.00 29.14 ? 323 ARG A C   1 
ATOM   663  O O   . ARG A 1 98  ? 10.570  18.430  2.176   1.00 30.85 ? 323 ARG A O   1 
ATOM   664  C CB  . ARG A 1 98  ? 7.509   18.306  3.644   1.00 29.87 ? 323 ARG A CB  1 
ATOM   665  C CG  . ARG A 1 98  ? 8.115   17.006  4.124   1.00 31.39 ? 323 ARG A CG  1 
ATOM   666  C CD  . ARG A 1 98  ? 7.602   16.689  5.505   1.00 34.67 ? 323 ARG A CD  1 
ATOM   667  N NE  . ARG A 1 98  ? 8.319   15.570  6.099   1.00 42.15 ? 323 ARG A NE  1 
ATOM   668  C CZ  . ARG A 1 98  ? 7.896   14.880  7.163   1.00 48.16 ? 323 ARG A CZ  1 
ATOM   669  N NH1 . ARG A 1 98  ? 6.753   15.204  7.771   1.00 50.22 ? 323 ARG A NH1 1 
ATOM   670  N NH2 . ARG A 1 98  ? 8.621   13.862  7.626   1.00 48.53 ? 323 ARG A NH2 1 
ATOM   671  N N   . PRO A 1 99  ? 10.064  19.870  3.858   1.00 28.05 ? 324 PRO A N   1 
ATOM   672  C CA  . PRO A 1 99  ? 11.446  19.939  4.258   1.00 28.83 ? 324 PRO A CA  1 
ATOM   673  C C   . PRO A 1 99  ? 11.847  18.693  4.999   1.00 27.69 ? 324 PRO A C   1 
ATOM   674  O O   . PRO A 1 99  ? 11.037  18.074  5.689   1.00 29.22 ? 324 PRO A O   1 
ATOM   675  C CB  . PRO A 1 99  ? 11.490  21.161  5.211   1.00 30.04 ? 324 PRO A CB  1 
ATOM   676  C CG  . PRO A 1 99  ? 10.183  21.871  5.021   1.00 28.99 ? 324 PRO A CG  1 
ATOM   677  C CD  . PRO A 1 99  ? 9.234   20.759  4.685   1.00 28.58 ? 324 PRO A CD  1 
ATOM   678  N N   . ASN A 1 100 ? 13.101  18.341  4.838   1.00 27.18 ? 325 ASN A N   1 
ATOM   679  C CA  . ASN A 1 100 ? 13.699  17.269  5.579   1.00 28.98 ? 325 ASN A CA  1 
ATOM   680  C C   . ASN A 1 100 ? 13.524  17.560  7.064   1.00 29.81 ? 325 ASN A C   1 
ATOM   681  O O   . ASN A 1 100 ? 13.923  18.616  7.524   1.00 30.21 ? 325 ASN A O   1 
ATOM   682  C CB  . ASN A 1 100 ? 15.179  17.218  5.171   1.00 29.04 ? 325 ASN A CB  1 
ATOM   683  C CG  . ASN A 1 100 ? 15.933  16.058  5.770   1.00 27.56 ? 325 ASN A CG  1 
ATOM   684  O OD1 . ASN A 1 100 ? 15.873  15.804  6.968   1.00 28.16 ? 325 ASN A OD1 1 
ATOM   685  N ND2 . ASN A 1 100 ? 16.678  15.372  4.940   1.00 26.76 ? 325 ASN A ND2 1 
ATOM   686  N N   . GLU A 1 101 ? 12.898  16.639  7.793   1.00 33.79 ? 326 GLU A N   1 
ATOM   687  C CA  . GLU A 1 101 ? 12.683  16.751  9.262   1.00 38.12 ? 326 GLU A CA  1 
ATOM   688  C C   . GLU A 1 101 ? 13.941  17.231  10.002  1.00 38.96 ? 326 GLU A C   1 
ATOM   689  O O   . GLU A 1 101 ? 13.860  17.992  10.968  1.00 39.88 ? 326 GLU A O   1 
ATOM   690  C CB  . GLU A 1 101 ? 12.280  15.373  9.819   1.00 41.99 ? 326 GLU A CB  1 
ATOM   691  C CG  . GLU A 1 101 ? 11.252  15.338  10.943  1.00 47.25 ? 326 GLU A CG  1 
ATOM   692  C CD  . GLU A 1 101 ? 10.924  13.898  11.376  1.00 51.81 ? 326 GLU A CD  1 
ATOM   693  O OE1 . GLU A 1 101 ? 11.325  12.938  10.674  1.00 53.13 ? 326 GLU A OE1 1 
ATOM   694  O OE2 . GLU A 1 101 ? 10.277  13.704  12.428  1.00 50.90 ? 326 GLU A OE2 1 
ATOM   695  N N   . PHE A 1 102 ? 15.105  16.780  9.529   1.00 40.17 ? 327 PHE A N   1 
ATOM   696  C CA  . PHE A 1 102 ? 16.395  17.018  10.191  1.00 39.63 ? 327 PHE A CA  1 
ATOM   697  C C   . PHE A 1 102 ? 17.246  18.129  9.613   1.00 41.04 ? 327 PHE A C   1 
ATOM   698  O O   . PHE A 1 102 ? 18.208  18.535  10.261  1.00 45.94 ? 327 PHE A O   1 
ATOM   699  C CB  . PHE A 1 102 ? 17.209  15.729  10.175  1.00 37.23 ? 327 PHE A CB  1 
ATOM   700  C CG  . PHE A 1 102 ? 16.530  14.609  10.889  1.00 35.47 ? 327 PHE A CG  1 
ATOM   701  C CD1 . PHE A 1 102 ? 16.447  14.615  12.266  1.00 34.56 ? 327 PHE A CD1 1 
ATOM   702  C CD2 . PHE A 1 102 ? 15.932  13.584  10.185  1.00 37.01 ? 327 PHE A CD2 1 
ATOM   703  C CE1 . PHE A 1 102 ? 15.815  13.599  12.941  1.00 35.37 ? 327 PHE A CE1 1 
ATOM   704  C CE2 . PHE A 1 102 ? 15.276  12.556  10.849  1.00 38.15 ? 327 PHE A CE2 1 
ATOM   705  C CZ  . PHE A 1 102 ? 15.223  12.569  12.235  1.00 37.68 ? 327 PHE A CZ  1 
ATOM   706  N N   . ASP A 1 103 ? 16.932  18.585  8.399   1.00 41.44 ? 328 ASP A N   1 
ATOM   707  C CA  . ASP A 1 103 ? 17.650  19.695  7.760   1.00 39.98 ? 328 ASP A CA  1 
ATOM   708  C C   . ASP A 1 103 ? 16.776  20.382  6.700   1.00 37.21 ? 328 ASP A C   1 
ATOM   709  O O   . ASP A 1 103 ? 16.637  19.904  5.571   1.00 34.77 ? 328 ASP A O   1 
ATOM   710  C CB  . ASP A 1 103 ? 18.969  19.213  7.136   1.00 41.26 ? 328 ASP A CB  1 
ATOM   711  C CG  . ASP A 1 103 ? 19.603  20.263  6.234   1.00 42.95 ? 328 ASP A CG  1 
ATOM   712  O OD1 . ASP A 1 103 ? 19.081  21.389  6.191   1.00 44.78 ? 328 ASP A OD1 1 
ATOM   713  O OD2 . ASP A 1 103 ? 20.606  19.975  5.548   1.00 45.51 ? 328 ASP A OD2 1 
ATOM   714  N N   . SER A 1 104 ? 16.240  21.539  7.069   1.00 36.01 ? 329 SER A N   1 
ATOM   715  C CA  . SER A 1 104 ? 15.304  22.287  6.222   1.00 34.14 ? 329 SER A CA  1 
ATOM   716  C C   . SER A 1 104 ? 15.875  22.873  4.941   1.00 33.08 ? 329 SER A C   1 
ATOM   717  O O   . SER A 1 104 ? 15.108  23.402  4.138   1.00 34.60 ? 329 SER A O   1 
ATOM   718  C CB  . SER A 1 104 ? 14.675  23.422  7.031   1.00 34.88 ? 329 SER A CB  1 
ATOM   719  O OG  . SER A 1 104 ? 13.571  22.947  7.770   1.00 34.70 ? 329 SER A OG  1 
ATOM   720  N N   . SER A 1 105 ? 17.197  22.828  4.748   1.00 31.18 ? 330 SER A N   1 
ATOM   721  C CA  . SER A 1 105 ? 17.781  23.160  3.440   1.00 30.59 ? 330 SER A CA  1 
ATOM   722  C C   . SER A 1 105 ? 17.521  22.071  2.384   1.00 31.15 ? 330 SER A C   1 
ATOM   723  O O   . SER A 1 105 ? 17.660  22.324  1.192   1.00 29.49 ? 330 SER A O   1 
ATOM   724  C CB  . SER A 1 105 ? 19.285  23.417  3.565   1.00 30.82 ? 330 SER A CB  1 
ATOM   725  O OG  . SER A 1 105 ? 20.039  22.218  3.689   1.00 32.03 ? 330 SER A OG  1 
ATOM   726  N N   . GLN A 1 106 ? 17.199  20.859  2.852   1.00 33.38 ? 331 GLN A N   1 
ATOM   727  C CA  . GLN A 1 106 ? 16.883  19.714  2.009   1.00 35.33 ? 331 GLN A CA  1 
ATOM   728  C C   . GLN A 1 106 ? 15.383  19.514  2.015   1.00 33.08 ? 331 GLN A C   1 
ATOM   729  O O   . GLN A 1 106 ? 14.690  19.972  2.914   1.00 32.55 ? 331 GLN A O   1 
ATOM   730  C CB  . GLN A 1 106 ? 17.513  18.398  2.524   1.00 38.34 ? 331 GLN A CB  1 
ATOM   731  C CG  . GLN A 1 106 ? 18.991  18.412  2.875   1.00 40.17 ? 331 GLN A CG  1 
ATOM   732  C CD  . GLN A 1 106 ? 19.875  18.786  1.705   1.00 43.13 ? 331 GLN A CD  1 
ATOM   733  O OE1 . GLN A 1 106 ? 20.018  18.020  0.745   1.00 43.16 ? 331 GLN A OE1 1 
ATOM   734  N NE2 . GLN A 1 106 ? 20.494  19.969  1.786   1.00 44.36 ? 331 GLN A NE2 1 
ATOM   735  N N   . GLN A 1 107 ? 14.918  18.781  1.009   1.00 32.93 ? 332 GLN A N   1 
ATOM   736  C CA  . GLN A 1 107 ? 13.519  18.445  0.819   1.00 32.64 ? 332 GLN A CA  1 
ATOM   737  C C   . GLN A 1 107 ? 13.352  16.951  0.627   1.00 30.28 ? 332 GLN A C   1 
ATOM   738  O O   . GLN A 1 107 ? 14.238  16.269  0.078   1.00 26.57 ? 332 GLN A O   1 
ATOM   739  C CB  . GLN A 1 107 ? 12.993  19.163  -0.406  1.00 34.87 ? 332 GLN A CB  1 
ATOM   740  C CG  . GLN A 1 107 ? 13.172  20.655  -0.255  1.00 39.70 ? 332 GLN A CG  1 
ATOM   741  C CD  . GLN A 1 107 ? 13.282  21.386  -1.556  1.00 43.47 ? 332 GLN A CD  1 
ATOM   742  O OE1 . GLN A 1 107 ? 13.010  20.849  -2.637  1.00 46.47 ? 332 GLN A OE1 1 
ATOM   743  N NE2 . GLN A 1 107 ? 13.677  22.638  -1.459  1.00 46.65 ? 332 GLN A NE2 1 
ATOM   744  N N   . VAL A 1 108 ? 12.208  16.455  1.089   1.00 27.83 ? 333 VAL A N   1 
ATOM   745  C CA  . VAL A 1 108 ? 11.859  15.076  0.884   1.00 27.58 ? 333 VAL A CA  1 
ATOM   746  C C   . VAL A 1 108 ? 10.492  14.981  0.239   1.00 26.67 ? 333 VAL A C   1 
ATOM   747  O O   . VAL A 1 108 ? 9.605   15.740  0.579   1.00 25.36 ? 333 VAL A O   1 
ATOM   748  C CB  . VAL A 1 108 ? 11.880  14.305  2.192   1.00 28.48 ? 333 VAL A CB  1 
ATOM   749  C CG1 . VAL A 1 108 ? 13.276  14.346  2.760   1.00 29.68 ? 333 VAL A CG1 1 
ATOM   750  C CG2 . VAL A 1 108 ? 10.901  14.887  3.198   1.00 30.10 ? 333 VAL A CG2 1 
ATOM   751  N N   . ALA A 1 109 ? 10.364  14.063  -0.722  1.00 26.31 ? 334 ALA A N   1 
ATOM   752  C CA  . ALA A 1 109 ? 9.068   13.632  -1.274  1.00 24.80 ? 334 ALA A CA  1 
ATOM   753  C C   . ALA A 1 109 ? 8.450   12.534  -0.398  1.00 24.16 ? 334 ALA A C   1 
ATOM   754  O O   . ALA A 1 109 ? 9.117   11.544  -0.036  1.00 22.14 ? 334 ALA A O   1 
ATOM   755  C CB  . ALA A 1 109 ? 9.239   13.131  -2.707  1.00 23.89 ? 334 ALA A CB  1 
ATOM   756  N N   . ASP A 1 110 ? 7.191   12.719  -0.021  1.00 24.75 ? 335 ASP A N   1 
ATOM   757  C CA  . ASP A 1 110 ? 6.447   11.633  0.598   1.00 26.27 ? 335 ASP A CA  1 
ATOM   758  C C   . ASP A 1 110 ? 5.924   10.737  -0.529  1.00 26.68 ? 335 ASP A C   1 
ATOM   759  O O   . ASP A 1 110 ? 4.909   11.079  -1.173  1.00 26.51 ? 335 ASP A O   1 
ATOM   760  C CB  . ASP A 1 110 ? 5.286   12.178  1.404   1.00 28.45 ? 335 ASP A CB  1 
ATOM   761  C CG  . ASP A 1 110 ? 4.524   11.099  2.127   1.00 31.01 ? 335 ASP A CG  1 
ATOM   762  O OD1 . ASP A 1 110 ? 5.090   10.012  2.358   1.00 33.45 ? 335 ASP A OD1 1 
ATOM   763  O OD2 . ASP A 1 110 ? 3.347   11.334  2.472   1.00 32.95 ? 335 ASP A OD2 1 
ATOM   764  N N   . VAL A 1 111 ? 6.616   9.623   -0.797  1.00 25.07 ? 336 VAL A N   1 
ATOM   765  C CA  . VAL A 1 111 ? 6.234   8.769   -1.933  1.00 25.49 ? 336 VAL A CA  1 
ATOM   766  C C   . VAL A 1 111 ? 5.357   7.583   -1.530  1.00 25.14 ? 336 VAL A C   1 
ATOM   767  O O   . VAL A 1 111 ? 5.669   6.867   -0.592  1.00 24.34 ? 336 VAL A O   1 
ATOM   768  C CB  . VAL A 1 111 ? 7.431   8.310   -2.807  1.00 26.10 ? 336 VAL A CB  1 
ATOM   769  C CG1 . VAL A 1 111 ? 8.062   9.497   -3.493  1.00 26.77 ? 336 VAL A CG1 1 
ATOM   770  C CG2 . VAL A 1 111 ? 8.495   7.572   -2.031  1.00 27.35 ? 336 VAL A CG2 1 
ATOM   771  N N   . PHE A 1 112 ? 4.239   7.427   -2.241  1.00 26.03 ? 337 PHE A N   1 
ATOM   772  C CA  . PHE A 1 112 ? 3.278   6.332   -2.047  1.00 27.94 ? 337 PHE A CA  1 
ATOM   773  C C   . PHE A 1 112 ? 3.685   5.189   -2.995  1.00 29.99 ? 337 PHE A C   1 
ATOM   774  O O   . PHE A 1 112 ? 3.883   5.417   -4.213  1.00 28.18 ? 337 PHE A O   1 
ATOM   775  C CB  . PHE A 1 112 ? 1.855   6.823   -2.352  1.00 27.68 ? 337 PHE A CB  1 
ATOM   776  C CG  . PHE A 1 112 ? 0.798   5.747   -2.316  1.00 27.94 ? 337 PHE A CG  1 
ATOM   777  C CD1 . PHE A 1 112 ? 0.415   5.164   -1.120  1.00 27.40 ? 337 PHE A CD1 1 
ATOM   778  C CD2 . PHE A 1 112 ? 0.126   5.367   -3.478  1.00 29.83 ? 337 PHE A CD2 1 
ATOM   779  C CE1 . PHE A 1 112 ? -0.580  4.189   -1.078  1.00 27.47 ? 337 PHE A CE1 1 
ATOM   780  C CE2 . PHE A 1 112 ? -0.877  4.388   -3.443  1.00 29.84 ? 337 PHE A CE2 1 
ATOM   781  C CZ  . PHE A 1 112 ? -1.219  3.792   -2.238  1.00 29.08 ? 337 PHE A CZ  1 
ATOM   782  N N   . TYR A 1 113 ? 3.856   3.985   -2.430  1.00 28.77 ? 338 TYR A N   1 
ATOM   783  C CA  . TYR A 1 113 ? 4.266   2.820   -3.215  1.00 28.21 ? 338 TYR A CA  1 
ATOM   784  C C   . TYR A 1 113 ? 3.030   2.243   -3.865  1.00 25.04 ? 338 TYR A C   1 
ATOM   785  O O   . TYR A 1 113 ? 2.219   1.591   -3.232  1.00 24.53 ? 338 TYR A O   1 
ATOM   786  C CB  . TYR A 1 113 ? 5.033   1.812   -2.343  1.00 30.97 ? 338 TYR A CB  1 
ATOM   787  C CG  . TYR A 1 113 ? 6.380   2.358   -1.978  1.00 31.20 ? 338 TYR A CG  1 
ATOM   788  C CD1 . TYR A 1 113 ? 7.384   2.392   -2.903  1.00 31.43 ? 338 TYR A CD1 1 
ATOM   789  C CD2 . TYR A 1 113 ? 6.619   2.925   -0.740  1.00 34.29 ? 338 TYR A CD2 1 
ATOM   790  C CE1 . TYR A 1 113 ? 8.610   2.940   -2.604  1.00 32.62 ? 338 TYR A CE1 1 
ATOM   791  C CE2 . TYR A 1 113 ? 7.857   3.486   -0.426  1.00 32.53 ? 338 TYR A CE2 1 
ATOM   792  C CZ  . TYR A 1 113 ? 8.848   3.485   -1.368  1.00 32.25 ? 338 TYR A CZ  1 
ATOM   793  O OH  . TYR A 1 113 ? 10.099  4.014   -1.104  1.00 33.04 ? 338 TYR A OH  1 
ATOM   794  N N   . LEU A 1 114 ? 2.893   2.539   -5.152  1.00 23.89 ? 339 LEU A N   1 
ATOM   795  C CA  . LEU A 1 114 ? 1.661   2.315   -5.912  1.00 21.53 ? 339 LEU A CA  1 
ATOM   796  C C   . LEU A 1 114 ? 1.189   0.876   -5.935  1.00 20.76 ? 339 LEU A C   1 
ATOM   797  O O   . LEU A 1 114 ? -0.012  0.650   -5.965  1.00 22.90 ? 339 LEU A O   1 
ATOM   798  C CB  . LEU A 1 114 ? 1.847   2.802   -7.350  1.00 20.75 ? 339 LEU A CB  1 
ATOM   799  C CG  . LEU A 1 114 ? 1.937   4.314   -7.470  1.00 20.69 ? 339 LEU A CG  1 
ATOM   800  C CD1 . LEU A 1 114 ? 2.520   4.692   -8.811  1.00 21.00 ? 339 LEU A CD1 1 
ATOM   801  C CD2 . LEU A 1 114 ? 0.568   4.947   -7.274  1.00 20.17 ? 339 LEU A CD2 1 
ATOM   802  N N   . ASP A 1 115 ? 2.113   -0.082  -5.935  1.00 19.19 ? 340 ASP A N   1 
ATOM   803  C CA  . ASP A 1 115 ? 1.771   -1.521  -5.957  1.00 19.85 ? 340 ASP A CA  1 
ATOM   804  C C   . ASP A 1 115 ? 1.685   -2.220  -4.594  1.00 19.86 ? 340 ASP A C   1 
ATOM   805  O O   . ASP A 1 115 ? 1.401   -3.381  -4.545  1.00 19.37 ? 340 ASP A O   1 
ATOM   806  C CB  . ASP A 1 115 ? 2.796   -2.286  -6.823  1.00 19.88 ? 340 ASP A CB  1 
ATOM   807  C CG  . ASP A 1 115 ? 2.770   -1.836  -8.273  1.00 19.96 ? 340 ASP A CG  1 
ATOM   808  O OD1 . ASP A 1 115 ? 1.655   -1.897  -8.871  1.00 20.74 ? 340 ASP A OD1 1 
ATOM   809  O OD2 . ASP A 1 115 ? 3.830   -1.405  -8.800  1.00 18.29 ? 340 ASP A OD2 1 
ATOM   810  N N   . TYR A 1 116 ? 1.951   -1.521  -3.500  1.00 21.39 ? 341 TYR A N   1 
ATOM   811  C CA  . TYR A 1 116 ? 1.993   -2.145  -2.168  1.00 22.27 ? 341 TYR A CA  1 
ATOM   812  C C   . TYR A 1 116 ? 1.139   -1.388  -1.134  1.00 24.56 ? 341 TYR A C   1 
ATOM   813  O O   . TYR A 1 116 ? 0.484   -2.027  -0.297  1.00 24.90 ? 341 TYR A O   1 
ATOM   814  C CB  . TYR A 1 116 ? 3.450   -2.270  -1.687  1.00 20.54 ? 341 TYR A CB  1 
ATOM   815  C CG  . TYR A 1 116 ? 4.253   -3.210  -2.545  1.00 19.81 ? 341 TYR A CG  1 
ATOM   816  C CD1 . TYR A 1 116 ? 4.319   -4.566  -2.256  1.00 19.17 ? 341 TYR A CD1 1 
ATOM   817  C CD2 . TYR A 1 116 ? 4.930   -2.744  -3.684  1.00 20.09 ? 341 TYR A CD2 1 
ATOM   818  C CE1 . TYR A 1 116 ? 5.041   -5.433  -3.060  1.00 18.91 ? 341 TYR A CE1 1 
ATOM   819  C CE2 . TYR A 1 116 ? 5.648   -3.603  -4.494  1.00 18.64 ? 341 TYR A CE2 1 
ATOM   820  C CZ  . TYR A 1 116 ? 5.694   -4.941  -4.187  1.00 18.30 ? 341 TYR A CZ  1 
ATOM   821  O OH  . TYR A 1 116 ? 6.400   -5.797  -5.004  1.00 18.46 ? 341 TYR A OH  1 
ATOM   822  N N   . GLY A 1 117 ? 1.181   -0.051  -1.176  1.00 26.89 ? 342 GLY A N   1 
ATOM   823  C CA  . GLY A 1 117 ? 0.370   0.805   -0.297  1.00 30.96 ? 342 GLY A CA  1 
ATOM   824  C C   . GLY A 1 117 ? 1.110   1.609   0.774   1.00 34.84 ? 342 GLY A C   1 
ATOM   825  O O   . GLY A 1 117 ? 0.576   2.570   1.333   1.00 36.11 ? 342 GLY A O   1 
ATOM   826  N N   . ASP A 1 118 ? 2.331   1.222   1.106   1.00 38.76 ? 343 ASP A N   1 
ATOM   827  C CA  . ASP A 1 118 ? 3.056   1.994   2.118   1.00 44.14 ? 343 ASP A CA  1 
ATOM   828  C C   . ASP A 1 118 ? 3.480   3.390   1.596   1.00 40.58 ? 343 ASP A C   1 
ATOM   829  O O   . ASP A 1 118 ? 3.426   3.667   0.402   1.00 37.19 ? 343 ASP A O   1 
ATOM   830  C CB  . ASP A 1 118 ? 4.239   1.207   2.744   1.00 47.04 ? 343 ASP A CB  1 
ATOM   831  C CG  . ASP A 1 118 ? 5.002   0.374   1.740   1.00 50.41 ? 343 ASP A CG  1 
ATOM   832  O OD1 . ASP A 1 118 ? 4.744   0.488   0.524   1.00 60.45 ? 343 ASP A OD1 1 
ATOM   833  O OD2 . ASP A 1 118 ? 5.871   -0.403  2.164   1.00 51.29 ? 343 ASP A OD2 1 
ATOM   834  N N   . SER A 1 119 ? 3.868   4.252   2.539   1.00 40.24 ? 344 SER A N   1 
ATOM   835  C CA  . SER A 1 119 ? 4.338   5.620   2.284   1.00 37.04 ? 344 SER A CA  1 
ATOM   836  C C   . SER A 1 119 ? 5.711   5.836   2.932   1.00 34.77 ? 344 SER A C   1 
ATOM   837  O O   . SER A 1 119 ? 6.015   5.244   3.958   1.00 32.51 ? 344 SER A O   1 
ATOM   838  C CB  . SER A 1 119 ? 3.335   6.633   2.856   1.00 37.04 ? 344 SER A CB  1 
ATOM   839  O OG  . SER A 1 119 ? 2.543   7.223   1.838   1.00 39.73 ? 344 SER A OG  1 
ATOM   840  N N   . GLU A 1 120 ? 6.543   6.687   2.348   1.00 35.30 ? 345 GLU A N   1 
ATOM   841  C CA  . GLU A 1 120 ? 7.812   7.009   2.979   1.00 35.64 ? 345 GLU A CA  1 
ATOM   842  C C   . GLU A 1 120 ? 8.410   8.280   2.478   1.00 32.55 ? 345 GLU A C   1 
ATOM   843  O O   . GLU A 1 120 ? 8.194   8.653   1.335   1.00 31.02 ? 345 GLU A O   1 
ATOM   844  C CB  . GLU A 1 120 ? 8.825   5.869   2.828   1.00 41.60 ? 345 GLU A CB  1 
ATOM   845  C CG  . GLU A 1 120 ? 9.212   5.261   4.168   1.00 48.86 ? 345 GLU A CG  1 
ATOM   846  C CD  . GLU A 1 120 ? 9.789   3.880   4.021   1.00 56.69 ? 345 GLU A CD  1 
ATOM   847  O OE1 . GLU A 1 120 ? 10.754  3.772   3.228   1.00 61.30 ? 345 GLU A OE1 1 
ATOM   848  O OE2 . GLU A 1 120 ? 9.276   2.925   4.679   1.00 55.26 ? 345 GLU A OE2 1 
ATOM   849  N N   . TYR A 1 121 ? 9.195   8.912   3.354   1.00 32.03 ? 346 TYR A N   1 
ATOM   850  C CA  . TYR A 1 121 ? 9.892   10.143  3.057   1.00 32.20 ? 346 TYR A CA  1 
ATOM   851  C C   . TYR A 1 121 ? 11.253  9.808   2.484   1.00 32.58 ? 346 TYR A C   1 
ATOM   852  O O   . TYR A 1 121 ? 12.079  9.154   3.113   1.00 34.41 ? 346 TYR A O   1 
ATOM   853  C CB  . TYR A 1 121 ? 9.939   11.080  4.276   1.00 34.16 ? 346 TYR A CB  1 
ATOM   854  C CG  . TYR A 1 121 ? 8.570   11.699  4.492   1.00 38.03 ? 346 TYR A CG  1 
ATOM   855  C CD1 . TYR A 1 121 ? 8.143   12.747  3.694   1.00 40.29 ? 346 TYR A CD1 1 
ATOM   856  C CD2 . TYR A 1 121 ? 7.664   11.180  5.433   1.00 41.63 ? 346 TYR A CD2 1 
ATOM   857  C CE1 . TYR A 1 121 ? 6.873   13.286  3.837   1.00 43.78 ? 346 TYR A CE1 1 
ATOM   858  C CE2 . TYR A 1 121 ? 6.388   11.723  5.590   1.00 40.73 ? 346 TYR A CE2 1 
ATOM   859  C CZ  . TYR A 1 121 ? 5.998   12.770  4.782   1.00 44.09 ? 346 TYR A CZ  1 
ATOM   860  O OH  . TYR A 1 121 ? 4.743   13.343  4.894   1.00 49.54 ? 346 TYR A OH  1 
ATOM   861  N N   . VAL A 1 122 ? 11.443  10.229  1.238   1.00 31.61 ? 347 VAL A N   1 
ATOM   862  C CA  . VAL A 1 122 ? 12.641  9.946   0.498   1.00 28.94 ? 347 VAL A CA  1 
ATOM   863  C C   . VAL A 1 122 ? 13.151  11.272  -0.030  1.00 28.52 ? 347 VAL A C   1 
ATOM   864  O O   . VAL A 1 122 ? 12.362  12.097  -0.491  1.00 27.91 ? 347 VAL A O   1 
ATOM   865  C CB  . VAL A 1 122 ? 12.325  8.963   -0.616  1.00 28.96 ? 347 VAL A CB  1 
ATOM   866  C CG1 . VAL A 1 122 ? 13.437  8.876   -1.631  1.00 31.23 ? 347 VAL A CG1 1 
ATOM   867  C CG2 . VAL A 1 122 ? 12.124  7.601   0.004   1.00 30.34 ? 347 VAL A CG2 1 
ATOM   868  N N   . ALA A 1 123 ? 14.467  11.484  0.090   1.00 26.13 ? 348 ALA A N   1 
ATOM   869  C CA  . ALA A 1 123 ? 15.115  12.660  -0.449  1.00 24.50 ? 348 ALA A CA  1 
ATOM   870  C C   . ALA A 1 123 ? 14.747  12.756  -1.918  1.00 24.16 ? 348 ALA A C   1 
ATOM   871  O O   . ALA A 1 123 ? 14.776  11.757  -2.644  1.00 24.43 ? 348 ALA A O   1 
ATOM   872  C CB  . ALA A 1 123 ? 16.625  12.558  -0.284  1.00 23.81 ? 348 ALA A CB  1 
ATOM   873  N N   . THR A 1 124 ? 14.398  13.951  -2.358  1.00 23.09 ? 349 THR A N   1 
ATOM   874  C CA  . THR A 1 124 ? 13.881  14.120  -3.696  1.00 24.46 ? 349 THR A CA  1 
ATOM   875  C C   . THR A 1 124 ? 14.906  13.774  -4.761  1.00 26.99 ? 349 THR A C   1 
ATOM   876  O O   . THR A 1 124 ? 14.533  13.381  -5.869  1.00 27.81 ? 349 THR A O   1 
ATOM   877  C CB  . THR A 1 124 ? 13.396  15.555  -3.919  1.00 23.41 ? 349 THR A CB  1 
ATOM   878  O OG1 . THR A 1 124 ? 14.423  16.463  -3.506  1.00 22.17 ? 349 THR A OG1 1 
ATOM   879  C CG2 . THR A 1 124 ? 12.116  15.804  -3.134  1.00 22.75 ? 349 THR A CG2 1 
ATOM   880  N N   . HIS A 1 125 ? 16.187  13.928  -4.422  1.00 30.15 ? 350 HIS A N   1 
ATOM   881  C CA  . HIS A 1 125 ? 17.289  13.617  -5.339  1.00 32.56 ? 350 HIS A CA  1 
ATOM   882  C C   . HIS A 1 125 ? 17.487  12.113  -5.583  1.00 33.36 ? 350 HIS A C   1 
ATOM   883  O O   . HIS A 1 125 ? 18.218  11.726  -6.472  1.00 30.95 ? 350 HIS A O   1 
ATOM   884  C CB  . HIS A 1 125 ? 18.618  14.279  -4.878  1.00 34.06 ? 350 HIS A CB  1 
ATOM   885  C CG  . HIS A 1 125 ? 19.111  13.840  -3.527  1.00 36.79 ? 350 HIS A CG  1 
ATOM   886  N ND1 . HIS A 1 125 ? 19.751  12.634  -3.318  1.00 38.22 ? 350 HIS A ND1 1 
ATOM   887  C CD2 . HIS A 1 125 ? 19.101  14.471  -2.323  1.00 39.02 ? 350 HIS A CD2 1 
ATOM   888  C CE1 . HIS A 1 125 ? 20.078  12.521  -2.039  1.00 37.88 ? 350 HIS A CE1 1 
ATOM   889  N NE2 . HIS A 1 125 ? 19.694  13.621  -1.413  1.00 39.09 ? 350 HIS A NE2 1 
ATOM   890  N N   . GLU A 1 126 ? 16.848  11.262  -4.789  1.00 37.49 ? 351 GLU A N   1 
ATOM   891  C CA  . GLU A 1 126 ? 16.962  9.825   -4.990  1.00 38.67 ? 351 GLU A CA  1 
ATOM   892  C C   . GLU A 1 126 ? 15.961  9.319   -6.024  1.00 35.29 ? 351 GLU A C   1 
ATOM   893  O O   . GLU A 1 126 ? 15.949  8.143   -6.340  1.00 37.26 ? 351 GLU A O   1 
ATOM   894  C CB  . GLU A 1 126 ? 16.744  9.087   -3.680  1.00 42.01 ? 351 GLU A CB  1 
ATOM   895  C CG  . GLU A 1 126 ? 17.757  9.366   -2.583  1.00 46.36 ? 351 GLU A CG  1 
ATOM   896  C CD  . GLU A 1 126 ? 17.432  8.536   -1.345  1.00 55.35 ? 351 GLU A CD  1 
ATOM   897  O OE1 . GLU A 1 126 ? 17.244  9.090   -0.222  1.00 58.17 ? 351 GLU A OE1 1 
ATOM   898  O OE2 . GLU A 1 126 ? 17.300  7.301   -1.516  1.00 58.26 ? 351 GLU A OE2 1 
ATOM   899  N N   . LEU A 1 127 ? 15.121  10.207  -6.534  1.00 31.52 ? 352 LEU A N   1 
ATOM   900  C CA  . LEU A 1 127 ? 14.020  9.822   -7.387  1.00 29.62 ? 352 LEU A CA  1 
ATOM   901  C C   . LEU A 1 127 ? 14.453  9.871   -8.812  1.00 28.66 ? 352 LEU A C   1 
ATOM   902  O O   . LEU A 1 127 ? 15.325  10.646  -9.143  1.00 29.43 ? 352 LEU A O   1 
ATOM   903  C CB  . LEU A 1 127 ? 12.841  10.769  -7.184  1.00 29.42 ? 352 LEU A CB  1 
ATOM   904  C CG  . LEU A 1 127 ? 12.294  10.711  -5.756  1.00 30.17 ? 352 LEU A CG  1 
ATOM   905  C CD1 . LEU A 1 127 ? 11.138  11.680  -5.523  1.00 30.43 ? 352 LEU A CD1 1 
ATOM   906  C CD2 . LEU A 1 127 ? 11.880  9.290   -5.434  1.00 29.29 ? 352 LEU A CD2 1 
ATOM   907  N N   . CYS A 1 128 ? 13.849  9.028   -9.646  1.00 28.51 ? 353 CYS A N   1 
ATOM   908  C CA  . CYS A 1 128 ? 14.068  9.073   -11.076 1.00 29.72 ? 353 CYS A CA  1 
ATOM   909  C C   . CYS A 1 128 ? 12.740  9.043   -11.806 1.00 31.14 ? 353 CYS A C   1 
ATOM   910  O O   . CYS A 1 128 ? 11.699  8.697   -11.235 1.00 29.92 ? 353 CYS A O   1 
ATOM   911  C CB  . CYS A 1 128 ? 14.918  7.887   -11.555 1.00 30.96 ? 353 CYS A CB  1 
ATOM   912  S SG  . CYS A 1 128 ? 16.542  7.708   -10.775 1.00 29.00 ? 353 CYS A SG  1 
ATOM   913  N N   . GLU A 1 129 ? 12.819  9.399   -13.085 1.00 32.42 ? 354 GLU A N   1 
ATOM   914  C CA  . GLU A 1 129 ? 11.709  9.363   -14.016 1.00 33.36 ? 354 GLU A CA  1 
ATOM   915  C C   . GLU A 1 129 ? 11.352  7.924   -14.243 1.00 30.98 ? 354 GLU A C   1 
ATOM   916  O O   . GLU A 1 129 ? 12.220  7.091   -14.390 1.00 30.64 ? 354 GLU A O   1 
ATOM   917  C CB  . GLU A 1 129 ? 12.147  10.003  -15.334 1.00 38.16 ? 354 GLU A CB  1 
ATOM   918  C CG  . GLU A 1 129 ? 11.058  10.217  -16.374 1.00 42.72 ? 354 GLU A CG  1 
ATOM   919  C CD  . GLU A 1 129 ? 11.602  10.762  -17.691 1.00 46.31 ? 354 GLU A CD  1 
ATOM   920  O OE1 . GLU A 1 129 ? 12.544  10.164  -18.259 1.00 50.75 ? 354 GLU A OE1 1 
ATOM   921  O OE2 . GLU A 1 129 ? 11.092  11.791  -18.160 1.00 46.46 ? 354 GLU A OE2 1 
ATOM   922  N N   . LEU A 1 130 ? 10.070  7.622   -14.243 1.00 31.12 ? 355 LEU A N   1 
ATOM   923  C CA  . LEU A 1 130 ? 9.620   6.282   -14.550 1.00 30.33 ? 355 LEU A CA  1 
ATOM   924  C C   . LEU A 1 130 ? 9.488   6.151   -16.043 1.00 32.37 ? 355 LEU A C   1 
ATOM   925  O O   . LEU A 1 130 ? 8.730   6.892   -16.672 1.00 30.56 ? 355 LEU A O   1 
ATOM   926  C CB  . LEU A 1 130 ? 8.271   6.008   -13.900 1.00 29.31 ? 355 LEU A CB  1 
ATOM   927  C CG  . LEU A 1 130 ? 7.878   4.531   -13.865 1.00 29.56 ? 355 LEU A CG  1 
ATOM   928  C CD1 . LEU A 1 130 ? 8.809   3.668   -12.992 1.00 28.21 ? 355 LEU A CD1 1 
ATOM   929  C CD2 . LEU A 1 130 ? 6.422   4.432   -13.405 1.00 30.49 ? 355 LEU A CD2 1 
ATOM   930  N N   . ARG A 1 131 ? 10.225  5.201   -16.610 1.00 37.19 ? 356 ARG A N   1 
ATOM   931  C CA  . ARG A 1 131 ? 10.174  4.913   -18.059 1.00 40.35 ? 356 ARG A CA  1 
ATOM   932  C C   . ARG A 1 131 ? 8.726   4.569   -18.471 1.00 38.58 ? 356 ARG A C   1 
ATOM   933  O O   . ARG A 1 131 ? 8.114   3.686   -17.883 1.00 41.97 ? 356 ARG A O   1 
ATOM   934  C CB  . ARG A 1 131 ? 11.130  3.753   -18.383 1.00 43.46 ? 356 ARG A CB  1 
ATOM   935  C CG  . ARG A 1 131 ? 11.966  3.894   -19.647 1.00 46.72 ? 356 ARG A CG  1 
ATOM   936  C CD  . ARG A 1 131 ? 12.917  2.700   -19.760 1.00 49.21 ? 356 ARG A CD  1 
ATOM   937  N NE  . ARG A 1 131 ? 12.155  1.452   -19.721 1.00 52.76 ? 356 ARG A NE  1 
ATOM   938  C CZ  . ARG A 1 131 ? 12.638  0.241   -19.447 1.00 53.70 ? 356 ARG A CZ  1 
ATOM   939  N NH1 . ARG A 1 131 ? 13.928  0.052   -19.185 1.00 55.88 ? 356 ARG A NH1 1 
ATOM   940  N NH2 . ARG A 1 131 ? 11.804  -0.795  -19.450 1.00 49.95 ? 356 ARG A NH2 1 
ATOM   941  N N   . ALA A 1 132 ? 8.185   5.265   -19.472 1.00 35.57 ? 357 ALA A N   1 
ATOM   942  C CA  . ALA A 1 132 ? 6.761   5.165   -19.815 1.00 33.38 ? 357 ALA A CA  1 
ATOM   943  C C   . ALA A 1 132 ? 6.209   3.754   -20.038 1.00 31.68 ? 357 ALA A C   1 
ATOM   944  O O   . ALA A 1 132 ? 5.052   3.527   -19.755 1.00 32.25 ? 357 ALA A O   1 
ATOM   945  C CB  . ALA A 1 132 ? 6.436   6.039   -21.020 1.00 33.66 ? 357 ALA A CB  1 
ATOM   946  N N   . ASP A 1 133 ? 7.002   2.816   -20.545 1.00 31.75 ? 358 ASP A N   1 
ATOM   947  C CA  . ASP A 1 133 ? 6.511   1.435   -20.722 1.00 33.08 ? 358 ASP A CA  1 
ATOM   948  C C   . ASP A 1 133 ? 6.202   0.750   -19.384 1.00 33.63 ? 358 ASP A C   1 
ATOM   949  O O   . ASP A 1 133 ? 5.434   -0.227  -19.322 1.00 34.14 ? 358 ASP A O   1 
ATOM   950  C CB  . ASP A 1 133 ? 7.487   0.556   -21.535 1.00 34.28 ? 358 ASP A CB  1 
ATOM   951  C CG  . ASP A 1 133 ? 8.891   0.522   -20.954 1.00 34.48 ? 358 ASP A CG  1 
ATOM   952  O OD1 . ASP A 1 133 ? 9.392   -0.583  -20.647 1.00 32.22 ? 358 ASP A OD1 1 
ATOM   953  O OD2 . ASP A 1 133 ? 9.487   1.613   -20.798 1.00 36.07 ? 358 ASP A OD2 1 
ATOM   954  N N   . LEU A 1 134 ? 6.799   1.270   -18.315 1.00 32.42 ? 359 LEU A N   1 
ATOM   955  C CA  . LEU A 1 134 ? 6.631   0.692   -16.988 1.00 31.81 ? 359 LEU A CA  1 
ATOM   956  C C   . LEU A 1 134 ? 5.279   1.034   -16.319 1.00 31.35 ? 359 LEU A C   1 
ATOM   957  O O   . LEU A 1 134 ? 4.978   0.505   -15.263 1.00 33.09 ? 359 LEU A O   1 
ATOM   958  C CB  . LEU A 1 134 ? 7.797   1.118   -16.096 1.00 31.14 ? 359 LEU A CB  1 
ATOM   959  C CG  . LEU A 1 134 ? 9.062   0.268   -16.021 1.00 31.26 ? 359 LEU A CG  1 
ATOM   960  C CD1 . LEU A 1 134 ? 9.315   -0.563  -17.246 1.00 33.45 ? 359 LEU A CD1 1 
ATOM   961  C CD2 . LEU A 1 134 ? 10.243  1.177   -15.768 1.00 31.19 ? 359 LEU A CD2 1 
ATOM   962  N N   . LEU A 1 135 ? 4.479   1.906   -16.928 1.00 29.54 ? 360 LEU A N   1 
ATOM   963  C CA  . LEU A 1 135 ? 3.116   2.182   -16.460 1.00 29.56 ? 360 LEU A CA  1 
ATOM   964  C C   . LEU A 1 135 ? 2.053   1.151   -16.859 1.00 28.59 ? 360 LEU A C   1 
ATOM   965  O O   . LEU A 1 135 ? 0.980   1.092   -16.234 1.00 28.66 ? 360 LEU A O   1 
ATOM   966  C CB  . LEU A 1 135 ? 2.674   3.532   -17.002 1.00 30.98 ? 360 LEU A CB  1 
ATOM   967  C CG  . LEU A 1 135 ? 3.454   4.701   -16.404 1.00 31.84 ? 360 LEU A CG  1 
ATOM   968  C CD1 . LEU A 1 135 ? 3.169   5.949   -17.223 1.00 31.60 ? 360 LEU A CD1 1 
ATOM   969  C CD2 . LEU A 1 135 ? 3.074   4.890   -14.932 1.00 31.58 ? 360 LEU A CD2 1 
ATOM   970  N N   . ARG A 1 136 ? 2.359   0.376   -17.899 1.00 26.53 ? 361 ARG A N   1 
ATOM   971  C CA  . ARG A 1 136 ? 1.476   -0.642  -18.455 1.00 25.75 ? 361 ARG A CA  1 
ATOM   972  C C   . ARG A 1 136 ? 0.748   -1.413  -17.355 1.00 25.35 ? 361 ARG A C   1 
ATOM   973  O O   . ARG A 1 136 ? -0.481  -1.316  -17.247 1.00 27.81 ? 361 ARG A O   1 
ATOM   974  C CB  . ARG A 1 136 ? 2.275   -1.597  -19.379 1.00 25.68 ? 361 ARG A CB  1 
ATOM   975  N N   . LEU A 1 137 ? 1.491   -2.131  -16.510 1.00 23.95 ? 362 LEU A N   1 
ATOM   976  C CA  . LEU A 1 137 ? 0.869   -2.904  -15.422 1.00 23.93 ? 362 LEU A CA  1 
ATOM   977  C C   . LEU A 1 137 ? -0.031  -2.047  -14.489 1.00 24.37 ? 362 LEU A C   1 
ATOM   978  O O   . LEU A 1 137 ? 0.349   -0.949  -14.033 1.00 24.27 ? 362 LEU A O   1 
ATOM   979  C CB  . LEU A 1 137 ? 1.913   -3.669  -14.608 1.00 24.18 ? 362 LEU A CB  1 
ATOM   980  C CG  . LEU A 1 137 ? 1.336   -4.588  -13.501 1.00 25.66 ? 362 LEU A CG  1 
ATOM   981  C CD1 . LEU A 1 137 ? 0.378   -5.617  -14.108 1.00 25.10 ? 362 LEU A CD1 1 
ATOM   982  C CD2 . LEU A 1 137 ? 2.412   -5.264  -12.628 1.00 24.74 ? 362 LEU A CD2 1 
ATOM   983  N N   . ARG A 1 138 ? -1.240  -2.546  -14.241 1.00 22.86 ? 363 ARG A N   1 
ATOM   984  C CA  . ARG A 1 138 ? -2.163  -1.895  -13.305 1.00 22.59 ? 363 ARG A CA  1 
ATOM   985  C C   . ARG A 1 138 ? -1.555  -1.723  -11.930 1.00 20.92 ? 363 ARG A C   1 
ATOM   986  O O   . ARG A 1 138 ? -0.796  -2.578  -11.500 1.00 21.48 ? 363 ARG A O   1 
ATOM   987  C CB  . ARG A 1 138 ? -3.428  -2.728  -13.170 1.00 22.59 ? 363 ARG A CB  1 
ATOM   988  C CG  . ARG A 1 138 ? -4.329  -2.247  -12.056 1.00 22.05 ? 363 ARG A CG  1 
ATOM   989  C CD  . ARG A 1 138 ? -5.593  -3.056  -12.075 1.00 21.92 ? 363 ARG A CD  1 
ATOM   990  N NE  . ARG A 1 138 ? -5.398  -4.384  -11.524 1.00 21.48 ? 363 ARG A NE  1 
ATOM   991  C CZ  . ARG A 1 138 ? -5.390  -4.654  -10.228 1.00 21.22 ? 363 ARG A CZ  1 
ATOM   992  N NH1 . ARG A 1 138 ? -5.519  -3.684  -9.331  1.00 20.89 ? 363 ARG A NH1 1 
ATOM   993  N NH2 . ARG A 1 138 ? -5.222  -5.903  -9.830  1.00 22.12 ? 363 ARG A NH2 1 
ATOM   994  N N   . PHE A 1 139 ? -1.883  -0.635  -11.240 1.00 20.42 ? 364 PHE A N   1 
ATOM   995  C CA  . PHE A 1 139 ? -1.298  -0.367  -9.912  1.00 20.78 ? 364 PHE A CA  1 
ATOM   996  C C   . PHE A 1 139 ? -1.927  -1.337  -8.922  1.00 22.21 ? 364 PHE A C   1 
ATOM   997  O O   . PHE A 1 139 ? -3.158  -1.355  -8.757  1.00 22.73 ? 364 PHE A O   1 
ATOM   998  C CB  . PHE A 1 139 ? -1.483  1.092   -9.484  1.00 20.06 ? 364 PHE A CB  1 
ATOM   999  C CG  . PHE A 1 139 ? -0.763  2.080   -10.372 1.00 20.47 ? 364 PHE A CG  1 
ATOM   1000 C CD1 . PHE A 1 139 ? 0.547   1.865   -10.771 1.00 21.01 ? 364 PHE A CD1 1 
ATOM   1001 C CD2 . PHE A 1 139 ? -1.392  3.219   -10.831 1.00 20.29 ? 364 PHE A CD2 1 
ATOM   1002 C CE1 . PHE A 1 139 ? 1.210   2.773   -11.589 1.00 20.42 ? 364 PHE A CE1 1 
ATOM   1003 C CE2 . PHE A 1 139 ? -0.735  4.113   -11.658 1.00 19.26 ? 364 PHE A CE2 1 
ATOM   1004 C CZ  . PHE A 1 139 ? 0.563   3.896   -12.032 1.00 19.45 ? 364 PHE A CZ  1 
ATOM   1005 N N   . GLN A 1 140 ? -1.096  -2.167  -8.289  1.00 23.10 ? 365 GLN A N   1 
ATOM   1006 C CA  . GLN A 1 140 ? -1.610  -3.346  -7.554  1.00 24.62 ? 365 GLN A CA  1 
ATOM   1007 C C   . GLN A 1 140 ? -2.309  -3.094  -6.220  1.00 23.47 ? 365 GLN A C   1 
ATOM   1008 O O   . GLN A 1 140 ? -3.203  -3.839  -5.852  1.00 23.60 ? 365 GLN A O   1 
ATOM   1009 C CB  . GLN A 1 140 ? -0.491  -4.379  -7.370  1.00 24.88 ? 365 GLN A CB  1 
ATOM   1010 C CG  . GLN A 1 140 ? -0.024  -4.957  -8.694  1.00 24.15 ? 365 GLN A CG  1 
ATOM   1011 C CD  . GLN A 1 140 ? -1.150  -5.684  -9.369  1.00 23.98 ? 365 GLN A CD  1 
ATOM   1012 O OE1 . GLN A 1 140 ? -1.759  -6.552  -8.755  1.00 24.46 ? 365 GLN A OE1 1 
ATOM   1013 N NE2 . GLN A 1 140 ? -1.462  -5.321  -10.622 1.00 23.79 ? 365 GLN A NE2 1 
ATOM   1014 N N   . ALA A 1 141 ? -1.925  -2.035  -5.523  1.00 24.25 ? 366 ALA A N   1 
ATOM   1015 C CA  . ALA A 1 141 ? -2.418  -1.775  -4.159  1.00 24.36 ? 366 ALA A CA  1 
ATOM   1016 C C   . ALA A 1 141 ? -3.787  -1.137  -4.174  1.00 25.00 ? 366 ALA A C   1 
ATOM   1017 O O   . ALA A 1 141 ? -3.986  -0.140  -4.824  1.00 26.15 ? 366 ALA A O   1 
ATOM   1018 C CB  . ALA A 1 141 ? -1.445  -0.874  -3.420  1.00 23.20 ? 366 ALA A CB  1 
ATOM   1019 N N   . MET A 1 142 ? -4.737  -1.709  -3.457  1.00 27.42 ? 367 MET A N   1 
ATOM   1020 C CA  . MET A 1 142 ? -6.032  -1.067  -3.274  1.00 28.09 ? 367 MET A CA  1 
ATOM   1021 C C   . MET A 1 142 ? -6.241  -0.739  -1.797  1.00 28.19 ? 367 MET A C   1 
ATOM   1022 O O   . MET A 1 142 ? -6.140  -1.623  -0.905  1.00 27.37 ? 367 MET A O   1 
ATOM   1023 C CB  . MET A 1 142 ? -7.179  -1.972  -3.753  1.00 29.32 ? 367 MET A CB  1 
ATOM   1024 C CG  . MET A 1 142 ? -8.570  -1.474  -3.322  1.00 30.66 ? 367 MET A CG  1 
ATOM   1025 S SD  . MET A 1 142 ? -9.963  -2.341  -4.100  1.00 33.69 ? 367 MET A SD  1 
ATOM   1026 C CE  . MET A 1 142 ? -10.104 -3.796  -3.023  1.00 32.53 ? 367 MET A CE  1 
ATOM   1027 N N   . GLU A 1 143 ? -6.563  0.530   -1.552  1.00 26.52 ? 368 GLU A N   1 
ATOM   1028 C CA  . GLU A 1 143 ? -6.941  0.993   -0.225  1.00 26.47 ? 368 GLU A CA  1 
ATOM   1029 C C   . GLU A 1 143 ? -8.265  0.419   0.256   1.00 26.49 ? 368 GLU A C   1 
ATOM   1030 O O   . GLU A 1 143 ? -9.257  0.416   -0.468  1.00 25.90 ? 368 GLU A O   1 
ATOM   1031 C CB  . GLU A 1 143 ? -7.049  2.500   -0.175  1.00 26.89 ? 368 GLU A CB  1 
ATOM   1032 C CG  . GLU A 1 143 ? -7.161  2.990   1.250   1.00 29.49 ? 368 GLU A CG  1 
ATOM   1033 C CD  . GLU A 1 143 ? -7.232  4.490   1.340   1.00 30.32 ? 368 GLU A CD  1 
ATOM   1034 O OE1 . GLU A 1 143 ? -7.143  5.163   0.277   1.00 30.58 ? 368 GLU A OE1 1 
ATOM   1035 O OE2 . GLU A 1 143 ? -7.393  4.972   2.483   1.00 29.83 ? 368 GLU A OE2 1 
ATOM   1036 N N   . CYS A 1 144 ? -8.257  -0.035  1.506   1.00 25.84 ? 369 CYS A N   1 
ATOM   1037 C CA  . CYS A 1 144 ? -9.423  -0.593  2.157   1.00 24.96 ? 369 CYS A CA  1 
ATOM   1038 C C   . CYS A 1 144 ? -9.522  -0.095  3.595   1.00 24.93 ? 369 CYS A C   1 
ATOM   1039 O O   . CYS A 1 144 ? -8.662  0.612   4.103   1.00 25.58 ? 369 CYS A O   1 
ATOM   1040 C CB  . CYS A 1 144 ? -9.299  -2.113  2.204   1.00 24.57 ? 369 CYS A CB  1 
ATOM   1041 S SG  . CYS A 1 144 ? -9.084  -2.911  0.625   1.00 23.76 ? 369 CYS A SG  1 
ATOM   1042 N N   . PHE A 1 145 ? -10.585 -0.501  4.252   1.00 24.68 ? 370 PHE A N   1 
ATOM   1043 C CA  . PHE A 1 145 ? -10.691 -0.338  5.674   1.00 25.06 ? 370 PHE A CA  1 
ATOM   1044 C C   . PHE A 1 145 ? -11.504 -1.508  6.159   1.00 23.85 ? 370 PHE A C   1 
ATOM   1045 O O   . PHE A 1 145 ? -12.196 -2.150  5.387   1.00 21.32 ? 370 PHE A O   1 
ATOM   1046 C CB  . PHE A 1 145 ? -11.340 1.017   6.039   1.00 25.69 ? 370 PHE A CB  1 
ATOM   1047 C CG  . PHE A 1 145 ? -12.830 1.064   5.846   1.00 25.07 ? 370 PHE A CG  1 
ATOM   1048 C CD1 . PHE A 1 145 ? -13.689 0.671   6.867   1.00 24.39 ? 370 PHE A CD1 1 
ATOM   1049 C CD2 . PHE A 1 145 ? -13.368 1.524   4.651   1.00 25.20 ? 370 PHE A CD2 1 
ATOM   1050 C CE1 . PHE A 1 145 ? -15.062 0.715   6.693   1.00 24.49 ? 370 PHE A CE1 1 
ATOM   1051 C CE2 . PHE A 1 145 ? -14.737 1.574   4.475   1.00 25.56 ? 370 PHE A CE2 1 
ATOM   1052 C CZ  . PHE A 1 145 ? -15.588 1.178   5.499   1.00 24.66 ? 370 PHE A CZ  1 
ATOM   1053 N N   . LEU A 1 146 ? -11.399 -1.773  7.448   1.00 25.29 ? 371 LEU A N   1 
ATOM   1054 C CA  . LEU A 1 146 ? -11.976 -2.972  8.049   1.00 26.28 ? 371 LEU A CA  1 
ATOM   1055 C C   . LEU A 1 146 ? -13.404 -2.681  8.485   1.00 25.37 ? 371 LEU A C   1 
ATOM   1056 O O   . LEU A 1 146 ? -13.661 -1.855  9.369   1.00 24.46 ? 371 LEU A O   1 
ATOM   1057 C CB  . LEU A 1 146 ? -11.119 -3.425  9.245   1.00 27.63 ? 371 LEU A CB  1 
ATOM   1058 C CG  . LEU A 1 146 ? -11.267 -4.874  9.705   1.00 27.80 ? 371 LEU A CG  1 
ATOM   1059 C CD1 . LEU A 1 146 ? -10.781 -5.836  8.613   1.00 28.55 ? 371 LEU A CD1 1 
ATOM   1060 C CD2 . LEU A 1 146 ? -10.499 -5.063  11.009  1.00 26.40 ? 371 LEU A CD2 1 
ATOM   1061 N N   . ALA A 1 147 ? -14.325 -3.363  7.833   1.00 26.22 ? 372 ALA A N   1 
ATOM   1062 C CA  . ALA A 1 147 ? -15.734 -3.195  8.092   1.00 28.28 ? 372 ALA A CA  1 
ATOM   1063 C C   . ALA A 1 147 ? -16.123 -3.724  9.462   1.00 29.46 ? 372 ALA A C   1 
ATOM   1064 O O   . ALA A 1 147 ? -15.533 -4.666  9.979   1.00 29.54 ? 372 ALA A O   1 
ATOM   1065 C CB  . ALA A 1 147 ? -16.522 -3.926  7.020   1.00 29.55 ? 372 ALA A CB  1 
ATOM   1066 N N   . GLY A 1 148 ? -17.133 -3.112  10.052  1.00 32.69 ? 373 GLY A N   1 
ATOM   1067 C CA  . GLY A 1 148 ? -17.741 -3.658  11.259  1.00 35.60 ? 373 GLY A CA  1 
ATOM   1068 C C   . GLY A 1 148 ? -17.180 -3.084  12.549  1.00 37.68 ? 373 GLY A C   1 
ATOM   1069 O O   . GLY A 1 148 ? -17.937 -2.877  13.508  1.00 40.30 ? 373 GLY A O   1 
ATOM   1070 N N   . VAL A 1 149 ? -15.874 -2.806  12.572  1.00 36.95 ? 374 VAL A N   1 
ATOM   1071 C CA  . VAL A 1 149 ? -15.163 -2.507  13.809  1.00 36.77 ? 374 VAL A CA  1 
ATOM   1072 C C   . VAL A 1 149 ? -14.614 -1.073  13.827  1.00 37.08 ? 374 VAL A C   1 
ATOM   1073 O O   . VAL A 1 149 ? -14.403 -0.446  12.784  1.00 37.43 ? 374 VAL A O   1 
ATOM   1074 C CB  . VAL A 1 149 ? -14.005 -3.515  14.030  1.00 38.19 ? 374 VAL A CB  1 
ATOM   1075 C CG1 . VAL A 1 149 ? -14.416 -4.928  13.632  1.00 38.11 ? 374 VAL A CG1 1 
ATOM   1076 C CG2 . VAL A 1 149 ? -12.757 -3.110  13.262  1.00 38.12 ? 374 VAL A CG2 1 
ATOM   1077 N N   . ARG A 1 150 ? -14.361 -0.572  15.025  1.00 36.73 ? 375 ARG A N   1 
ATOM   1078 C CA  . ARG A 1 150 ? -13.825 0.771   15.201  1.00 37.63 ? 375 ARG A CA  1 
ATOM   1079 C C   . ARG A 1 150 ? -12.866 0.770   16.426  1.00 38.03 ? 375 ARG A C   1 
ATOM   1080 O O   . ARG A 1 150 ? -12.847 -0.197  17.188  1.00 35.92 ? 375 ARG A O   1 
ATOM   1081 C CB  . ARG A 1 150 ? -14.989 1.779   15.321  1.00 36.42 ? 375 ARG A CB  1 
ATOM   1082 N N   . PRO A 1 151 ? -12.036 1.820   16.584  1.00 40.86 ? 376 PRO A N   1 
ATOM   1083 C CA  . PRO A 1 151 ? -11.053 1.826   17.691  1.00 44.62 ? 376 PRO A CA  1 
ATOM   1084 C C   . PRO A 1 151 ? -11.619 1.943   19.097  1.00 46.03 ? 376 PRO A C   1 
ATOM   1085 O O   . PRO A 1 151 ? -12.316 2.907   19.385  1.00 50.41 ? 376 PRO A O   1 
ATOM   1086 C CB  . PRO A 1 151 ? -10.174 3.063   17.405  1.00 43.89 ? 376 PRO A CB  1 
ATOM   1087 C CG  . PRO A 1 151 ? -10.893 3.855   16.360  1.00 43.77 ? 376 PRO A CG  1 
ATOM   1088 C CD  . PRO A 1 151 ? -11.768 2.891   15.602  1.00 41.95 ? 376 PRO A CD  1 
ATOM   1089 N N   . ALA A 1 152 ? -11.244 0.999   19.961  1.00 50.00 ? 377 ALA A N   1 
ATOM   1090 C CA  . ALA A 1 152 ? -11.580 1.005   21.401  1.00 55.13 ? 377 ALA A CA  1 
ATOM   1091 C C   . ALA A 1 152 ? -11.613 2.389   22.095  1.00 60.27 ? 377 ALA A C   1 
ATOM   1092 O O   . ALA A 1 152 ? -12.467 2.616   22.951  1.00 66.91 ? 377 ALA A O   1 
ATOM   1093 C CB  . ALA A 1 152 ? -10.628 0.086   22.149  1.00 53.27 ? 377 ALA A CB  1 
ATOM   1094 N N   . SER A 1 153 ? -10.692 3.296   21.762  1.00 62.87 ? 378 SER A N   1 
ATOM   1095 C CA  . SER A 1 153 ? -10.785 4.688   22.243  1.00 67.05 ? 378 SER A CA  1 
ATOM   1096 C C   . SER A 1 153 ? -10.057 5.657   21.319  1.00 65.84 ? 378 SER A C   1 
ATOM   1097 O O   . SER A 1 153 ? -8.873  5.481   21.051  1.00 63.82 ? 378 SER A O   1 
ATOM   1098 C CB  . SER A 1 153 ? -10.236 4.815   23.675  1.00 67.13 ? 378 SER A CB  1 
ATOM   1099 N N   . LYS A 1 167 ? -6.476  7.627   16.063  1.00 40.17 ? 392 LYS A N   1 
ATOM   1100 C CA  . LYS A 1 167 ? -7.614  7.061   16.788  1.00 41.34 ? 392 LYS A CA  1 
ATOM   1101 C C   . LYS A 1 167 ? -7.373  5.609   17.234  1.00 40.23 ? 392 LYS A C   1 
ATOM   1102 O O   . LYS A 1 167 ? -7.998  5.177   18.203  1.00 40.94 ? 392 LYS A O   1 
ATOM   1103 C CB  . LYS A 1 167 ? -8.911  7.164   15.952  1.00 43.52 ? 392 LYS A CB  1 
ATOM   1104 N N   . TRP A 1 168 ? -6.490  4.870   16.535  1.00 38.84 ? 393 TRP A N   1 
ATOM   1105 C CA  . TRP A 1 168 ? -6.140  3.469   16.888  1.00 38.11 ? 393 TRP A CA  1 
ATOM   1106 C C   . TRP A 1 168 ? -4.882  3.390   17.748  1.00 39.77 ? 393 TRP A C   1 
ATOM   1107 O O   . TRP A 1 168 ? -3.858  4.029   17.453  1.00 37.70 ? 393 TRP A O   1 
ATOM   1108 C CB  . TRP A 1 168 ? -5.896  2.581   15.646  1.00 36.43 ? 393 TRP A CB  1 
ATOM   1109 C CG  . TRP A 1 168 ? -7.128  2.175   14.858  1.00 35.79 ? 393 TRP A CG  1 
ATOM   1110 C CD1 . TRP A 1 168 ? -7.620  2.791   13.743  1.00 36.11 ? 393 TRP A CD1 1 
ATOM   1111 C CD2 . TRP A 1 168 ? -7.997  1.060   15.111  1.00 34.22 ? 393 TRP A CD2 1 
ATOM   1112 N NE1 . TRP A 1 168 ? -8.741  2.133   13.288  1.00 34.83 ? 393 TRP A NE1 1 
ATOM   1113 C CE2 . TRP A 1 168 ? -9.000  1.075   14.114  1.00 34.63 ? 393 TRP A CE2 1 
ATOM   1114 C CE3 . TRP A 1 168 ? -8.042  0.068   16.096  1.00 33.52 ? 393 TRP A CE3 1 
ATOM   1115 C CZ2 . TRP A 1 168 ? -10.028 0.122   14.062  1.00 35.26 ? 393 TRP A CZ2 1 
ATOM   1116 C CZ3 . TRP A 1 168 ? -9.064  -0.883  16.047  1.00 32.82 ? 393 TRP A CZ3 1 
ATOM   1117 C CH2 . TRP A 1 168 ? -10.036 -0.852  15.033  1.00 34.55 ? 393 TRP A CH2 1 
ATOM   1118 N N   . HIS A 1 169 ? -4.943  2.560   18.786  1.00 40.17 ? 394 HIS A N   1 
ATOM   1119 C CA  . HIS A 1 169 ? -3.801  2.379   19.690  1.00 42.13 ? 394 HIS A CA  1 
ATOM   1120 C C   . HIS A 1 169 ? -2.602  1.650   19.002  1.00 38.82 ? 394 HIS A C   1 
ATOM   1121 O O   . HIS A 1 169 ? -2.762  0.534   18.544  1.00 37.38 ? 394 HIS A O   1 
ATOM   1122 C CB  . HIS A 1 169 ? -4.283  1.596   20.923  1.00 43.45 ? 394 HIS A CB  1 
ATOM   1123 C CG  . HIS A 1 169 ? -3.281  1.530   22.036  1.00 45.44 ? 394 HIS A CG  1 
ATOM   1124 N ND1 . HIS A 1 169 ? -2.189  0.693   21.998  1.00 46.67 ? 394 HIS A ND1 1 
ATOM   1125 C CD2 . HIS A 1 169 ? -3.209  2.188   23.215  1.00 45.95 ? 394 HIS A CD2 1 
ATOM   1126 C CE1 . HIS A 1 169 ? -1.486  0.833   23.104  1.00 45.72 ? 394 HIS A CE1 1 
ATOM   1127 N NE2 . HIS A 1 169 ? -2.084  1.737   23.858  1.00 48.28 ? 394 HIS A NE2 1 
ATOM   1128 N N   . PRO A 1 170 ? -1.385  2.248   18.983  1.00 37.70 ? 395 PRO A N   1 
ATOM   1129 C CA  . PRO A 1 170 ? -0.235  1.620   18.255  1.00 36.03 ? 395 PRO A CA  1 
ATOM   1130 C C   . PRO A 1 170 ? -0.137  0.081   18.330  1.00 32.80 ? 395 PRO A C   1 
ATOM   1131 O O   . PRO A 1 170 ? 0.121   -0.563  17.317  1.00 30.19 ? 395 PRO A O   1 
ATOM   1132 C CB  . PRO A 1 170 ? 1.005   2.243   18.926  1.00 35.55 ? 395 PRO A CB  1 
ATOM   1133 C CG  . PRO A 1 170 ? 0.521   3.516   19.550  1.00 35.63 ? 395 PRO A CG  1 
ATOM   1134 C CD  . PRO A 1 170 ? -0.941  3.343   19.869  1.00 37.00 ? 395 PRO A CD  1 
ATOM   1135 N N   . GLN A 1 171 ? -0.319  -0.491  19.520  1.00 30.77 ? 396 GLN A N   1 
ATOM   1136 C CA  . GLN A 1 171 ? -0.199  -1.936  19.704  1.00 30.16 ? 396 GLN A CA  1 
ATOM   1137 C C   . GLN A 1 171 ? -1.417  -2.674  19.188  1.00 30.74 ? 396 GLN A C   1 
ATOM   1138 O O   . GLN A 1 171 ? -1.361  -3.873  19.016  1.00 33.37 ? 396 GLN A O   1 
ATOM   1139 C CB  . GLN A 1 171 ? 0.091   -2.307  21.161  1.00 29.15 ? 396 GLN A CB  1 
ATOM   1140 N N   . ALA A 1 172 ? -2.510  -1.972  18.920  1.00 30.88 ? 397 ALA A N   1 
ATOM   1141 C CA  . ALA A 1 172 ? -3.640  -2.542  18.157  1.00 30.73 ? 397 ALA A CA  1 
ATOM   1142 C C   . ALA A 1 172 ? -3.337  -2.643  16.664  1.00 30.16 ? 397 ALA A C   1 
ATOM   1143 O O   . ALA A 1 172 ? -3.733  -3.609  15.994  1.00 29.77 ? 397 ALA A O   1 
ATOM   1144 C CB  . ALA A 1 172 ? -4.881  -1.687  18.338  1.00 32.81 ? 397 ALA A CB  1 
ATOM   1145 N N   . VAL A 1 173 ? -2.661  -1.626  16.144  1.00 27.85 ? 398 VAL A N   1 
ATOM   1146 C CA  . VAL A 1 173 ? -2.184  -1.668  14.785  1.00 28.34 ? 398 VAL A CA  1 
ATOM   1147 C C   . VAL A 1 173 ? -1.143  -2.794  14.632  1.00 30.02 ? 398 VAL A C   1 
ATOM   1148 O O   . VAL A 1 173 ? -1.150  -3.502  13.632  1.00 31.41 ? 398 VAL A O   1 
ATOM   1149 C CB  . VAL A 1 173 ? -1.614  -0.311  14.326  1.00 27.81 ? 398 VAL A CB  1 
ATOM   1150 C CG1 . VAL A 1 173 ? -1.249  -0.380  12.871  1.00 28.24 ? 398 VAL A CG1 1 
ATOM   1151 C CG2 . VAL A 1 173 ? -2.607  0.829   14.525  1.00 27.42 ? 398 VAL A CG2 1 
ATOM   1152 N N   . GLU A 1 174 ? -0.272  -2.988  15.625  1.00 33.34 ? 399 GLU A N   1 
ATOM   1153 C CA  . GLU A 1 174 ? 0.704   -4.098  15.597  1.00 34.23 ? 399 GLU A CA  1 
ATOM   1154 C C   . GLU A 1 174 ? -0.053  -5.409  15.454  1.00 30.00 ? 399 GLU A C   1 
ATOM   1155 O O   . GLU A 1 174 ? 0.204   -6.188  14.537  1.00 29.48 ? 399 GLU A O   1 
ATOM   1156 C CB  . GLU A 1 174 ? 1.608   -4.120  16.861  1.00 40.84 ? 399 GLU A CB  1 
ATOM   1157 C CG  . GLU A 1 174 ? 2.909   -4.939  16.711  1.00 49.49 ? 399 GLU A CG  1 
ATOM   1158 C CD  . GLU A 1 174 ? 3.733   -5.145  18.015  1.00 55.98 ? 399 GLU A CD  1 
ATOM   1159 O OE1 . GLU A 1 174 ? 3.722   -4.294  18.956  1.00 60.03 ? 399 GLU A OE1 1 
ATOM   1160 O OE2 . GLU A 1 174 ? 4.430   -6.189  18.092  1.00 57.10 ? 399 GLU A OE2 1 
ATOM   1161 N N   . ARG A 1 175 ? -1.015  -5.628  16.340  1.00 26.11 ? 400 ARG A N   1 
ATOM   1162 C CA  . ARG A 1 175 ? -1.807  -6.852  16.342  1.00 25.49 ? 400 ARG A CA  1 
ATOM   1163 C C   . ARG A 1 175 ? -2.556  -7.123  15.018  1.00 26.80 ? 400 ARG A C   1 
ATOM   1164 O O   . ARG A 1 175 ? -2.646  -8.279  14.565  1.00 28.05 ? 400 ARG A O   1 
ATOM   1165 C CB  . ARG A 1 175 ? -2.811  -6.793  17.487  1.00 25.21 ? 400 ARG A CB  1 
ATOM   1166 C CG  . ARG A 1 175 ? -3.640  -8.043  17.690  1.00 24.28 ? 400 ARG A CG  1 
ATOM   1167 C CD  . ARG A 1 175 ? -2.742  -9.266  17.755  1.00 24.53 ? 400 ARG A CD  1 
ATOM   1168 N NE  . ARG A 1 175 ? -3.463  -10.432 18.209  1.00 24.78 ? 400 ARG A NE  1 
ATOM   1169 C CZ  . ARG A 1 175 ? -2.994  -11.671 18.171  1.00 26.60 ? 400 ARG A CZ  1 
ATOM   1170 N NH1 . ARG A 1 175 ? -1.774  -11.955 17.698  1.00 25.84 ? 400 ARG A NH1 1 
ATOM   1171 N NH2 . ARG A 1 175 ? -3.770  -12.649 18.610  1.00 28.53 ? 400 ARG A NH2 1 
ATOM   1172 N N   . PHE A 1 176 ? -3.081  -6.063  14.400  1.00 26.64 ? 401 PHE A N   1 
ATOM   1173 C CA  . PHE A 1 176 ? -3.697  -6.150  13.068  1.00 25.19 ? 401 PHE A CA  1 
ATOM   1174 C C   . PHE A 1 176 ? -2.692  -6.610  12.018  1.00 24.11 ? 401 PHE A C   1 
ATOM   1175 O O   . PHE A 1 176 ? -3.003  -7.497  11.217  1.00 22.79 ? 401 PHE A O   1 
ATOM   1176 C CB  . PHE A 1 176 ? -4.346  -4.804  12.677  1.00 25.57 ? 401 PHE A CB  1 
ATOM   1177 C CG  . PHE A 1 176 ? -5.004  -4.803  11.311  1.00 25.59 ? 401 PHE A CG  1 
ATOM   1178 C CD1 . PHE A 1 176 ? -5.941  -5.758  10.974  1.00 25.27 ? 401 PHE A CD1 1 
ATOM   1179 C CD2 . PHE A 1 176 ? -4.687  -3.823  10.364  1.00 26.74 ? 401 PHE A CD2 1 
ATOM   1180 C CE1 . PHE A 1 176 ? -6.531  -5.763  9.720   1.00 25.13 ? 401 PHE A CE1 1 
ATOM   1181 C CE2 . PHE A 1 176 ? -5.279  -3.818  9.111   1.00 25.60 ? 401 PHE A CE2 1 
ATOM   1182 C CZ  . PHE A 1 176 ? -6.201  -4.793  8.788   1.00 24.77 ? 401 PHE A CZ  1 
ATOM   1183 N N   . GLU A 1 177 ? -1.491  -6.033  12.042  1.00 25.02 ? 402 GLU A N   1 
ATOM   1184 C CA  . GLU A 1 177 ? -0.383  -6.447  11.139  1.00 26.06 ? 402 GLU A CA  1 
ATOM   1185 C C   . GLU A 1 177 ? -0.020  -7.926  11.317  1.00 26.68 ? 402 GLU A C   1 
ATOM   1186 O O   . GLU A 1 177 ? 0.297   -8.627  10.361  1.00 26.18 ? 402 GLU A O   1 
ATOM   1187 C CB  . GLU A 1 177 ? 0.870   -5.589  11.389  1.00 28.18 ? 402 GLU A CB  1 
ATOM   1188 C CG  . GLU A 1 177 ? 0.682   -4.104  11.047  1.00 31.89 ? 402 GLU A CG  1 
ATOM   1189 C CD  . GLU A 1 177 ? 1.883   -3.207  11.326  1.00 32.56 ? 402 GLU A CD  1 
ATOM   1190 O OE1 . GLU A 1 177 ? 2.530   -3.342  12.384  1.00 33.95 ? 402 GLU A OE1 1 
ATOM   1191 O OE2 . GLU A 1 177 ? 2.151   -2.323  10.484  1.00 37.33 ? 402 GLU A OE2 1 
ATOM   1192 N N   . GLU A 1 178 ? -0.079  -8.409  12.552  1.00 27.32 ? 403 GLU A N   1 
ATOM   1193 C CA  . GLU A 1 178 ? 0.158   -9.814  12.812  1.00 27.10 ? 403 GLU A CA  1 
ATOM   1194 C C   . GLU A 1 178 ? -0.918  -10.686 12.218  1.00 27.99 ? 403 GLU A C   1 
ATOM   1195 O O   . GLU A 1 178 ? -0.627  -11.607 11.453  1.00 30.25 ? 403 GLU A O   1 
ATOM   1196 C CB  . GLU A 1 178 ? 0.203   -10.073 14.307  1.00 27.48 ? 403 GLU A CB  1 
ATOM   1197 C CG  . GLU A 1 178 ? 1.429   -9.487  14.988  1.00 27.45 ? 403 GLU A CG  1 
ATOM   1198 C CD  . GLU A 1 178 ? 1.354   -9.596  16.487  1.00 27.13 ? 403 GLU A CD  1 
ATOM   1199 O OE1 . GLU A 1 178 ? 0.319   -10.084 17.011  1.00 26.11 ? 403 GLU A OE1 1 
ATOM   1200 O OE2 . GLU A 1 178 ? 2.336   -9.191  17.130  1.00 29.03 ? 403 GLU A OE2 1 
ATOM   1201 N N   . LEU A 1 179 ? -2.164  -10.418 12.577  1.00 27.40 ? 404 LEU A N   1 
ATOM   1202 C CA  . LEU A 1 179 ? -3.256  -11.303 12.167  1.00 27.92 ? 404 LEU A CA  1 
ATOM   1203 C C   . LEU A 1 179 ? -3.350  -11.385 10.643  1.00 27.42 ? 404 LEU A C   1 
ATOM   1204 O O   . LEU A 1 179 ? -3.655  -12.454 10.097  1.00 30.84 ? 404 LEU A O   1 
ATOM   1205 C CB  . LEU A 1 179 ? -4.591  -10.839 12.771  1.00 28.02 ? 404 LEU A CB  1 
ATOM   1206 C CG  . LEU A 1 179 ? -4.646  -10.826 14.303  1.00 28.16 ? 404 LEU A CG  1 
ATOM   1207 C CD1 . LEU A 1 179 ? -5.766  -9.925  14.804  1.00 29.83 ? 404 LEU A CD1 1 
ATOM   1208 C CD2 . LEU A 1 179 ? -4.816  -12.234 14.833  1.00 28.01 ? 404 LEU A CD2 1 
ATOM   1209 N N   . THR A 1 180 ? -3.068  -10.266 9.971   1.00 25.82 ? 405 THR A N   1 
ATOM   1210 C CA  . THR A 1 180 ? -3.034  -10.201 8.510   1.00 25.75 ? 405 THR A CA  1 
ATOM   1211 C C   . THR A 1 180 ? -1.703  -10.597 7.857   1.00 28.33 ? 405 THR A C   1 
ATOM   1212 O O   . THR A 1 180 ? -1.643  -10.749 6.634   1.00 29.01 ? 405 THR A O   1 
ATOM   1213 C CB  . THR A 1 180 ? -3.394  -8.795  8.013   1.00 24.33 ? 405 THR A CB  1 
ATOM   1214 O OG1 . THR A 1 180 ? -2.454  -7.834  8.502   1.00 21.73 ? 405 THR A OG1 1 
ATOM   1215 C CG2 . THR A 1 180 ? -4.785  -8.434  8.478   1.00 25.40 ? 405 THR A CG2 1 
ATOM   1216 N N   . GLN A 1 181 ? -0.648  -10.745 8.660   1.00 32.12 ? 406 GLN A N   1 
ATOM   1217 C CA  . GLN A 1 181 ? 0.680   -11.190 8.195   1.00 34.21 ? 406 GLN A CA  1 
ATOM   1218 C C   . GLN A 1 181 ? 1.120   -10.355 7.036   1.00 32.10 ? 406 GLN A C   1 
ATOM   1219 O O   . GLN A 1 181 ? 1.604   -10.845 6.022   1.00 31.15 ? 406 GLN A O   1 
ATOM   1220 C CB  . GLN A 1 181 ? 0.676   -12.691 7.897   1.00 37.33 ? 406 GLN A CB  1 
ATOM   1221 C CG  . GLN A 1 181 ? 0.705   -13.462 9.215   1.00 40.99 ? 406 GLN A CG  1 
ATOM   1222 C CD  . GLN A 1 181 ? -0.016  -14.774 9.148   1.00 44.42 ? 406 GLN A CD  1 
ATOM   1223 O OE1 . GLN A 1 181 ? -1.240  -14.846 9.350   1.00 54.06 ? 406 GLN A OE1 1 
ATOM   1224 N NE2 . GLN A 1 181 ? 0.728   -15.828 8.860   1.00 43.99 ? 406 GLN A NE2 1 
ATOM   1225 N N   . VAL A 1 182 ? 0.909   -9.058  7.242   1.00 31.23 ? 407 VAL A N   1 
ATOM   1226 C CA  . VAL A 1 182 ? 1.130   -8.015  6.248   1.00 28.73 ? 407 VAL A CA  1 
ATOM   1227 C C   . VAL A 1 182 ? 2.465   -8.188  5.505   1.00 29.44 ? 407 VAL A C   1 
ATOM   1228 O O   . VAL A 1 182 ? 3.505   -8.501  6.103   1.00 28.41 ? 407 VAL A O   1 
ATOM   1229 C CB  . VAL A 1 182 ? 1.010   -6.626  6.918   1.00 25.50 ? 407 VAL A CB  1 
ATOM   1230 C CG1 . VAL A 1 182 ? 2.002   -6.473  8.067   1.00 23.75 ? 407 VAL A CG1 1 
ATOM   1231 C CG2 . VAL A 1 182 ? 1.194   -5.536  5.894   1.00 25.45 ? 407 VAL A CG2 1 
ATOM   1232 N N   . ALA A 1 183 ? 2.418   -8.008  4.189   1.00 32.28 ? 408 ALA A N   1 
ATOM   1233 C CA  . ALA A 1 183 ? 3.617   -8.094  3.337   1.00 33.86 ? 408 ALA A CA  1 
ATOM   1234 C C   . ALA A 1 183 ? 4.341   -9.445  3.361   1.00 34.72 ? 408 ALA A C   1 
ATOM   1235 O O   . ALA A 1 183 ? 5.471   -9.519  2.899   1.00 36.85 ? 408 ALA A O   1 
ATOM   1236 C CB  . ALA A 1 183 ? 4.598   -6.985  3.688   1.00 32.51 ? 408 ALA A CB  1 
ATOM   1237 N N   . ARG A 1 184 ? 3.703   -10.498 3.868   1.00 36.16 ? 409 ARG A N   1 
ATOM   1238 C CA  . ARG A 1 184 ? 4.278   -11.845 3.841   1.00 38.29 ? 409 ARG A CA  1 
ATOM   1239 C C   . ARG A 1 184 ? 3.503   -12.843 2.959   1.00 37.67 ? 409 ARG A C   1 
ATOM   1240 O O   . ARG A 1 184 ? 3.652   -14.049 3.105   1.00 38.58 ? 409 ARG A O   1 
ATOM   1241 C CB  . ARG A 1 184 ? 4.461   -12.364 5.261   1.00 40.17 ? 409 ARG A CB  1 
ATOM   1242 C CG  . ARG A 1 184 ? 5.616   -11.658 5.965   1.00 44.55 ? 409 ARG A CG  1 
ATOM   1243 C CD  . ARG A 1 184 ? 5.403   -11.628 7.473   1.00 47.95 ? 409 ARG A CD  1 
ATOM   1244 N NE  . ARG A 1 184 ? 5.420   -12.975 8.049   1.00 48.22 ? 409 ARG A NE  1 
ATOM   1245 C CZ  . ARG A 1 184 ? 4.872   -13.320 9.212   1.00 49.63 ? 409 ARG A CZ  1 
ATOM   1246 N NH1 . ARG A 1 184 ? 4.209   -12.428 9.961   1.00 48.04 ? 409 ARG A NH1 1 
ATOM   1247 N NH2 . ARG A 1 184 ? 4.988   -14.580 9.630   1.00 50.24 ? 409 ARG A NH2 1 
ATOM   1248 N N   . TRP A 1 185 ? 2.732   -12.329 2.006   1.00 40.05 ? 410 TRP A N   1 
ATOM   1249 C CA  . TRP A 1 185 ? 2.066   -13.152 0.983   1.00 40.79 ? 410 TRP A CA  1 
ATOM   1250 C C   . TRP A 1 185 ? 1.238   -14.306 1.589   1.00 37.19 ? 410 TRP A C   1 
ATOM   1251 O O   . TRP A 1 185 ? 1.275   -15.449 1.112   1.00 33.37 ? 410 TRP A O   1 
ATOM   1252 C CB  . TRP A 1 185 ? 3.102   -13.646 -0.030  1.00 43.87 ? 410 TRP A CB  1 
ATOM   1253 C CG  . TRP A 1 185 ? 4.083   -12.573 -0.404  1.00 50.53 ? 410 TRP A CG  1 
ATOM   1254 C CD1 . TRP A 1 185 ? 5.295   -12.333 0.184   1.00 53.85 ? 410 TRP A CD1 1 
ATOM   1255 C CD2 . TRP A 1 185 ? 3.932   -11.571 -1.427  1.00 56.68 ? 410 TRP A CD2 1 
ATOM   1256 N NE1 . TRP A 1 185 ? 5.913   -11.258 -0.413  1.00 57.63 ? 410 TRP A NE1 1 
ATOM   1257 C CE2 . TRP A 1 185 ? 5.100   -10.770 -1.405  1.00 60.90 ? 410 TRP A CE2 1 
ATOM   1258 C CE3 . TRP A 1 185 ? 2.936   -11.281 -2.367  1.00 56.32 ? 410 TRP A CE3 1 
ATOM   1259 C CZ2 . TRP A 1 185 ? 5.301   -9.695  -2.300  1.00 65.70 ? 410 TRP A CZ2 1 
ATOM   1260 C CZ3 . TRP A 1 185 ? 3.132   -10.196 -3.247  1.00 60.07 ? 410 TRP A CZ3 1 
ATOM   1261 C CH2 . TRP A 1 185 ? 4.305   -9.427  -3.211  1.00 62.47 ? 410 TRP A CH2 1 
ATOM   1262 N N   . LYS A 1 186 ? 0.502   -13.967 2.652   1.00 35.55 ? 411 LYS A N   1 
ATOM   1263 C CA  . LYS A 1 186 ? -0.462  -14.856 3.289   1.00 33.82 ? 411 LYS A CA  1 
ATOM   1264 C C   . LYS A 1 186 ? -1.823  -14.528 2.707   1.00 33.20 ? 411 LYS A C   1 
ATOM   1265 O O   . LYS A 1 186 ? -2.347  -13.431 2.924   1.00 34.34 ? 411 LYS A O   1 
ATOM   1266 C CB  . LYS A 1 186 ? -0.469  -14.624 4.799   1.00 36.34 ? 411 LYS A CB  1 
ATOM   1267 C CG  . LYS A 1 186 ? -1.704  -15.130 5.546   1.00 39.16 ? 411 LYS A CG  1 
ATOM   1268 C CD  . LYS A 1 186 ? -1.707  -16.646 5.628   1.00 42.38 ? 411 LYS A CD  1 
ATOM   1269 C CE  . LYS A 1 186 ? -2.798  -17.157 6.548   1.00 43.99 ? 411 LYS A CE  1 
ATOM   1270 N NZ  . LYS A 1 186 ? -2.531  -18.579 6.901   1.00 45.65 ? 411 LYS A NZ  1 
ATOM   1271 N N   . ALA A 1 187 ? -2.388  -15.459 1.949   1.00 32.80 ? 412 ALA A N   1 
ATOM   1272 C CA  . ALA A 1 187 ? -3.698  -15.250 1.339   1.00 34.51 ? 412 ALA A CA  1 
ATOM   1273 C C   . ALA A 1 187 ? -4.837  -15.242 2.379   1.00 34.41 ? 412 ALA A C   1 
ATOM   1274 O O   . ALA A 1 187 ? -4.957  -16.157 3.195   1.00 38.29 ? 412 ALA A O   1 
ATOM   1275 C CB  . ALA A 1 187 ? -3.959  -16.294 0.263   1.00 35.17 ? 412 ALA A CB  1 
ATOM   1276 N N   . LEU A 1 188 ? -5.652  -14.192 2.345   1.00 32.49 ? 413 LEU A N   1 
ATOM   1277 C CA  . LEU A 1 188 ? -6.843  -14.096 3.154   1.00 30.11 ? 413 LEU A CA  1 
ATOM   1278 C C   . LEU A 1 188 ? -8.046  -14.010 2.232   1.00 28.00 ? 413 LEU A C   1 
ATOM   1279 O O   . LEU A 1 188 ? -7.948  -13.529 1.101   1.00 26.54 ? 413 LEU A O   1 
ATOM   1280 C CB  . LEU A 1 188 ? -6.812  -12.834 4.004   1.00 30.48 ? 413 LEU A CB  1 
ATOM   1281 C CG  . LEU A 1 188 ? -5.655  -12.650 4.956   1.00 31.43 ? 413 LEU A CG  1 
ATOM   1282 C CD1 . LEU A 1 188 ? -5.770  -11.307 5.662   1.00 31.58 ? 413 LEU A CD1 1 
ATOM   1283 C CD2 . LEU A 1 188 ? -5.644  -13.787 5.965   1.00 32.49 ? 413 LEU A CD2 1 
ATOM   1284 N N   . VAL A 1 189 ? -9.181  -14.468 2.746   1.00 26.52 ? 414 VAL A N   1 
ATOM   1285 C CA  . VAL A 1 189 ? -10.448 -14.359 2.058   1.00 26.96 ? 414 VAL A CA  1 
ATOM   1286 C C   . VAL A 1 189 ? -11.043 -13.016 2.441   1.00 26.85 ? 414 VAL A C   1 
ATOM   1287 O O   . VAL A 1 189 ? -11.053 -12.653 3.631   1.00 27.30 ? 414 VAL A O   1 
ATOM   1288 C CB  . VAL A 1 189 ? -11.429 -15.518 2.441   1.00 27.66 ? 414 VAL A CB  1 
ATOM   1289 C CG1 . VAL A 1 189 ? -12.876 -15.174 2.038   1.00 26.15 ? 414 VAL A CG1 1 
ATOM   1290 C CG2 . VAL A 1 189 ? -10.971 -16.860 1.817   1.00 25.61 ? 414 VAL A CG2 1 
ATOM   1291 N N   . SER A 1 190 ? -11.554 -12.300 1.438   1.00 25.39 ? 415 SER A N   1 
ATOM   1292 C CA  . SER A 1 190 ? -12.065 -10.947 1.612   1.00 24.91 ? 415 SER A CA  1 
ATOM   1293 C C   . SER A 1 190 ? -13.510 -10.847 1.154   1.00 27.58 ? 415 SER A C   1 
ATOM   1294 O O   . SER A 1 190 ? -13.837 -11.252 0.062   1.00 31.06 ? 415 SER A O   1 
ATOM   1295 C CB  . SER A 1 190 ? -11.201 -9.976  0.815   1.00 23.90 ? 415 SER A CB  1 
ATOM   1296 O OG  . SER A 1 190 ? -11.723 -8.667  0.816   1.00 22.33 ? 415 SER A OG  1 
ATOM   1297 N N   . ARG A 1 191 ? -14.379 -10.302 1.997   1.00 31.47 ? 416 ARG A N   1 
ATOM   1298 C CA  . ARG A 1 191 ? -15.743 -9.996  1.613   1.00 32.96 ? 416 ARG A CA  1 
ATOM   1299 C C   . ARG A 1 191 ? -15.998 -8.519  1.877   1.00 30.80 ? 416 ARG A C   1 
ATOM   1300 O O   . ARG A 1 191 ? -15.647 -8.007  2.927   1.00 28.47 ? 416 ARG A O   1 
ATOM   1301 C CB  . ARG A 1 191 ? -16.716 -10.848 2.416   1.00 39.52 ? 416 ARG A CB  1 
ATOM   1302 C CG  . ARG A 1 191 ? -18.150 -10.854 1.903   1.00 44.66 ? 416 ARG A CG  1 
ATOM   1303 C CD  . ARG A 1 191 ? -18.985 -11.929 2.593   1.00 52.56 ? 416 ARG A CD  1 
ATOM   1304 N NE  . ARG A 1 191 ? -18.510 -13.292 2.294   1.00 60.16 ? 416 ARG A NE  1 
ATOM   1305 C CZ  . ARG A 1 191 ? -17.698 -14.026 3.067   1.00 64.11 ? 416 ARG A CZ  1 
ATOM   1306 N NH1 . ARG A 1 191 ? -17.240 -13.560 4.221   1.00 69.66 ? 416 ARG A NH1 1 
ATOM   1307 N NH2 . ARG A 1 191 ? -17.329 -15.245 2.680   1.00 66.70 ? 416 ARG A NH2 1 
ATOM   1308 N N   . THR A 1 192 ? -16.598 -7.853  0.894   1.00 31.87 ? 417 THR A N   1 
ATOM   1309 C CA  . THR A 1 192 ? -16.969 -6.439  0.955   1.00 32.78 ? 417 THR A CA  1 
ATOM   1310 C C   . THR A 1 192 ? -18.400 -6.274  1.491   1.00 35.30 ? 417 THR A C   1 
ATOM   1311 O O   . THR A 1 192 ? -19.355 -6.804  0.917   1.00 39.75 ? 417 THR A O   1 
ATOM   1312 C CB  . THR A 1 192 ? -16.861 -5.837  -0.458  1.00 31.55 ? 417 THR A CB  1 
ATOM   1313 O OG1 . THR A 1 192 ? -15.505 -5.943  -0.896  1.00 30.50 ? 417 THR A OG1 1 
ATOM   1314 C CG2 . THR A 1 192 ? -17.275 -4.397  -0.491  1.00 30.95 ? 417 THR A CG2 1 
ATOM   1315 N N   . CYS A 1 193 ? -18.541 -5.555  2.596   1.00 36.86 ? 418 CYS A N   1 
ATOM   1316 C CA  . CYS A 1 193 ? -19.854 -5.318  3.223   1.00 39.26 ? 418 CYS A CA  1 
ATOM   1317 C C   . CYS A 1 193 ? -20.341 -3.896  3.027   1.00 40.48 ? 418 CYS A C   1 
ATOM   1318 O O   . CYS A 1 193 ? -21.530 -3.656  2.798   1.00 43.15 ? 418 CYS A O   1 
ATOM   1319 C CB  . CYS A 1 193 ? -19.754 -5.580  4.719   1.00 39.04 ? 418 CYS A CB  1 
ATOM   1320 S SG  . CYS A 1 193 ? -18.900 -7.126  5.058   1.00 39.63 ? 418 CYS A SG  1 
ATOM   1321 N N   . THR A 1 194 ? -19.396 -2.965  3.130   1.00 42.21 ? 419 THR A N   1 
ATOM   1322 C CA  . THR A 1 194 ? -19.666 -1.532  3.145   1.00 41.55 ? 419 THR A CA  1 
ATOM   1323 C C   . THR A 1 194 ? -18.645 -0.807  2.267   1.00 38.86 ? 419 THR A C   1 
ATOM   1324 O O   . THR A 1 194 ? -17.749 -1.438  1.686   1.00 32.52 ? 419 THR A O   1 
ATOM   1325 C CB  . THR A 1 194 ? -19.617 -0.975  4.601   1.00 41.65 ? 419 THR A CB  1 
ATOM   1326 O OG1 . THR A 1 194 ? -18.412 -1.400  5.269   1.00 39.77 ? 419 THR A OG1 1 
ATOM   1327 C CG2 . THR A 1 194 ? -20.832 -1.455  5.393   1.00 40.65 ? 419 THR A CG2 1 
ATOM   1328 N N   . TYR A 1 195 ? -18.820 0.511   2.158   1.00 39.60 ? 420 TYR A N   1 
ATOM   1329 C CA  . TYR A 1 195 ? -17.862 1.404   1.482   1.00 41.34 ? 420 TYR A CA  1 
ATOM   1330 C C   . TYR A 1 195 ? -18.005 2.841   2.009   1.00 39.41 ? 420 TYR A C   1 
ATOM   1331 O O   . TYR A 1 195 ? -19.033 3.202   2.585   1.00 35.38 ? 420 TYR A O   1 
ATOM   1332 C CB  . TYR A 1 195 ? -18.003 1.352   -0.062  1.00 42.52 ? 420 TYR A CB  1 
ATOM   1333 C CG  . TYR A 1 195 ? -19.332 1.846   -0.643  1.00 47.12 ? 420 TYR A CG  1 
ATOM   1334 C CD1 . TYR A 1 195 ? -19.476 3.165   -1.110  1.00 50.40 ? 420 TYR A CD1 1 
ATOM   1335 C CD2 . TYR A 1 195 ? -20.433 0.996   -0.750  1.00 47.22 ? 420 TYR A CD2 1 
ATOM   1336 C CE1 . TYR A 1 195 ? -20.676 3.617   -1.649  1.00 49.85 ? 420 TYR A CE1 1 
ATOM   1337 C CE2 . TYR A 1 195 ? -21.637 1.440   -1.280  1.00 49.65 ? 420 TYR A CE2 1 
ATOM   1338 C CZ  . TYR A 1 195 ? -21.753 2.746   -1.741  1.00 53.83 ? 420 TYR A CZ  1 
ATOM   1339 O OH  . TYR A 1 195 ? -22.962 3.183   -2.278  1.00 60.24 ? 420 TYR A OH  1 
ATOM   1340 N N   . LYS A 1 196 ? -16.953 3.639   1.853   1.00 39.89 ? 421 LYS A N   1 
ATOM   1341 C CA  . LYS A 1 196 ? -17.017 5.045   2.222   1.00 40.82 ? 421 LYS A CA  1 
ATOM   1342 C C   . LYS A 1 196 ? -16.408 5.823   1.077   1.00 43.50 ? 421 LYS A C   1 
ATOM   1343 O O   . LYS A 1 196 ? -15.591 5.280   0.333   1.00 44.21 ? 421 LYS A O   1 
ATOM   1344 C CB  . LYS A 1 196 ? -16.367 5.329   3.587   1.00 40.21 ? 421 LYS A CB  1 
ATOM   1345 C CG  . LYS A 1 196 ? -14.862 5.172   3.680   1.00 42.95 ? 421 LYS A CG  1 
ATOM   1346 C CD  . LYS A 1 196 ? -14.389 5.377   5.116   1.00 43.95 ? 421 LYS A CD  1 
ATOM   1347 N N   . LYS A 1 197 ? -16.892 7.049   0.883   1.00 48.34 ? 422 LYS A N   1 
ATOM   1348 C CA  . LYS A 1 197 ? -16.433 7.933   -0.186  1.00 52.97 ? 422 LYS A CA  1 
ATOM   1349 C C   . LYS A 1 197 ? -15.516 8.940   0.472   1.00 58.24 ? 422 LYS A C   1 
ATOM   1350 O O   . LYS A 1 197 ? -15.920 9.634   1.406   1.00 64.40 ? 422 LYS A O   1 
ATOM   1351 C CB  . LYS A 1 197 ? -17.602 8.650   -0.877  1.00 50.76 ? 422 LYS A CB  1 
ATOM   1352 N N   . THR A 1 198 ? -14.284 9.015   -0.018  1.00 59.41 ? 423 THR A N   1 
ATOM   1353 C CA  . THR A 1 198 ? -13.218 9.734   0.657   1.00 59.07 ? 423 THR A CA  1 
ATOM   1354 C C   . THR A 1 198 ? -12.870 11.053  -0.056  1.00 58.65 ? 423 THR A C   1 
ATOM   1355 O O   . THR A 1 198 ? -12.797 11.116  -1.286  1.00 53.25 ? 423 THR A O   1 
ATOM   1356 C CB  . THR A 1 198 ? -11.979 8.810   0.797   1.00 61.23 ? 423 THR A CB  1 
ATOM   1357 O OG1 . THR A 1 198 ? -11.138 9.300   1.845   1.00 72.04 ? 423 THR A OG1 1 
ATOM   1358 C CG2 . THR A 1 198 ? -11.164 8.683   -0.529  1.00 59.55 ? 423 THR A CG2 1 
ATOM   1359 N N   . LYS A 1 205 ? -11.196 14.069  -8.984  1.00 55.32 ? 430 LYS A N   1 
ATOM   1360 C CA  . LYS A 1 205 ? -12.404 13.394  -8.505  1.00 57.93 ? 430 LYS A CA  1 
ATOM   1361 C C   . LYS A 1 205 ? -12.248 12.772  -7.106  1.00 61.20 ? 430 LYS A C   1 
ATOM   1362 O O   . LYS A 1 205 ? -11.192 12.866  -6.483  1.00 65.87 ? 430 LYS A O   1 
ATOM   1363 C CB  . LYS A 1 205 ? -12.837 12.314  -9.505  1.00 57.33 ? 430 LYS A CB  1 
ATOM   1364 C CG  . LYS A 1 205 ? -12.108 10.980  -9.373  1.00 60.57 ? 430 LYS A CG  1 
ATOM   1365 C CD  . LYS A 1 205 ? -12.383 10.059  -10.564 1.00 59.47 ? 430 LYS A CD  1 
ATOM   1366 C CE  . LYS A 1 205 ? -11.436 8.861   -10.616 1.00 56.72 ? 430 LYS A CE  1 
ATOM   1367 N NZ  . LYS A 1 205 ? -11.040 8.480   -12.007 1.00 54.67 ? 430 LYS A NZ  1 
ATOM   1368 N N   . ASP A 1 206 ? -13.316 12.133  -6.633  1.00 57.87 ? 431 ASP A N   1 
ATOM   1369 C CA  . ASP A 1 206 ? -13.321 11.419  -5.362  1.00 55.00 ? 431 ASP A CA  1 
ATOM   1370 C C   . ASP A 1 206 ? -13.261 9.903   -5.519  1.00 59.93 ? 431 ASP A C   1 
ATOM   1371 O O   . ASP A 1 206 ? -13.508 9.370   -6.611  1.00 67.19 ? 431 ASP A O   1 
ATOM   1372 C CB  . ASP A 1 206 ? -14.566 11.788  -4.579  1.00 53.74 ? 431 ASP A CB  1 
ATOM   1373 C CG  . ASP A 1 206 ? -14.417 13.083  -3.862  1.00 53.26 ? 431 ASP A CG  1 
ATOM   1374 O OD1 . ASP A 1 206 ? -13.391 13.767  -4.075  1.00 49.93 ? 431 ASP A OD1 1 
ATOM   1375 O OD2 . ASP A 1 206 ? -15.335 13.417  -3.092  1.00 55.56 ? 431 ASP A OD2 1 
ATOM   1376 N N   . LYS A 1 207 ? -12.956 9.216   -4.411  1.00 56.60 ? 432 LYS A N   1 
ATOM   1377 C CA  . LYS A 1 207 ? -12.586 7.805   -4.447  1.00 54.28 ? 432 LYS A CA  1 
ATOM   1378 C C   . LYS A 1 207 ? -13.481 6.989   -3.537  1.00 50.76 ? 432 LYS A C   1 
ATOM   1379 O O   . LYS A 1 207 ? -13.975 7.479   -2.530  1.00 51.35 ? 432 LYS A O   1 
ATOM   1380 C CB  . LYS A 1 207 ? -11.113 7.639   -4.046  1.00 58.21 ? 432 LYS A CB  1 
ATOM   1381 C CG  . LYS A 1 207 ? -10.422 6.444   -4.680  1.00 62.46 ? 432 LYS A CG  1 
ATOM   1382 C CD  . LYS A 1 207 ? -10.270 6.635   -6.196  1.00 65.06 ? 432 LYS A CD  1 
ATOM   1383 C CE  . LYS A 1 207 ? -9.735  5.388   -6.893  1.00 63.85 ? 432 LYS A CE  1 
ATOM   1384 N NZ  . LYS A 1 207 ? -8.245  5.353   -6.888  1.00 62.49 ? 432 LYS A NZ  1 
ATOM   1385 N N   . GLU A 1 208 ? -13.698 5.735   -3.906  1.00 50.66 ? 433 GLU A N   1 
ATOM   1386 C CA  . GLU A 1 208 ? -14.534 4.822   -3.120  1.00 46.66 ? 433 GLU A CA  1 
ATOM   1387 C C   . GLU A 1 208 ? -13.664 3.745   -2.501  1.00 42.16 ? 433 GLU A C   1 
ATOM   1388 O O   . GLU A 1 208 ? -12.881 3.101   -3.195  1.00 41.35 ? 433 GLU A O   1 
ATOM   1389 C CB  . GLU A 1 208 ? -15.567 4.180   -4.020  1.00 47.95 ? 433 GLU A CB  1 
ATOM   1390 C CG  . GLU A 1 208 ? -16.565 5.159   -4.602  1.00 49.71 ? 433 GLU A CG  1 
ATOM   1391 C CD  . GLU A 1 208 ? -17.890 5.123   -3.878  1.00 51.66 ? 433 GLU A CD  1 
ATOM   1392 O OE1 . GLU A 1 208 ? -17.991 5.693   -2.768  1.00 57.58 ? 433 GLU A OE1 1 
ATOM   1393 O OE2 . GLU A 1 208 ? -18.837 4.515   -4.423  1.00 56.57 ? 433 GLU A OE2 1 
ATOM   1394 N N   . ILE A 1 209 ? -13.801 3.565   -1.192  1.00 40.50 ? 434 ILE A N   1 
ATOM   1395 C CA  . ILE A 1 209 ? -12.978 2.620   -0.432  1.00 36.80 ? 434 ILE A CA  1 
ATOM   1396 C C   . ILE A 1 209 ? -13.868 1.524   0.136   1.00 33.87 ? 434 ILE A C   1 
ATOM   1397 O O   . ILE A 1 209 ? -14.841 1.816   0.816   1.00 33.84 ? 434 ILE A O   1 
ATOM   1398 C CB  . ILE A 1 209 ? -12.250 3.314   0.727   1.00 36.48 ? 434 ILE A CB  1 
ATOM   1399 C CG1 . ILE A 1 209 ? -11.467 4.510   0.204   1.00 37.39 ? 434 ILE A CG1 1 
ATOM   1400 C CG2 . ILE A 1 209 ? -11.275 2.365   1.404   1.00 37.01 ? 434 ILE A CG2 1 
ATOM   1401 C CD1 . ILE A 1 209 ? -10.919 5.379   1.297   1.00 39.43 ? 434 ILE A CD1 1 
ATOM   1402 N N   . PRO A 1 210 ? -13.529 0.260   -0.135  1.00 30.30 ? 435 PRO A N   1 
ATOM   1403 C CA  . PRO A 1 210 ? -14.288 -0.799  0.466   1.00 28.92 ? 435 PRO A CA  1 
ATOM   1404 C C   . PRO A 1 210 ? -13.967 -0.979  1.941   1.00 28.40 ? 435 PRO A C   1 
ATOM   1405 O O   . PRO A 1 210 ? -12.813 -0.915  2.357   1.00 26.60 ? 435 PRO A O   1 
ATOM   1406 C CB  . PRO A 1 210 ? -13.843 -2.053  -0.312  1.00 28.76 ? 435 PRO A CB  1 
ATOM   1407 C CG  . PRO A 1 210 ? -12.654 -1.650  -1.120  1.00 29.13 ? 435 PRO A CG  1 
ATOM   1408 C CD  . PRO A 1 210 ? -12.297 -0.249  -0.754  1.00 29.71 ? 435 PRO A CD  1 
ATOM   1409 N N   . GLY A 1 211 ? -15.013 -1.195  2.717   1.00 29.09 ? 436 GLY A N   1 
ATOM   1410 C CA  . GLY A 1 211 ? -14.894 -1.784  4.034   1.00 28.23 ? 436 GLY A CA  1 
ATOM   1411 C C   . GLY A 1 211 ? -15.042 -3.281  3.868   1.00 27.42 ? 436 GLY A C   1 
ATOM   1412 O O   . GLY A 1 211 ? -16.109 -3.773  3.486   1.00 27.32 ? 436 GLY A O   1 
ATOM   1413 N N   . ILE A 1 212 ? -13.983 -4.008  4.186   1.00 27.13 ? 437 ILE A N   1 
ATOM   1414 C CA  . ILE A 1 212 ? -13.977 -5.456  4.033   1.00 27.66 ? 437 ILE A CA  1 
ATOM   1415 C C   . ILE A 1 212 ? -13.839 -6.210  5.352   1.00 29.51 ? 437 ILE A C   1 
ATOM   1416 O O   . ILE A 1 212 ? -13.279 -5.695  6.340   1.00 29.85 ? 437 ILE A O   1 
ATOM   1417 C CB  . ILE A 1 212 ? -12.834 -5.923  3.106   1.00 27.52 ? 437 ILE A CB  1 
ATOM   1418 C CG1 . ILE A 1 212 ? -11.453 -5.469  3.619   1.00 26.72 ? 437 ILE A CG1 1 
ATOM   1419 C CG2 . ILE A 1 212 ? -13.046 -5.399  1.694   1.00 28.08 ? 437 ILE A CG2 1 
ATOM   1420 C CD1 . ILE A 1 212 ? -10.315 -6.052  2.820   1.00 25.84 ? 437 ILE A CD1 1 
ATOM   1421 N N   . LYS A 1 213 ? -14.335 -7.440  5.347   1.00 29.52 ? 438 LYS A N   1 
ATOM   1422 C CA  . LYS A 1 213 ? -14.011 -8.377  6.390   1.00 31.25 ? 438 LYS A CA  1 
ATOM   1423 C C   . LYS A 1 213 ? -12.967 -9.346  5.862   1.00 30.91 ? 438 LYS A C   1 
ATOM   1424 O O   . LYS A 1 213 ? -13.060 -9.789  4.711   1.00 30.16 ? 438 LYS A O   1 
ATOM   1425 C CB  . LYS A 1 213 ? -15.255 -9.107  6.819   1.00 35.89 ? 438 LYS A CB  1 
ATOM   1426 C CG  . LYS A 1 213 ? -16.282 -8.161  7.413   1.00 39.70 ? 438 LYS A CG  1 
ATOM   1427 C CD  . LYS A 1 213 ? -17.335 -8.962  8.144   1.00 43.86 ? 438 LYS A CD  1 
ATOM   1428 C CE  . LYS A 1 213 ? -18.258 -8.077  8.960   1.00 46.40 ? 438 LYS A CE  1 
ATOM   1429 N NZ  . LYS A 1 213 ? -19.031 -8.954  9.890   1.00 49.32 ? 438 LYS A NZ  1 
ATOM   1430 N N   . LEU A 1 214 ? -11.959 -9.643  6.686   1.00 27.45 ? 439 LEU A N   1 
ATOM   1431 C CA  . LEU A 1 214 ? -10.874 -10.504 6.271   1.00 26.72 ? 439 LEU A CA  1 
ATOM   1432 C C   . LEU A 1 214 ? -10.953 -11.779 7.062   1.00 29.06 ? 439 LEU A C   1 
ATOM   1433 O O   . LEU A 1 214 ? -11.182 -11.744 8.271   1.00 30.26 ? 439 LEU A O   1 
ATOM   1434 C CB  . LEU A 1 214 ? -9.526  -9.827  6.503   1.00 26.11 ? 439 LEU A CB  1 
ATOM   1435 C CG  . LEU A 1 214 ? -9.219  -8.764  5.451   1.00 26.25 ? 439 LEU A CG  1 
ATOM   1436 C CD1 . LEU A 1 214 ? -8.119  -7.821  5.912   1.00 26.46 ? 439 LEU A CD1 1 
ATOM   1437 C CD2 . LEU A 1 214 ? -8.881  -9.392  4.095   1.00 26.16 ? 439 LEU A CD2 1 
ATOM   1438 N N   . PHE A 1 215 ? -10.772 -12.907 6.385   1.00 30.55 ? 440 PHE A N   1 
ATOM   1439 C CA  . PHE A 1 215 ? -10.913 -14.213 7.019   1.00 32.84 ? 440 PHE A CA  1 
ATOM   1440 C C   . PHE A 1 215 ? -9.677  -14.990 6.651   1.00 34.97 ? 440 PHE A C   1 
ATOM   1441 O O   . PHE A 1 215 ? -9.243  -14.974 5.503   1.00 34.30 ? 440 PHE A O   1 
ATOM   1442 C CB  . PHE A 1 215 ? -12.195 -14.949 6.545   1.00 34.22 ? 440 PHE A CB  1 
ATOM   1443 C CG  . PHE A 1 215 ? -13.473 -14.212 6.868   1.00 34.57 ? 440 PHE A CG  1 
ATOM   1444 C CD1 . PHE A 1 215 ? -13.995 -13.273 5.980   1.00 36.15 ? 440 PHE A CD1 1 
ATOM   1445 C CD2 . PHE A 1 215 ? -14.133 -14.421 8.076   1.00 37.83 ? 440 PHE A CD2 1 
ATOM   1446 C CE1 . PHE A 1 215 ? -15.154 -12.556 6.279   1.00 37.29 ? 440 PHE A CE1 1 
ATOM   1447 C CE2 . PHE A 1 215 ? -15.302 -13.718 8.381   1.00 39.27 ? 440 PHE A CE2 1 
ATOM   1448 C CZ  . PHE A 1 215 ? -15.813 -12.784 7.476   1.00 39.07 ? 440 PHE A CZ  1 
ATOM   1449 N N   . ASP A 1 216 ? -9.098  -15.636 7.650   1.00 39.87 ? 441 ASP A N   1 
ATOM   1450 C CA  . ASP A 1 216 ? -7.966  -16.534 7.485   1.00 42.58 ? 441 ASP A CA  1 
ATOM   1451 C C   . ASP A 1 216 ? -8.576  -17.910 7.587   1.00 43.11 ? 441 ASP A C   1 
ATOM   1452 O O   . ASP A 1 216 ? -9.059  -18.265 8.647   1.00 43.44 ? 441 ASP A O   1 
ATOM   1453 C CB  . ASP A 1 216 ? -6.971  -16.271 8.620   1.00 45.76 ? 441 ASP A CB  1 
ATOM   1454 C CG  . ASP A 1 216 ? -5.730  -17.147 8.560   1.00 51.24 ? 441 ASP A CG  1 
ATOM   1455 O OD1 . ASP A 1 216 ? -5.729  -18.181 7.835   1.00 51.41 ? 441 ASP A OD1 1 
ATOM   1456 O OD2 . ASP A 1 216 ? -4.751  -16.776 9.269   1.00 57.08 ? 441 ASP A OD2 1 
ATOM   1457 N N   . VAL A 1 217 ? -8.607  -18.671 6.501   1.00 48.60 ? 442 VAL A N   1 
ATOM   1458 C CA  . VAL A 1 217 ? -9.304  -19.971 6.517   1.00 57.84 ? 442 VAL A CA  1 
ATOM   1459 C C   . VAL A 1 217 ? -8.319  -21.142 6.727   1.00 63.64 ? 442 VAL A C   1 
ATOM   1460 O O   . VAL A 1 217 ? -7.513  -21.440 5.846   1.00 68.07 ? 442 VAL A O   1 
ATOM   1461 C CB  . VAL A 1 217 ? -10.139 -20.174 5.231   1.00 60.78 ? 442 VAL A CB  1 
ATOM   1462 C CG1 . VAL A 1 217 ? -11.027 -21.408 5.346   1.00 60.98 ? 442 VAL A CG1 1 
ATOM   1463 C CG2 . VAL A 1 217 ? -10.990 -18.942 4.948   1.00 59.57 ? 442 VAL A CG2 1 
ATOM   1464 N N   . THR A 1 218 ? -8.409  -21.803 7.889   1.00 68.78 ? 443 THR A N   1 
ATOM   1465 C CA  . THR A 1 218 ? -7.439  -22.821 8.337   1.00 66.61 ? 443 THR A CA  1 
ATOM   1466 C C   . THR A 1 218 ? -8.006  -24.248 8.336   1.00 65.20 ? 443 THR A C   1 
ATOM   1467 O O   . THR A 1 218 ? -8.993  -24.538 7.657   1.00 65.75 ? 443 THR A O   1 
ATOM   1468 C CB  . THR A 1 218 ? -6.975  -22.503 9.767   1.00 65.83 ? 443 THR A CB  1 
ATOM   1469 N N   . GLY A 1 221 ? -10.482 -23.723 10.713  1.00 67.75 ? 446 GLY A N   1 
ATOM   1470 C CA  . GLY A 1 221 ? -11.669 -22.861 10.618  1.00 69.21 ? 446 GLY A CA  1 
ATOM   1471 C C   . GLY A 1 221 ? -11.377 -21.439 10.135  1.00 67.10 ? 446 GLY A C   1 
ATOM   1472 O O   . GLY A 1 221 ? -10.215 -21.020 10.079  1.00 69.08 ? 446 GLY A O   1 
ATOM   1473 N N   . GLU A 1 222 ? -12.433 -20.707 9.768   1.00 60.23 ? 447 GLU A N   1 
ATOM   1474 C CA  . GLU A 1 222 ? -12.317 -19.288 9.446   1.00 56.69 ? 447 GLU A CA  1 
ATOM   1475 C C   . GLU A 1 222 ? -11.930 -18.522 10.727  1.00 56.22 ? 447 GLU A C   1 
ATOM   1476 O O   . GLU A 1 222 ? -12.303 -18.907 11.837  1.00 56.81 ? 447 GLU A O   1 
ATOM   1477 C CB  . GLU A 1 222 ? -13.617 -18.727 8.836   1.00 50.19 ? 447 GLU A CB  1 
ATOM   1478 N N   . LEU A 1 223 ? -11.132 -17.474 10.551  1.00 50.51 ? 448 LEU A N   1 
ATOM   1479 C CA  . LEU A 1 223 ? -10.766 -16.567 11.609  1.00 44.60 ? 448 LEU A CA  1 
ATOM   1480 C C   . LEU A 1 223 ? -11.119 -15.149 11.148  1.00 41.95 ? 448 LEU A C   1 
ATOM   1481 O O   . LEU A 1 223 ? -10.468 -14.603 10.260  1.00 40.93 ? 448 LEU A O   1 
ATOM   1482 C CB  . LEU A 1 223 ? -9.273  -16.680 11.899  1.00 44.29 ? 448 LEU A CB  1 
ATOM   1483 C CG  . LEU A 1 223 ? -8.814  -15.912 13.144  1.00 47.01 ? 448 LEU A CG  1 
ATOM   1484 C CD1 . LEU A 1 223 ? -9.201  -16.672 14.413  1.00 49.46 ? 448 LEU A CD1 1 
ATOM   1485 C CD2 . LEU A 1 223 ? -7.323  -15.650 13.112  1.00 46.58 ? 448 LEU A CD2 1 
ATOM   1486 N N   . ASP A 1 224 ? -12.159 -14.572 11.745  1.00 37.17 ? 449 ASP A N   1 
ATOM   1487 C CA  . ASP A 1 224 ? -12.611 -13.236 11.415  1.00 35.48 ? 449 ASP A CA  1 
ATOM   1488 C C   . ASP A 1 224 ? -11.699 -12.244 12.135  1.00 33.87 ? 449 ASP A C   1 
ATOM   1489 O O   . ASP A 1 224 ? -11.784 -12.077 13.359  1.00 34.75 ? 449 ASP A O   1 
ATOM   1490 C CB  . ASP A 1 224 ? -14.074 -13.078 11.843  1.00 37.82 ? 449 ASP A CB  1 
ATOM   1491 C CG  . ASP A 1 224 ? -14.699 -11.741 11.422  1.00 39.51 ? 449 ASP A CG  1 
ATOM   1492 O OD1 . ASP A 1 224 ? -14.008 -10.696 11.381  1.00 40.45 ? 449 ASP A OD1 1 
ATOM   1493 O OD2 . ASP A 1 224 ? -15.918 -11.738 11.154  1.00 39.62 ? 449 ASP A OD2 1 
ATOM   1494 N N   . VAL A 1 225 ? -10.847 -11.571 11.362  1.00 30.86 ? 450 VAL A N   1 
ATOM   1495 C CA  . VAL A 1 225 ? -9.801  -10.706 11.901  1.00 30.04 ? 450 VAL A CA  1 
ATOM   1496 C C   . VAL A 1 225 ? -10.389 -9.578  12.732  1.00 30.43 ? 450 VAL A C   1 
ATOM   1497 O O   . VAL A 1 225 ? -9.895  -9.257  13.826  1.00 33.11 ? 450 VAL A O   1 
ATOM   1498 C CB  . VAL A 1 225 ? -8.920  -10.099 10.769  1.00 30.47 ? 450 VAL A CB  1 
ATOM   1499 C CG1 . VAL A 1 225 ? -8.053  -8.952  11.288  1.00 31.01 ? 450 VAL A CG1 1 
ATOM   1500 C CG2 . VAL A 1 225 ? -8.039  -11.161 10.123  1.00 30.19 ? 450 VAL A CG2 1 
ATOM   1501 N N   . GLY A 1 226 ? -11.425 -8.947  12.207  1.00 28.58 ? 451 GLY A N   1 
ATOM   1502 C CA  . GLY A 1 226 ? -12.067 -7.903  12.947  1.00 30.71 ? 451 GLY A CA  1 
ATOM   1503 C C   . GLY A 1 226 ? -12.631 -8.438  14.250  1.00 33.83 ? 451 GLY A C   1 
ATOM   1504 O O   . GLY A 1 226 ? -12.580 -7.747  15.264  1.00 35.84 ? 451 GLY A O   1 
ATOM   1505 N N   . ALA A 1 227 ? -13.169 -9.666  14.213  1.00 34.30 ? 452 ALA A N   1 
ATOM   1506 C CA  . ALA A 1 227 ? -13.802 -10.273 15.375  1.00 34.85 ? 452 ALA A CA  1 
ATOM   1507 C C   . ALA A 1 227 ? -12.778 -10.511 16.466  1.00 35.58 ? 452 ALA A C   1 
ATOM   1508 O O   . ALA A 1 227 ? -13.058 -10.283 17.650  1.00 37.37 ? 452 ALA A O   1 
ATOM   1509 C CB  . ALA A 1 227 ? -14.483 -11.580 15.001  1.00 35.54 ? 452 ALA A CB  1 
ATOM   1510 N N   . VAL A 1 228 ? -11.595 -10.964 16.054  1.00 34.58 ? 453 VAL A N   1 
ATOM   1511 C CA  . VAL A 1 228 ? -10.465 -11.139 16.973  1.00 33.30 ? 453 VAL A CA  1 
ATOM   1512 C C   . VAL A 1 228 ? -10.065 -9.783  17.548  1.00 35.55 ? 453 VAL A C   1 
ATOM   1513 O O   . VAL A 1 228 ? -10.087 -9.588  18.755  1.00 36.03 ? 453 VAL A O   1 
ATOM   1514 C CB  . VAL A 1 228 ? -9.258  -11.768 16.272  1.00 31.18 ? 453 VAL A CB  1 
ATOM   1515 C CG1 . VAL A 1 228 ? -8.139  -11.994 17.265  1.00 30.59 ? 453 VAL A CG1 1 
ATOM   1516 C CG2 . VAL A 1 228 ? -9.661  -13.073 15.617  1.00 30.81 ? 453 VAL A CG2 1 
ATOM   1517 N N   . LEU A 1 229 ? -9.739  -8.812  16.698  1.00 36.97 ? 454 LEU A N   1 
ATOM   1518 C CA  . LEU A 1 229 ? -9.452  -7.487  17.234  1.00 37.89 ? 454 LEU A CA  1 
ATOM   1519 C C   . LEU A 1 229 ? -10.473 -7.028  18.274  1.00 40.55 ? 454 LEU A C   1 
ATOM   1520 O O   . LEU A 1 229 ? -10.088 -6.311  19.184  1.00 45.52 ? 454 LEU A O   1 
ATOM   1521 C CB  . LEU A 1 229 ? -9.381  -6.425  16.144  1.00 36.34 ? 454 LEU A CB  1 
ATOM   1522 C CG  . LEU A 1 229 ? -8.207  -6.416  15.178  1.00 34.26 ? 454 LEU A CG  1 
ATOM   1523 C CD1 . LEU A 1 229 ? -8.296  -5.134  14.385  1.00 33.98 ? 454 LEU A CD1 1 
ATOM   1524 C CD2 . LEU A 1 229 ? -6.876  -6.515  15.886  1.00 35.59 ? 454 LEU A CD2 1 
ATOM   1525 N N   . VAL A 1 230 ? -11.753 -7.395  18.130  1.00 41.61 ? 455 VAL A N   1 
ATOM   1526 C CA  . VAL A 1 230 ? -12.803 -6.953  19.071  1.00 43.82 ? 455 VAL A CA  1 
ATOM   1527 C C   . VAL A 1 230 ? -12.798 -7.841  20.343  1.00 42.54 ? 455 VAL A C   1 
ATOM   1528 O O   . VAL A 1 230 ? -12.865 -7.335  21.478  1.00 42.21 ? 455 VAL A O   1 
ATOM   1529 C CB  . VAL A 1 230 ? -14.214 -6.902  18.393  1.00 46.27 ? 455 VAL A CB  1 
ATOM   1530 C CG1 . VAL A 1 230 ? -15.319 -6.571  19.392  1.00 46.19 ? 455 VAL A CG1 1 
ATOM   1531 C CG2 . VAL A 1 230 ? -14.245 -5.854  17.289  1.00 46.46 ? 455 VAL A CG2 1 
ATOM   1532 N N   . ALA A 1 231 ? -12.700 -9.152  20.144  1.00 38.97 ? 456 ALA A N   1 
ATOM   1533 C CA  . ALA A 1 231 ? -12.581 -10.116 21.244  1.00 40.33 ? 456 ALA A CA  1 
ATOM   1534 C C   . ALA A 1 231 ? -11.383 -9.850  22.174  1.00 42.96 ? 456 ALA A C   1 
ATOM   1535 O O   . ALA A 1 231 ? -11.432 -10.205 23.355  1.00 47.26 ? 456 ALA A O   1 
ATOM   1536 C CB  . ALA A 1 231 ? -12.480 -11.533 20.688  1.00 40.05 ? 456 ALA A CB  1 
ATOM   1537 N N   . GLU A 1 232 ? -10.317 -9.247  21.632  1.00 40.25 ? 457 GLU A N   1 
ATOM   1538 C CA  . GLU A 1 232 ? -9.082  -9.004  22.354  1.00 34.73 ? 457 GLU A CA  1 
ATOM   1539 C C   . GLU A 1 232 ? -9.043  -7.588  22.882  1.00 33.33 ? 457 GLU A C   1 
ATOM   1540 O O   . GLU A 1 232 ? -8.004  -7.162  23.381  1.00 32.81 ? 457 GLU A O   1 
ATOM   1541 C CB  . GLU A 1 232 ? -7.871  -9.242  21.445  1.00 34.62 ? 457 GLU A CB  1 
ATOM   1542 C CG  . GLU A 1 232 ? -7.803  -10.645 20.871  1.00 35.17 ? 457 GLU A CG  1 
ATOM   1543 C CD  . GLU A 1 232 ? -6.458  -11.001 20.243  1.00 35.92 ? 457 GLU A CD  1 
ATOM   1544 O OE1 . GLU A 1 232 ? -5.657  -10.090 19.935  1.00 36.77 ? 457 GLU A OE1 1 
ATOM   1545 O OE2 . GLU A 1 232 ? -6.205  -12.215 20.062  1.00 34.08 ? 457 GLU A OE2 1 
ATOM   1546 N N   . GLY A 1 233 ? -10.145 -6.849  22.767  1.00 31.35 ? 458 GLY A N   1 
ATOM   1547 C CA  . GLY A 1 233 ? -10.261 -5.547  23.424  1.00 31.98 ? 458 GLY A CA  1 
ATOM   1548 C C   . GLY A 1 233 ? -9.601  -4.371  22.727  1.00 35.97 ? 458 GLY A C   1 
ATOM   1549 O O   . GLY A 1 233 ? -9.566  -3.257  23.275  1.00 39.41 ? 458 GLY A O   1 
ATOM   1550 N N   . TRP A 1 234 ? -9.090  -4.598  21.517  1.00 38.17 ? 459 TRP A N   1 
ATOM   1551 C CA  . TRP A 1 234 ? -8.514  -3.532  20.677  1.00 39.29 ? 459 TRP A CA  1 
ATOM   1552 C C   . TRP A 1 234 ? -9.556  -2.694  19.915  1.00 40.48 ? 459 TRP A C   1 
ATOM   1553 O O   . TRP A 1 234 ? -9.303  -1.529  19.538  1.00 38.96 ? 459 TRP A O   1 
ATOM   1554 C CB  . TRP A 1 234 ? -7.547  -4.144  19.658  1.00 39.00 ? 459 TRP A CB  1 
ATOM   1555 C CG  . TRP A 1 234 ? -6.383  -4.807  20.288  1.00 37.19 ? 459 TRP A CG  1 
ATOM   1556 C CD1 . TRP A 1 234 ? -6.065  -6.127  20.237  1.00 37.18 ? 459 TRP A CD1 1 
ATOM   1557 C CD2 . TRP A 1 234 ? -5.389  -4.178  21.094  1.00 35.15 ? 459 TRP A CD2 1 
ATOM   1558 N NE1 . TRP A 1 234 ? -4.911  -6.360  20.948  1.00 37.73 ? 459 TRP A NE1 1 
ATOM   1559 C CE2 . TRP A 1 234 ? -4.478  -5.175  21.483  1.00 36.59 ? 459 TRP A CE2 1 
ATOM   1560 C CE3 . TRP A 1 234 ? -5.176  -2.860  21.517  1.00 34.93 ? 459 TRP A CE3 1 
ATOM   1561 C CZ2 . TRP A 1 234 ? -3.364  -4.898  22.278  1.00 37.66 ? 459 TRP A CZ2 1 
ATOM   1562 C CZ3 . TRP A 1 234 ? -4.076  -2.579  22.295  1.00 35.30 ? 459 TRP A CZ3 1 
ATOM   1563 C CH2 . TRP A 1 234 ? -3.182  -3.589  22.676  1.00 36.59 ? 459 TRP A CH2 1 
ATOM   1564 N N   . ALA A 1 235 ? -10.719 -3.287  19.678  1.00 41.39 ? 460 ALA A N   1 
ATOM   1565 C CA  . ALA A 1 235 ? -11.731 -2.620  18.895  1.00 44.75 ? 460 ALA A CA  1 
ATOM   1566 C C   . ALA A 1 235 ? -13.096 -2.748  19.557  1.00 44.94 ? 460 ALA A C   1 
ATOM   1567 O O   . ALA A 1 235 ? -13.365 -3.747  20.210  1.00 46.52 ? 460 ALA A O   1 
ATOM   1568 C CB  . ALA A 1 235 ? -11.750 -3.210  17.487  1.00 45.76 ? 460 ALA A CB  1 
ATOM   1569 N N   . VAL A 1 236 ? -13.916 -1.703  19.412  1.00 46.07 ? 461 VAL A N   1 
ATOM   1570 C CA  . VAL A 1 236 ? -15.375 -1.795  19.517  1.00 43.81 ? 461 VAL A CA  1 
ATOM   1571 C C   . VAL A 1 236 ? -15.913 -1.775  18.093  1.00 39.45 ? 461 VAL A C   1 
ATOM   1572 O O   . VAL A 1 236 ? -16.614 -2.685  17.682  1.00 35.10 ? 461 VAL A O   1 
ATOM   1573 C CB  . VAL A 1 236 ? -15.979 -0.609  20.307  1.00 41.29 ? 461 VAL A CB  1 
HETATM 1574 O O   . HOH B 2 .   ? 19.241  -1.286  -5.991  1.00 30.75 ? 501 HOH A O   1 
HETATM 1575 O O   . HOH B 2 .   ? -5.862  -20.077 4.697   1.00 31.11 ? 502 HOH A O   1 
HETATM 1576 O O   . HOH B 2 .   ? 2.140   13.171  3.968   1.00 29.74 ? 503 HOH A O   1 
HETATM 1577 O O   . HOH B 2 .   ? -13.911 -7.901  -0.951  1.00 27.80 ? 504 HOH A O   1 
HETATM 1578 O O   . HOH B 2 .   ? 1.475   -13.942 -14.098 1.00 25.59 ? 505 HOH A O   1 
HETATM 1579 O O   . HOH B 2 .   ? -0.724  -14.854 -5.852  1.00 21.78 ? 506 HOH A O   1 
HETATM 1580 O O   . HOH B 2 .   ? -3.697  -6.251  -7.057  1.00 17.50 ? 507 HOH A O   1 
HETATM 1581 O O   . HOH B 2 .   ? -17.054 -9.125  -1.322  1.00 26.27 ? 508 HOH A O   1 
HETATM 1582 O O   . HOH B 2 .   ? -4.930  5.196   9.799   1.00 29.25 ? 509 HOH A O   1 
HETATM 1583 O O   . HOH B 2 .   ? 6.217   -16.241 11.240  1.00 25.06 ? 510 HOH A O   1 
HETATM 1584 O O   . HOH B 2 .   ? 13.019  7.823   5.180   1.00 29.30 ? 511 HOH A O   1 
HETATM 1585 O O   . HOH B 2 .   ? 12.082  4.306   1.019   1.00 25.38 ? 512 HOH A O   1 
HETATM 1586 O O   . HOH B 2 .   ? -6.372  -11.614 -9.823  1.00 22.08 ? 513 HOH A O   1 
HETATM 1587 O O   . HOH B 2 .   ? -0.754  1.682   -14.311 1.00 9.88  ? 514 HOH A O   1 
HETATM 1588 O O   . HOH B 2 .   ? -7.628  5.412   -2.347  1.00 16.09 ? 515 HOH A O   1 
HETATM 1589 O O   . HOH B 2 .   ? -1.567  -10.849 3.939   1.00 35.14 ? 516 HOH A O   1 
HETATM 1590 O O   . HOH B 2 .   ? 5.119   0.380   -5.682  1.00 26.19 ? 517 HOH A O   1 
HETATM 1591 O O   . HOH B 2 .   ? -8.473  -19.445 1.681   1.00 35.54 ? 518 HOH A O   1 
HETATM 1592 O O   . HOH B 2 .   ? -3.539  -8.922  -8.940  1.00 13.40 ? 519 HOH A O   1 
HETATM 1593 O O   . HOH B 2 .   ? -9.401  4.013   4.074   1.00 20.83 ? 520 HOH A O   1 
HETATM 1594 O O   . HOH B 2 .   ? 6.396   -1.431  -7.839  1.00 15.57 ? 521 HOH A O   1 
HETATM 1595 O O   . HOH B 2 .   ? -12.464 0.393   10.449  1.00 36.40 ? 522 HOH A O   1 
HETATM 1596 O O   . HOH B 2 .   ? -2.406  2.096   -5.953  1.00 12.91 ? 523 HOH A O   1 
HETATM 1597 O O   . HOH B 2 .   ? -2.048  4.404   15.332  1.00 30.33 ? 524 HOH A O   1 
HETATM 1598 O O   . HOH B 2 .   ? 8.652   -2.222  -8.928  1.00 19.24 ? 525 HOH A O   1 
HETATM 1599 O O   . HOH B 2 .   ? -7.373  -17.681 4.153   1.00 30.42 ? 526 HOH A O   1 
HETATM 1600 O O   . HOH B 2 .   ? -2.201  -3.337  -18.243 1.00 20.26 ? 527 HOH A O   1 
HETATM 1601 O O   . HOH B 2 .   ? -12.457 -9.236  9.459   1.00 23.53 ? 528 HOH A O   1 
HETATM 1602 O O   . HOH B 2 .   ? 1.007   -10.043 2.380   1.00 24.68 ? 529 HOH A O   1 
HETATM 1603 O O   . HOH B 2 .   ? 12.173  14.074  6.713   1.00 30.00 ? 530 HOH A O   1 
HETATM 1604 O O   . HOH B 2 .   ? -1.884  1.281   -16.559 1.00 34.76 ? 531 HOH A O   1 
HETATM 1605 O O   . HOH B 2 .   ? -13.301 -15.836 14.120  1.00 34.17 ? 532 HOH A O   1 
HETATM 1606 O O   . HOH B 2 .   ? -16.607 -8.949  11.762  1.00 29.26 ? 533 HOH A O   1 
HETATM 1607 O O   . HOH B 2 .   ? -2.601  -4.663  -15.780 1.00 19.71 ? 534 HOH A O   1 
HETATM 1608 O O   . HOH B 2 .   ? -2.465  -1.197  -19.430 1.00 29.69 ? 535 HOH A O   1 
HETATM 1609 O O   . HOH B 2 .   ? -4.101  -10.648 -10.691 1.00 18.29 ? 536 HOH A O   1 
HETATM 1610 O O   . HOH B 2 .   ? 4.605   -2.319  -16.107 1.00 28.03 ? 537 HOH A O   1 
HETATM 1611 O O   . HOH B 2 .   ? -6.202  -0.803  -9.607  1.00 22.55 ? 538 HOH A O   1 
HETATM 1612 O O   . HOH B 2 .   ? -5.627  -4.672  -15.235 1.00 3.08  ? 539 HOH A O   1 
HETATM 1613 O O   . HOH B 2 .   ? 21.542  11.224  -19.823 1.00 37.88 ? 540 HOH A O   1 
HETATM 1614 O O   . HOH B 2 .   ? -7.419  1.042   19.737  1.00 26.21 ? 541 HOH A O   1 
HETATM 1615 O O   . HOH B 2 .   ? -3.401  1.454   -12.908 1.00 6.44  ? 542 HOH A O   1 
HETATM 1616 O O   . HOH B 2 .   ? -5.938  -0.663  -7.237  1.00 21.43 ? 543 HOH A O   1 
HETATM 1617 O O   . HOH B 2 .   ? 1.963   -9.130  -0.146  1.00 30.38 ? 544 HOH A O   1 
HETATM 1618 O O   . HOH B 2 .   ? -18.079 -0.460  8.434   1.00 12.41 ? 545 HOH A O   1 
HETATM 1619 O O   . HOH B 2 .   ? 20.060  1.186   -5.996  1.00 32.67 ? 546 HOH A O   1 
HETATM 1620 O O   . HOH B 2 .   ? 9.530   10.326  9.844   1.00 30.34 ? 547 HOH A O   1 
HETATM 1621 O O   . HOH B 2 .   ? -0.146  14.958  3.803   1.00 16.44 ? 548 HOH A O   1 
HETATM 1622 O O   . HOH B 2 .   ? -0.864  11.617  -5.004  1.00 23.88 ? 549 HOH A O   1 
HETATM 1623 O O   . HOH B 2 .   ? -30.879 -8.073  -7.275  1.00 39.51 ? 550 HOH A O   1 
HETATM 1624 O O   . HOH B 2 .   ? 3.316   15.007  -13.156 1.00 30.21 ? 551 HOH A O   1 
HETATM 1625 O O   . HOH B 2 .   ? -29.550 -10.772 -7.244  1.00 32.60 ? 552 HOH A O   1 
HETATM 1626 O O   . HOH B 2 .   ? -4.313  -0.328  -15.790 1.00 47.50 ? 553 HOH A O   1 
HETATM 1627 O O   . HOH B 2 .   ? -0.353  9.494   -3.470  1.00 10.37 ? 554 HOH A O   1 
HETATM 1628 O O   . HOH B 2 .   ? 4.670   15.724  -14.797 1.00 20.31 ? 555 HOH A O   1 
HETATM 1629 O O   . HOH B 2 .   ? -0.677  -4.736  -19.861 1.00 30.90 ? 556 HOH A O   1 
# 
loop_
_pdbx_poly_seq_scheme.asym_id 
_pdbx_poly_seq_scheme.entity_id 
_pdbx_poly_seq_scheme.seq_id 
_pdbx_poly_seq_scheme.mon_id 
_pdbx_poly_seq_scheme.ndb_seq_num 
_pdbx_poly_seq_scheme.pdb_seq_num 
_pdbx_poly_seq_scheme.auth_seq_num 
_pdbx_poly_seq_scheme.pdb_mon_id 
_pdbx_poly_seq_scheme.auth_mon_id 
_pdbx_poly_seq_scheme.pdb_strand_id 
_pdbx_poly_seq_scheme.pdb_ins_code 
_pdbx_poly_seq_scheme.hetero 
A 1 1   MET 1   -19 ?   ?   ?   A . n 
A 1 2   GLY 2   -18 ?   ?   ?   A . n 
A 1 3   SER 3   -17 ?   ?   ?   A . n 
A 1 4   SER 4   -16 ?   ?   ?   A . n 
A 1 5   HIS 5   -15 ?   ?   ?   A . n 
A 1 6   HIS 6   -14 ?   ?   ?   A . n 
A 1 7   HIS 7   -13 ?   ?   ?   A . n 
A 1 8   HIS 8   -12 ?   ?   ?   A . n 
A 1 9   HIS 9   -11 ?   ?   ?   A . n 
A 1 10  HIS 10  -10 ?   ?   ?   A . n 
A 1 11  GLU 11  -9  ?   ?   ?   A . n 
A 1 12  ASN 12  -8  ?   ?   ?   A . n 
A 1 13  LEU 13  -7  -7  LEU LEU A . n 
A 1 14  TYR 14  -6  -6  TYR TYR A . n 
A 1 15  PHE 15  -5  -5  PHE PHE A . n 
A 1 16  GLN 16  -4  -4  GLN GLN A . n 
A 1 17  SER 17  -3  -3  SER SER A . n 
A 1 18  ASN 18  -2  -2  ASN ASN A . n 
A 1 19  ALA 19  -1  -1  ALA ALA A . n 
A 1 20  GLY 20  245 245 GLY GLY A . n 
A 1 21  PRO 21  246 246 PRO PRO A . n 
A 1 22  SER 22  247 247 SER SER A . n 
A 1 23  ILE 23  248 248 ILE ILE A . n 
A 1 24  GLU 24  249 249 GLU GLU A . n 
A 1 25  VAL 25  250 250 VAL VAL A . n 
A 1 26  TYR 26  251 251 TYR TYR A . n 
A 1 27  VAL 27  252 252 VAL VAL A . n 
A 1 28  SER 28  253 253 SER SER A . n 
A 1 29  ALA 29  254 254 ALA ALA A . n 
A 1 30  VAL 30  255 255 VAL VAL A . n 
A 1 31  SER 31  256 256 SER SER A . n 
A 1 32  SER 32  257 257 SER SER A . n 
A 1 33  PRO 33  258 258 PRO PRO A . n 
A 1 34  SER 34  259 259 SER SER A . n 
A 1 35  ARG 35  260 260 ARG ARG A . n 
A 1 36  PHE 36  261 261 PHE PHE A . n 
A 1 37  TRP 37  262 262 TRP TRP A . n 
A 1 38  VAL 38  263 263 VAL VAL A . n 
A 1 39  GLN 39  264 264 GLN GLN A . n 
A 1 40  PHE 40  265 265 PHE PHE A . n 
A 1 41  VAL 41  266 266 VAL VAL A . n 
A 1 42  GLY 42  267 267 GLY GLY A . n 
A 1 43  PRO 43  268 268 PRO PRO A . n 
A 1 44  GLN 44  269 269 GLN GLN A . n 
A 1 45  VAL 45  270 270 VAL VAL A . n 
A 1 46  ALA 46  271 271 ALA ALA A . n 
A 1 47  GLN 47  272 272 GLN GLN A . n 
A 1 48  LEU 48  273 273 LEU LEU A . n 
A 1 49  ASP 49  274 274 ASP ASP A . n 
A 1 50  ASP 50  275 275 ASP ASP A . n 
A 1 51  LEU 51  276 276 LEU LEU A . n 
A 1 52  VAL 52  277 277 VAL VAL A . n 
A 1 53  ALA 53  278 278 ALA ALA A . n 
A 1 54  HIS 54  279 279 HIS HIS A . n 
A 1 55  MET 55  280 280 MET MET A . n 
A 1 56  THR 56  281 281 THR THR A . n 
A 1 57  GLU 57  282 282 GLU GLU A . n 
A 1 58  TYR 58  283 283 TYR TYR A . n 
A 1 59  TYR 59  284 284 TYR TYR A . n 
A 1 60  SER 60  285 285 SER SER A . n 
A 1 61  LYS 61  286 286 LYS LYS A . n 
A 1 62  LYS 62  287 287 LYS LYS A . n 
A 1 63  GLU 63  288 288 GLU GLU A . n 
A 1 64  ASN 64  289 289 ASN ASN A . n 
A 1 65  ARG 65  290 290 ARG ARG A . n 
A 1 66  GLU 66  291 291 GLU GLU A . n 
A 1 67  ALA 67  292 292 ALA ALA A . n 
A 1 68  HIS 68  293 293 HIS HIS A . n 
A 1 69  THR 69  294 294 THR THR A . n 
A 1 70  LEU 70  295 295 LEU LEU A . n 
A 1 71  ARG 71  296 296 ARG ARG A . n 
A 1 72  HIS 72  297 297 HIS HIS A . n 
A 1 73  VAL 73  298 298 VAL VAL A . n 
A 1 74  SER 74  299 299 SER SER A . n 
A 1 75  VAL 75  300 300 VAL VAL A . n 
A 1 76  GLY 76  301 301 GLY GLY A . n 
A 1 77  GLN 77  302 302 GLN GLN A . n 
A 1 78  VAL 78  303 303 VAL VAL A . n 
A 1 79  VAL 79  304 304 VAL VAL A . n 
A 1 80  ALA 80  305 305 ALA ALA A . n 
A 1 81  ALA 81  306 306 ALA ALA A . n 
A 1 82  VAL 82  307 307 VAL VAL A . n 
A 1 83  PHE 83  308 308 PHE PHE A . n 
A 1 84  ARG 84  309 309 ARG ARG A . n 
A 1 85  HIS 85  310 310 HIS HIS A . n 
A 1 86  ASP 86  311 311 ASP ASP A . n 
A 1 87  GLY 87  312 312 GLY GLY A . n 
A 1 88  ARG 88  313 313 ARG ARG A . n 
A 1 89  TRP 89  314 314 TRP TRP A . n 
A 1 90  TYR 90  315 315 TYR TYR A . n 
A 1 91  ARG 91  316 316 ARG ARG A . n 
A 1 92  ALA 92  317 317 ALA ALA A . n 
A 1 93  ARG 93  318 318 ARG ARG A . n 
A 1 94  VAL 94  319 319 VAL VAL A . n 
A 1 95  HIS 95  320 320 HIS HIS A . n 
A 1 96  ASP 96  321 321 ASP ASP A . n 
A 1 97  ILE 97  322 322 ILE ILE A . n 
A 1 98  ARG 98  323 323 ARG ARG A . n 
A 1 99  PRO 99  324 324 PRO PRO A . n 
A 1 100 ASN 100 325 325 ASN ASN A . n 
A 1 101 GLU 101 326 326 GLU GLU A . n 
A 1 102 PHE 102 327 327 PHE PHE A . n 
A 1 103 ASP 103 328 328 ASP ASP A . n 
A 1 104 SER 104 329 329 SER SER A . n 
A 1 105 SER 105 330 330 SER SER A . n 
A 1 106 GLN 106 331 331 GLN GLN A . n 
A 1 107 GLN 107 332 332 GLN GLN A . n 
A 1 108 VAL 108 333 333 VAL VAL A . n 
A 1 109 ALA 109 334 334 ALA ALA A . n 
A 1 110 ASP 110 335 335 ASP ASP A . n 
A 1 111 VAL 111 336 336 VAL VAL A . n 
A 1 112 PHE 112 337 337 PHE PHE A . n 
A 1 113 TYR 113 338 338 TYR TYR A . n 
A 1 114 LEU 114 339 339 LEU LEU A . n 
A 1 115 ASP 115 340 340 ASP ASP A . n 
A 1 116 TYR 116 341 341 TYR TYR A . n 
A 1 117 GLY 117 342 342 GLY GLY A . n 
A 1 118 ASP 118 343 343 ASP ASP A . n 
A 1 119 SER 119 344 344 SER SER A . n 
A 1 120 GLU 120 345 345 GLU GLU A . n 
A 1 121 TYR 121 346 346 TYR TYR A . n 
A 1 122 VAL 122 347 347 VAL VAL A . n 
A 1 123 ALA 123 348 348 ALA ALA A . n 
A 1 124 THR 124 349 349 THR THR A . n 
A 1 125 HIS 125 350 350 HIS HIS A . n 
A 1 126 GLU 126 351 351 GLU GLU A . n 
A 1 127 LEU 127 352 352 LEU LEU A . n 
A 1 128 CYS 128 353 353 CYS CYS A . n 
A 1 129 GLU 129 354 354 GLU GLU A . n 
A 1 130 LEU 130 355 355 LEU LEU A . n 
A 1 131 ARG 131 356 356 ARG ARG A . n 
A 1 132 ALA 132 357 357 ALA ALA A . n 
A 1 133 ASP 133 358 358 ASP ASP A . n 
A 1 134 LEU 134 359 359 LEU LEU A . n 
A 1 135 LEU 135 360 360 LEU LEU A . n 
A 1 136 ARG 136 361 361 ARG ARG A . n 
A 1 137 LEU 137 362 362 LEU LEU A . n 
A 1 138 ARG 138 363 363 ARG ARG A . n 
A 1 139 PHE 139 364 364 PHE PHE A . n 
A 1 140 GLN 140 365 365 GLN GLN A . n 
A 1 141 ALA 141 366 366 ALA ALA A . n 
A 1 142 MET 142 367 367 MET MET A . n 
A 1 143 GLU 143 368 368 GLU GLU A . n 
A 1 144 CYS 144 369 369 CYS CYS A . n 
A 1 145 PHE 145 370 370 PHE PHE A . n 
A 1 146 LEU 146 371 371 LEU LEU A . n 
A 1 147 ALA 147 372 372 ALA ALA A . n 
A 1 148 GLY 148 373 373 GLY GLY A . n 
A 1 149 VAL 149 374 374 VAL VAL A . n 
A 1 150 ARG 150 375 375 ARG ARG A . n 
A 1 151 PRO 151 376 376 PRO PRO A . n 
A 1 152 ALA 152 377 377 ALA ALA A . n 
A 1 153 SER 153 378 378 SER SER A . n 
A 1 154 GLY 154 379 ?   ?   ?   A . n 
A 1 155 GLU 155 380 ?   ?   ?   A . n 
A 1 156 GLU 156 381 ?   ?   ?   A . n 
A 1 157 ALA 157 382 ?   ?   ?   A . n 
A 1 158 VAL 158 383 ?   ?   ?   A . n 
A 1 159 SER 159 384 ?   ?   ?   A . n 
A 1 160 PRO 160 385 ?   ?   ?   A . n 
A 1 161 SER 161 386 ?   ?   ?   A . n 
A 1 162 GLY 162 387 ?   ?   ?   A . n 
A 1 163 GLN 163 388 ?   ?   ?   A . n 
A 1 164 ARG 164 389 ?   ?   ?   A . n 
A 1 165 TRP 165 390 ?   ?   ?   A . n 
A 1 166 ASP 166 391 ?   ?   ?   A . n 
A 1 167 LYS 167 392 392 LYS LYS A . n 
A 1 168 TRP 168 393 393 TRP TRP A . n 
A 1 169 HIS 169 394 394 HIS HIS A . n 
A 1 170 PRO 170 395 395 PRO PRO A . n 
A 1 171 GLN 171 396 396 GLN GLN A . n 
A 1 172 ALA 172 397 397 ALA ALA A . n 
A 1 173 VAL 173 398 398 VAL VAL A . n 
A 1 174 GLU 174 399 399 GLU GLU A . n 
A 1 175 ARG 175 400 400 ARG ARG A . n 
A 1 176 PHE 176 401 401 PHE PHE A . n 
A 1 177 GLU 177 402 402 GLU GLU A . n 
A 1 178 GLU 178 403 403 GLU GLU A . n 
A 1 179 LEU 179 404 404 LEU LEU A . n 
A 1 180 THR 180 405 405 THR THR A . n 
A 1 181 GLN 181 406 406 GLN GLN A . n 
A 1 182 VAL 182 407 407 VAL VAL A . n 
A 1 183 ALA 183 408 408 ALA ALA A . n 
A 1 184 ARG 184 409 409 ARG ARG A . n 
A 1 185 TRP 185 410 410 TRP TRP A . n 
A 1 186 LYS 186 411 411 LYS LYS A . n 
A 1 187 ALA 187 412 412 ALA ALA A . n 
A 1 188 LEU 188 413 413 LEU LEU A . n 
A 1 189 VAL 189 414 414 VAL VAL A . n 
A 1 190 SER 190 415 415 SER SER A . n 
A 1 191 ARG 191 416 416 ARG ARG A . n 
A 1 192 THR 192 417 417 THR THR A . n 
A 1 193 CYS 193 418 418 CYS CYS A . n 
A 1 194 THR 194 419 419 THR THR A . n 
A 1 195 TYR 195 420 420 TYR TYR A . n 
A 1 196 LYS 196 421 421 LYS LYS A . n 
A 1 197 LYS 197 422 422 LYS LYS A . n 
A 1 198 THR 198 423 423 THR THR A . n 
A 1 199 ALA 199 424 ?   ?   ?   A . n 
A 1 200 THR 200 425 ?   ?   ?   A . n 
A 1 201 ALA 201 426 ?   ?   ?   A . n 
A 1 202 GLU 202 427 ?   ?   ?   A . n 
A 1 203 GLY 203 428 ?   ?   ?   A . n 
A 1 204 GLU 204 429 ?   ?   ?   A . n 
A 1 205 LYS 205 430 430 LYS LYS A . n 
A 1 206 ASP 206 431 431 ASP ASP A . n 
A 1 207 LYS 207 432 432 LYS LYS A . n 
A 1 208 GLU 208 433 433 GLU GLU A . n 
A 1 209 ILE 209 434 434 ILE ILE A . n 
A 1 210 PRO 210 435 435 PRO PRO A . n 
A 1 211 GLY 211 436 436 GLY GLY A . n 
A 1 212 ILE 212 437 437 ILE ILE A . n 
A 1 213 LYS 213 438 438 LYS LYS A . n 
A 1 214 LEU 214 439 439 LEU LEU A . n 
A 1 215 PHE 215 440 440 PHE PHE A . n 
A 1 216 ASP 216 441 441 ASP ASP A . n 
A 1 217 VAL 217 442 442 VAL VAL A . n 
A 1 218 THR 218 443 443 THR THR A . n 
A 1 219 ASP 219 444 ?   ?   ?   A . n 
A 1 220 GLU 220 445 ?   ?   ?   A . n 
A 1 221 GLY 221 446 446 GLY GLY A . n 
A 1 222 GLU 222 447 447 GLU GLU A . n 
A 1 223 LEU 223 448 448 LEU LEU A . n 
A 1 224 ASP 224 449 449 ASP ASP A . n 
A 1 225 VAL 225 450 450 VAL VAL A . n 
A 1 226 GLY 226 451 451 GLY GLY A . n 
A 1 227 ALA 227 452 452 ALA ALA A . n 
A 1 228 VAL 228 453 453 VAL VAL A . n 
A 1 229 LEU 229 454 454 LEU LEU A . n 
A 1 230 VAL 230 455 455 VAL VAL A . n 
A 1 231 ALA 231 456 456 ALA ALA A . n 
A 1 232 GLU 232 457 457 GLU GLU A . n 
A 1 233 GLY 233 458 458 GLY GLY A . n 
A 1 234 TRP 234 459 459 TRP TRP A . n 
A 1 235 ALA 235 460 460 ALA ALA A . n 
A 1 236 VAL 236 461 461 VAL VAL A . n 
A 1 237 ALA 237 462 ?   ?   ?   A . n 
# 
loop_
_pdbx_nonpoly_scheme.asym_id 
_pdbx_nonpoly_scheme.entity_id 
_pdbx_nonpoly_scheme.mon_id 
_pdbx_nonpoly_scheme.ndb_seq_num 
_pdbx_nonpoly_scheme.pdb_seq_num 
_pdbx_nonpoly_scheme.auth_seq_num 
_pdbx_nonpoly_scheme.pdb_mon_id 
_pdbx_nonpoly_scheme.auth_mon_id 
_pdbx_nonpoly_scheme.pdb_strand_id 
_pdbx_nonpoly_scheme.pdb_ins_code 
B 2 HOH 1  501 31 HOH HOH A . 
B 2 HOH 2  502 54 HOH HOH A . 
B 2 HOH 3  503 29 HOH HOH A . 
B 2 HOH 4  504 14 HOH HOH A . 
B 2 HOH 5  505 37 HOH HOH A . 
B 2 HOH 6  506 8  HOH HOH A . 
B 2 HOH 7  507 20 HOH HOH A . 
B 2 HOH 8  508 28 HOH HOH A . 
B 2 HOH 9  509 56 HOH HOH A . 
B 2 HOH 10 510 26 HOH HOH A . 
B 2 HOH 11 511 53 HOH HOH A . 
B 2 HOH 12 512 45 HOH HOH A . 
B 2 HOH 13 513 22 HOH HOH A . 
B 2 HOH 14 514 2  HOH HOH A . 
B 2 HOH 15 515 24 HOH HOH A . 
B 2 HOH 16 516 11 HOH HOH A . 
B 2 HOH 17 517 16 HOH HOH A . 
B 2 HOH 18 518 55 HOH HOH A . 
B 2 HOH 19 519 9  HOH HOH A . 
B 2 HOH 20 520 15 HOH HOH A . 
B 2 HOH 21 521 12 HOH HOH A . 
B 2 HOH 22 522 25 HOH HOH A . 
B 2 HOH 23 523 5  HOH HOH A . 
B 2 HOH 24 524 40 HOH HOH A . 
B 2 HOH 25 525 3  HOH HOH A . 
B 2 HOH 26 526 35 HOH HOH A . 
B 2 HOH 27 527 36 HOH HOH A . 
B 2 HOH 28 528 4  HOH HOH A . 
B 2 HOH 29 529 32 HOH HOH A . 
B 2 HOH 30 530 52 HOH HOH A . 
B 2 HOH 31 531 10 HOH HOH A . 
B 2 HOH 32 532 41 HOH HOH A . 
B 2 HOH 33 533 23 HOH HOH A . 
B 2 HOH 34 534 44 HOH HOH A . 
B 2 HOH 35 535 51 HOH HOH A . 
B 2 HOH 36 536 17 HOH HOH A . 
B 2 HOH 37 537 34 HOH HOH A . 
B 2 HOH 38 538 6  HOH HOH A . 
B 2 HOH 39 539 1  HOH HOH A . 
B 2 HOH 40 540 48 HOH HOH A . 
B 2 HOH 41 541 27 HOH HOH A . 
B 2 HOH 42 542 19 HOH HOH A . 
B 2 HOH 43 543 18 HOH HOH A . 
B 2 HOH 44 544 43 HOH HOH A . 
B 2 HOH 45 545 21 HOH HOH A . 
B 2 HOH 46 546 46 HOH HOH A . 
B 2 HOH 47 547 38 HOH HOH A . 
B 2 HOH 48 548 30 HOH HOH A . 
B 2 HOH 49 549 49 HOH HOH A . 
B 2 HOH 50 550 50 HOH HOH A . 
B 2 HOH 51 551 13 HOH HOH A . 
B 2 HOH 52 552 47 HOH HOH A . 
B 2 HOH 53 553 33 HOH HOH A . 
B 2 HOH 54 554 42 HOH HOH A . 
B 2 HOH 55 555 7  HOH HOH A . 
B 2 HOH 56 556 39 HOH HOH A . 
# 
_pdbx_struct_assembly.id                   1 
_pdbx_struct_assembly.details              author_defined_assembly 
_pdbx_struct_assembly.method_details       ? 
_pdbx_struct_assembly.oligomeric_details   monomeric 
_pdbx_struct_assembly.oligomeric_count     1 
# 
_pdbx_struct_assembly_gen.assembly_id       1 
_pdbx_struct_assembly_gen.oper_expression   1 
_pdbx_struct_assembly_gen.asym_id_list      A,B 
# 
_pdbx_struct_oper_list.id                   1 
_pdbx_struct_oper_list.type                 'identity operation' 
_pdbx_struct_oper_list.name                 1_555 
_pdbx_struct_oper_list.symmetry_operation   x,y,z 
_pdbx_struct_oper_list.matrix[1][1]         1.0000000000 
_pdbx_struct_oper_list.matrix[1][2]         0.0000000000 
_pdbx_struct_oper_list.matrix[1][3]         0.0000000000 
_pdbx_struct_oper_list.vector[1]            0.0000000000 
_pdbx_struct_oper_list.matrix[2][1]         0.0000000000 
_pdbx_struct_oper_list.matrix[2][2]         1.0000000000 
_pdbx_struct_oper_list.matrix[2][3]         0.0000000000 
_pdbx_struct_oper_list.vector[2]            0.0000000000 
_pdbx_struct_oper_list.matrix[3][1]         0.0000000000 
_pdbx_struct_oper_list.matrix[3][2]         0.0000000000 
_pdbx_struct_oper_list.matrix[3][3]         1.0000000000 
_pdbx_struct_oper_list.vector[3]            0.0000000000 
# 
loop_
_pdbx_audit_revision_history.ordinal 
_pdbx_audit_revision_history.data_content_type 
_pdbx_audit_revision_history.major_revision 
_pdbx_audit_revision_history.minor_revision 
_pdbx_audit_revision_history.revision_date 
1 'Structure model' 1 0 2017-06-14 
2 'Structure model' 1 1 2017-09-13 
3 'Structure model' 1 2 2020-01-01 
4 'Structure model' 1 3 2023-10-04 
# 
_pdbx_audit_revision_details.ordinal             1 
_pdbx_audit_revision_details.revision_ordinal    1 
_pdbx_audit_revision_details.data_content_type   'Structure model' 
_pdbx_audit_revision_details.provider            repository 
_pdbx_audit_revision_details.type                'Initial release' 
_pdbx_audit_revision_details.description         ? 
_pdbx_audit_revision_details.details             ? 
# 
loop_
_pdbx_audit_revision_group.ordinal 
_pdbx_audit_revision_group.revision_ordinal 
_pdbx_audit_revision_group.data_content_type 
_pdbx_audit_revision_group.group 
1 2 'Structure model' 'Author supporting evidence' 
2 3 'Structure model' 'Author supporting evidence' 
3 4 'Structure model' 'Data collection'            
4 4 'Structure model' 'Database references'        
5 4 'Structure model' 'Refinement description'     
# 
loop_
_pdbx_audit_revision_category.ordinal 
_pdbx_audit_revision_category.revision_ordinal 
_pdbx_audit_revision_category.data_content_type 
_pdbx_audit_revision_category.category 
1 2 'Structure model' pdbx_audit_support            
2 3 'Structure model' pdbx_audit_support            
3 4 'Structure model' chem_comp_atom                
4 4 'Structure model' chem_comp_bond                
5 4 'Structure model' database_2                    
6 4 'Structure model' pdbx_initial_refinement_model 
# 
loop_
_pdbx_audit_revision_item.ordinal 
_pdbx_audit_revision_item.revision_ordinal 
_pdbx_audit_revision_item.data_content_type 
_pdbx_audit_revision_item.item 
1 2 'Structure model' '_pdbx_audit_support.funding_organization' 
2 3 'Structure model' '_pdbx_audit_support.funding_organization' 
3 4 'Structure model' '_database_2.pdbx_DOI'                     
4 4 'Structure model' '_database_2.pdbx_database_accession'      
# 
loop_
_software.citation_id 
_software.classification 
_software.compiler_name 
_software.compiler_version 
_software.contact_author 
_software.contact_author_email 
_software.date 
_software.description 
_software.dependencies 
_software.hardware 
_software.language 
_software.location 
_software.mods 
_software.name 
_software.os 
_software.os_version 
_software.type 
_software.version 
_software.pdbx_ordinal 
? refinement       ? ? ? ? ? ? ? ? ? ? ? REFMAC  ? ? ? 5.8.0073 1 
? 'data reduction' ? ? ? ? ? ? ? ? ? ? ? iMOSFLM ? ? ? .        2 
? 'data scaling'   ? ? ? ? ? ? ? ? ? ? ? XDS     ? ? ? .        3 
? phasing          ? ? ? ? ? ? ? ? ? ? ? PHENIX  ? ? ? .        4 
# 
_pdbx_validate_torsion.id              1 
_pdbx_validate_torsion.PDB_model_num   1 
_pdbx_validate_torsion.auth_comp_id    ALA 
_pdbx_validate_torsion.auth_asym_id    A 
_pdbx_validate_torsion.auth_seq_id     377 
_pdbx_validate_torsion.PDB_ins_code    ? 
_pdbx_validate_torsion.label_alt_id    ? 
_pdbx_validate_torsion.phi             -35.86 
_pdbx_validate_torsion.psi             -38.89 
# 
loop_
_pdbx_unobs_or_zero_occ_atoms.id 
_pdbx_unobs_or_zero_occ_atoms.PDB_model_num 
_pdbx_unobs_or_zero_occ_atoms.polymer_flag 
_pdbx_unobs_or_zero_occ_atoms.occupancy_flag 
_pdbx_unobs_or_zero_occ_atoms.auth_asym_id 
_pdbx_unobs_or_zero_occ_atoms.auth_comp_id 
_pdbx_unobs_or_zero_occ_atoms.auth_seq_id 
_pdbx_unobs_or_zero_occ_atoms.PDB_ins_code 
_pdbx_unobs_or_zero_occ_atoms.auth_atom_id 
_pdbx_unobs_or_zero_occ_atoms.label_alt_id 
_pdbx_unobs_or_zero_occ_atoms.label_asym_id 
_pdbx_unobs_or_zero_occ_atoms.label_comp_id 
_pdbx_unobs_or_zero_occ_atoms.label_seq_id 
_pdbx_unobs_or_zero_occ_atoms.label_atom_id 
1  1 Y 1 A GLN -4  ? CG  ? A GLN 16  CG  
2  1 Y 1 A GLN -4  ? CD  ? A GLN 16  CD  
3  1 Y 1 A GLN -4  ? OE1 ? A GLN 16  OE1 
4  1 Y 1 A GLN -4  ? NE2 ? A GLN 16  NE2 
5  1 Y 1 A SER -3  ? OG  ? A SER 17  OG  
6  1 Y 1 A ARG 260 ? NE  ? A ARG 35  NE  
7  1 Y 1 A ARG 260 ? CZ  ? A ARG 35  CZ  
8  1 Y 1 A ARG 260 ? NH1 ? A ARG 35  NH1 
9  1 Y 1 A ARG 260 ? NH2 ? A ARG 35  NH2 
10 1 Y 1 A GLU 282 ? CG  ? A GLU 57  CG  
11 1 Y 1 A GLU 282 ? CD  ? A GLU 57  CD  
12 1 Y 1 A GLU 282 ? OE1 ? A GLU 57  OE1 
13 1 Y 1 A GLU 282 ? OE2 ? A GLU 57  OE2 
14 1 Y 1 A LYS 286 ? CD  ? A LYS 61  CD  
15 1 Y 1 A LYS 286 ? CE  ? A LYS 61  CE  
16 1 Y 1 A LYS 286 ? NZ  ? A LYS 61  NZ  
17 1 Y 1 A LYS 287 ? CG  ? A LYS 62  CG  
18 1 Y 1 A LYS 287 ? CD  ? A LYS 62  CD  
19 1 Y 1 A LYS 287 ? CE  ? A LYS 62  CE  
20 1 Y 1 A LYS 287 ? NZ  ? A LYS 62  NZ  
21 1 Y 1 A GLU 288 ? CG  ? A GLU 63  CG  
22 1 Y 1 A GLU 288 ? CD  ? A GLU 63  CD  
23 1 Y 1 A GLU 288 ? OE1 ? A GLU 63  OE1 
24 1 Y 1 A GLU 288 ? OE2 ? A GLU 63  OE2 
25 1 Y 1 A ARG 296 ? CG  ? A ARG 71  CG  
26 1 Y 1 A ARG 296 ? CD  ? A ARG 71  CD  
27 1 Y 1 A ARG 296 ? NE  ? A ARG 71  NE  
28 1 Y 1 A ARG 296 ? CZ  ? A ARG 71  CZ  
29 1 Y 1 A ARG 296 ? NH1 ? A ARG 71  NH1 
30 1 Y 1 A ARG 296 ? NH2 ? A ARG 71  NH2 
31 1 Y 1 A ASP 311 ? CG  ? A ASP 86  CG  
32 1 Y 1 A ASP 311 ? OD1 ? A ASP 86  OD1 
33 1 Y 1 A ASP 311 ? OD2 ? A ASP 86  OD2 
34 1 Y 1 A ARG 361 ? CG  ? A ARG 136 CG  
35 1 Y 1 A ARG 361 ? CD  ? A ARG 136 CD  
36 1 Y 1 A ARG 361 ? NE  ? A ARG 136 NE  
37 1 Y 1 A ARG 361 ? CZ  ? A ARG 136 CZ  
38 1 Y 1 A ARG 361 ? NH1 ? A ARG 136 NH1 
39 1 Y 1 A ARG 361 ? NH2 ? A ARG 136 NH2 
40 1 Y 1 A ARG 375 ? CG  ? A ARG 150 CG  
41 1 Y 1 A ARG 375 ? CD  ? A ARG 150 CD  
42 1 Y 1 A ARG 375 ? NE  ? A ARG 150 NE  
43 1 Y 1 A ARG 375 ? CZ  ? A ARG 150 CZ  
44 1 Y 1 A ARG 375 ? NH1 ? A ARG 150 NH1 
45 1 Y 1 A ARG 375 ? NH2 ? A ARG 150 NH2 
46 1 Y 1 A SER 378 ? OG  ? A SER 153 OG  
47 1 Y 1 A LYS 392 ? CG  ? A LYS 167 CG  
48 1 Y 1 A LYS 392 ? CD  ? A LYS 167 CD  
49 1 Y 1 A LYS 392 ? CE  ? A LYS 167 CE  
50 1 Y 1 A LYS 392 ? NZ  ? A LYS 167 NZ  
51 1 Y 1 A GLN 396 ? CG  ? A GLN 171 CG  
52 1 Y 1 A GLN 396 ? CD  ? A GLN 171 CD  
53 1 Y 1 A GLN 396 ? OE1 ? A GLN 171 OE1 
54 1 Y 1 A GLN 396 ? NE2 ? A GLN 171 NE2 
55 1 Y 1 A LYS 421 ? CE  ? A LYS 196 CE  
56 1 Y 1 A LYS 421 ? NZ  ? A LYS 196 NZ  
57 1 Y 1 A LYS 422 ? CG  ? A LYS 197 CG  
58 1 Y 1 A LYS 422 ? CD  ? A LYS 197 CD  
59 1 Y 1 A LYS 422 ? CE  ? A LYS 197 CE  
60 1 Y 1 A LYS 422 ? NZ  ? A LYS 197 NZ  
61 1 Y 1 A THR 443 ? OG1 ? A THR 218 OG1 
62 1 Y 1 A THR 443 ? CG2 ? A THR 218 CG2 
63 1 Y 1 A GLU 447 ? CG  ? A GLU 222 CG  
64 1 Y 1 A GLU 447 ? CD  ? A GLU 222 CD  
65 1 Y 1 A GLU 447 ? OE1 ? A GLU 222 OE1 
66 1 Y 1 A GLU 447 ? OE2 ? A GLU 222 OE2 
67 1 Y 1 A VAL 461 ? CG1 ? A VAL 236 CG1 
68 1 Y 1 A VAL 461 ? CG2 ? A VAL 236 CG2 
# 
loop_
_pdbx_unobs_or_zero_occ_residues.id 
_pdbx_unobs_or_zero_occ_residues.PDB_model_num 
_pdbx_unobs_or_zero_occ_residues.polymer_flag 
_pdbx_unobs_or_zero_occ_residues.occupancy_flag 
_pdbx_unobs_or_zero_occ_residues.auth_asym_id 
_pdbx_unobs_or_zero_occ_residues.auth_comp_id 
_pdbx_unobs_or_zero_occ_residues.auth_seq_id 
_pdbx_unobs_or_zero_occ_residues.PDB_ins_code 
_pdbx_unobs_or_zero_occ_residues.label_asym_id 
_pdbx_unobs_or_zero_occ_residues.label_comp_id 
_pdbx_unobs_or_zero_occ_residues.label_seq_id 
1  1 Y 1 A MET -19 ? A MET 1   
2  1 Y 1 A GLY -18 ? A GLY 2   
3  1 Y 1 A SER -17 ? A SER 3   
4  1 Y 1 A SER -16 ? A SER 4   
5  1 Y 1 A HIS -15 ? A HIS 5   
6  1 Y 1 A HIS -14 ? A HIS 6   
7  1 Y 1 A HIS -13 ? A HIS 7   
8  1 Y 1 A HIS -12 ? A HIS 8   
9  1 Y 1 A HIS -11 ? A HIS 9   
10 1 Y 1 A HIS -10 ? A HIS 10  
11 1 Y 1 A GLU -9  ? A GLU 11  
12 1 Y 1 A ASN -8  ? A ASN 12  
13 1 Y 1 A GLY 379 ? A GLY 154 
14 1 Y 1 A GLU 380 ? A GLU 155 
15 1 Y 1 A GLU 381 ? A GLU 156 
16 1 Y 1 A ALA 382 ? A ALA 157 
17 1 Y 1 A VAL 383 ? A VAL 158 
18 1 Y 1 A SER 384 ? A SER 159 
19 1 Y 1 A PRO 385 ? A PRO 160 
20 1 Y 1 A SER 386 ? A SER 161 
21 1 Y 1 A GLY 387 ? A GLY 162 
22 1 Y 1 A GLN 388 ? A GLN 163 
23 1 Y 1 A ARG 389 ? A ARG 164 
24 1 Y 1 A TRP 390 ? A TRP 165 
25 1 Y 1 A ASP 391 ? A ASP 166 
26 1 Y 1 A ALA 424 ? A ALA 199 
27 1 Y 1 A THR 425 ? A THR 200 
28 1 Y 1 A ALA 426 ? A ALA 201 
29 1 Y 1 A GLU 427 ? A GLU 202 
30 1 Y 1 A GLY 428 ? A GLY 203 
31 1 Y 1 A GLU 429 ? A GLU 204 
32 1 Y 1 A ASP 444 ? A ASP 219 
33 1 Y 1 A GLU 445 ? A GLU 220 
34 1 Y 1 A ALA 462 ? A ALA 237 
# 
loop_
_chem_comp_atom.comp_id 
_chem_comp_atom.atom_id 
_chem_comp_atom.type_symbol 
_chem_comp_atom.pdbx_aromatic_flag 
_chem_comp_atom.pdbx_stereo_config 
_chem_comp_atom.pdbx_ordinal 
ALA N    N N N 1   
ALA CA   C N S 2   
ALA C    C N N 3   
ALA O    O N N 4   
ALA CB   C N N 5   
ALA OXT  O N N 6   
ALA H    H N N 7   
ALA H2   H N N 8   
ALA HA   H N N 9   
ALA HB1  H N N 10  
ALA HB2  H N N 11  
ALA HB3  H N N 12  
ALA HXT  H N N 13  
ARG N    N N N 14  
ARG CA   C N S 15  
ARG C    C N N 16  
ARG O    O N N 17  
ARG CB   C N N 18  
ARG CG   C N N 19  
ARG CD   C N N 20  
ARG NE   N N N 21  
ARG CZ   C N N 22  
ARG NH1  N N N 23  
ARG NH2  N N N 24  
ARG OXT  O N N 25  
ARG H    H N N 26  
ARG H2   H N N 27  
ARG HA   H N N 28  
ARG HB2  H N N 29  
ARG HB3  H N N 30  
ARG HG2  H N N 31  
ARG HG3  H N N 32  
ARG HD2  H N N 33  
ARG HD3  H N N 34  
ARG HE   H N N 35  
ARG HH11 H N N 36  
ARG HH12 H N N 37  
ARG HH21 H N N 38  
ARG HH22 H N N 39  
ARG HXT  H N N 40  
ASN N    N N N 41  
ASN CA   C N S 42  
ASN C    C N N 43  
ASN O    O N N 44  
ASN CB   C N N 45  
ASN CG   C N N 46  
ASN OD1  O N N 47  
ASN ND2  N N N 48  
ASN OXT  O N N 49  
ASN H    H N N 50  
ASN H2   H N N 51  
ASN HA   H N N 52  
ASN HB2  H N N 53  
ASN HB3  H N N 54  
ASN HD21 H N N 55  
ASN HD22 H N N 56  
ASN HXT  H N N 57  
ASP N    N N N 58  
ASP CA   C N S 59  
ASP C    C N N 60  
ASP O    O N N 61  
ASP CB   C N N 62  
ASP CG   C N N 63  
ASP OD1  O N N 64  
ASP OD2  O N N 65  
ASP OXT  O N N 66  
ASP H    H N N 67  
ASP H2   H N N 68  
ASP HA   H N N 69  
ASP HB2  H N N 70  
ASP HB3  H N N 71  
ASP HD2  H N N 72  
ASP HXT  H N N 73  
CYS N    N N N 74  
CYS CA   C N R 75  
CYS C    C N N 76  
CYS O    O N N 77  
CYS CB   C N N 78  
CYS SG   S N N 79  
CYS OXT  O N N 80  
CYS H    H N N 81  
CYS H2   H N N 82  
CYS HA   H N N 83  
CYS HB2  H N N 84  
CYS HB3  H N N 85  
CYS HG   H N N 86  
CYS HXT  H N N 87  
GLN N    N N N 88  
GLN CA   C N S 89  
GLN C    C N N 90  
GLN O    O N N 91  
GLN CB   C N N 92  
GLN CG   C N N 93  
GLN CD   C N N 94  
GLN OE1  O N N 95  
GLN NE2  N N N 96  
GLN OXT  O N N 97  
GLN H    H N N 98  
GLN H2   H N N 99  
GLN HA   H N N 100 
GLN HB2  H N N 101 
GLN HB3  H N N 102 
GLN HG2  H N N 103 
GLN HG3  H N N 104 
GLN HE21 H N N 105 
GLN HE22 H N N 106 
GLN HXT  H N N 107 
GLU N    N N N 108 
GLU CA   C N S 109 
GLU C    C N N 110 
GLU O    O N N 111 
GLU CB   C N N 112 
GLU CG   C N N 113 
GLU CD   C N N 114 
GLU OE1  O N N 115 
GLU OE2  O N N 116 
GLU OXT  O N N 117 
GLU H    H N N 118 
GLU H2   H N N 119 
GLU HA   H N N 120 
GLU HB2  H N N 121 
GLU HB3  H N N 122 
GLU HG2  H N N 123 
GLU HG3  H N N 124 
GLU HE2  H N N 125 
GLU HXT  H N N 126 
GLY N    N N N 127 
GLY CA   C N N 128 
GLY C    C N N 129 
GLY O    O N N 130 
GLY OXT  O N N 131 
GLY H    H N N 132 
GLY H2   H N N 133 
GLY HA2  H N N 134 
GLY HA3  H N N 135 
GLY HXT  H N N 136 
HIS N    N N N 137 
HIS CA   C N S 138 
HIS C    C N N 139 
HIS O    O N N 140 
HIS CB   C N N 141 
HIS CG   C Y N 142 
HIS ND1  N Y N 143 
HIS CD2  C Y N 144 
HIS CE1  C Y N 145 
HIS NE2  N Y N 146 
HIS OXT  O N N 147 
HIS H    H N N 148 
HIS H2   H N N 149 
HIS HA   H N N 150 
HIS HB2  H N N 151 
HIS HB3  H N N 152 
HIS HD1  H N N 153 
HIS HD2  H N N 154 
HIS HE1  H N N 155 
HIS HE2  H N N 156 
HIS HXT  H N N 157 
HOH O    O N N 158 
HOH H1   H N N 159 
HOH H2   H N N 160 
ILE N    N N N 161 
ILE CA   C N S 162 
ILE C    C N N 163 
ILE O    O N N 164 
ILE CB   C N S 165 
ILE CG1  C N N 166 
ILE CG2  C N N 167 
ILE CD1  C N N 168 
ILE OXT  O N N 169 
ILE H    H N N 170 
ILE H2   H N N 171 
ILE HA   H N N 172 
ILE HB   H N N 173 
ILE HG12 H N N 174 
ILE HG13 H N N 175 
ILE HG21 H N N 176 
ILE HG22 H N N 177 
ILE HG23 H N N 178 
ILE HD11 H N N 179 
ILE HD12 H N N 180 
ILE HD13 H N N 181 
ILE HXT  H N N 182 
LEU N    N N N 183 
LEU CA   C N S 184 
LEU C    C N N 185 
LEU O    O N N 186 
LEU CB   C N N 187 
LEU CG   C N N 188 
LEU CD1  C N N 189 
LEU CD2  C N N 190 
LEU OXT  O N N 191 
LEU H    H N N 192 
LEU H2   H N N 193 
LEU HA   H N N 194 
LEU HB2  H N N 195 
LEU HB3  H N N 196 
LEU HG   H N N 197 
LEU HD11 H N N 198 
LEU HD12 H N N 199 
LEU HD13 H N N 200 
LEU HD21 H N N 201 
LEU HD22 H N N 202 
LEU HD23 H N N 203 
LEU HXT  H N N 204 
LYS N    N N N 205 
LYS CA   C N S 206 
LYS C    C N N 207 
LYS O    O N N 208 
LYS CB   C N N 209 
LYS CG   C N N 210 
LYS CD   C N N 211 
LYS CE   C N N 212 
LYS NZ   N N N 213 
LYS OXT  O N N 214 
LYS H    H N N 215 
LYS H2   H N N 216 
LYS HA   H N N 217 
LYS HB2  H N N 218 
LYS HB3  H N N 219 
LYS HG2  H N N 220 
LYS HG3  H N N 221 
LYS HD2  H N N 222 
LYS HD3  H N N 223 
LYS HE2  H N N 224 
LYS HE3  H N N 225 
LYS HZ1  H N N 226 
LYS HZ2  H N N 227 
LYS HZ3  H N N 228 
LYS HXT  H N N 229 
MET N    N N N 230 
MET CA   C N S 231 
MET C    C N N 232 
MET O    O N N 233 
MET CB   C N N 234 
MET CG   C N N 235 
MET SD   S N N 236 
MET CE   C N N 237 
MET OXT  O N N 238 
MET H    H N N 239 
MET H2   H N N 240 
MET HA   H N N 241 
MET HB2  H N N 242 
MET HB3  H N N 243 
MET HG2  H N N 244 
MET HG3  H N N 245 
MET HE1  H N N 246 
MET HE2  H N N 247 
MET HE3  H N N 248 
MET HXT  H N N 249 
PHE N    N N N 250 
PHE CA   C N S 251 
PHE C    C N N 252 
PHE O    O N N 253 
PHE CB   C N N 254 
PHE CG   C Y N 255 
PHE CD1  C Y N 256 
PHE CD2  C Y N 257 
PHE CE1  C Y N 258 
PHE CE2  C Y N 259 
PHE CZ   C Y N 260 
PHE OXT  O N N 261 
PHE H    H N N 262 
PHE H2   H N N 263 
PHE HA   H N N 264 
PHE HB2  H N N 265 
PHE HB3  H N N 266 
PHE HD1  H N N 267 
PHE HD2  H N N 268 
PHE HE1  H N N 269 
PHE HE2  H N N 270 
PHE HZ   H N N 271 
PHE HXT  H N N 272 
PRO N    N N N 273 
PRO CA   C N S 274 
PRO C    C N N 275 
PRO O    O N N 276 
PRO CB   C N N 277 
PRO CG   C N N 278 
PRO CD   C N N 279 
PRO OXT  O N N 280 
PRO H    H N N 281 
PRO HA   H N N 282 
PRO HB2  H N N 283 
PRO HB3  H N N 284 
PRO HG2  H N N 285 
PRO HG3  H N N 286 
PRO HD2  H N N 287 
PRO HD3  H N N 288 
PRO HXT  H N N 289 
SER N    N N N 290 
SER CA   C N S 291 
SER C    C N N 292 
SER O    O N N 293 
SER CB   C N N 294 
SER OG   O N N 295 
SER OXT  O N N 296 
SER H    H N N 297 
SER H2   H N N 298 
SER HA   H N N 299 
SER HB2  H N N 300 
SER HB3  H N N 301 
SER HG   H N N 302 
SER HXT  H N N 303 
THR N    N N N 304 
THR CA   C N S 305 
THR C    C N N 306 
THR O    O N N 307 
THR CB   C N R 308 
THR OG1  O N N 309 
THR CG2  C N N 310 
THR OXT  O N N 311 
THR H    H N N 312 
THR H2   H N N 313 
THR HA   H N N 314 
THR HB   H N N 315 
THR HG1  H N N 316 
THR HG21 H N N 317 
THR HG22 H N N 318 
THR HG23 H N N 319 
THR HXT  H N N 320 
TRP N    N N N 321 
TRP CA   C N S 322 
TRP C    C N N 323 
TRP O    O N N 324 
TRP CB   C N N 325 
TRP CG   C Y N 326 
TRP CD1  C Y N 327 
TRP CD2  C Y N 328 
TRP NE1  N Y N 329 
TRP CE2  C Y N 330 
TRP CE3  C Y N 331 
TRP CZ2  C Y N 332 
TRP CZ3  C Y N 333 
TRP CH2  C Y N 334 
TRP OXT  O N N 335 
TRP H    H N N 336 
TRP H2   H N N 337 
TRP HA   H N N 338 
TRP HB2  H N N 339 
TRP HB3  H N N 340 
TRP HD1  H N N 341 
TRP HE1  H N N 342 
TRP HE3  H N N 343 
TRP HZ2  H N N 344 
TRP HZ3  H N N 345 
TRP HH2  H N N 346 
TRP HXT  H N N 347 
TYR N    N N N 348 
TYR CA   C N S 349 
TYR C    C N N 350 
TYR O    O N N 351 
TYR CB   C N N 352 
TYR CG   C Y N 353 
TYR CD1  C Y N 354 
TYR CD2  C Y N 355 
TYR CE1  C Y N 356 
TYR CE2  C Y N 357 
TYR CZ   C Y N 358 
TYR OH   O N N 359 
TYR OXT  O N N 360 
TYR H    H N N 361 
TYR H2   H N N 362 
TYR HA   H N N 363 
TYR HB2  H N N 364 
TYR HB3  H N N 365 
TYR HD1  H N N 366 
TYR HD2  H N N 367 
TYR HE1  H N N 368 
TYR HE2  H N N 369 
TYR HH   H N N 370 
TYR HXT  H N N 371 
VAL N    N N N 372 
VAL CA   C N S 373 
VAL C    C N N 374 
VAL O    O N N 375 
VAL CB   C N N 376 
VAL CG1  C N N 377 
VAL CG2  C N N 378 
VAL OXT  O N N 379 
VAL H    H N N 380 
VAL H2   H N N 381 
VAL HA   H N N 382 
VAL HB   H N N 383 
VAL HG11 H N N 384 
VAL HG12 H N N 385 
VAL HG13 H N N 386 
VAL HG21 H N N 387 
VAL HG22 H N N 388 
VAL HG23 H N N 389 
VAL HXT  H N N 390 
# 
loop_
_chem_comp_bond.comp_id 
_chem_comp_bond.atom_id_1 
_chem_comp_bond.atom_id_2 
_chem_comp_bond.value_order 
_chem_comp_bond.pdbx_aromatic_flag 
_chem_comp_bond.pdbx_stereo_config 
_chem_comp_bond.pdbx_ordinal 
ALA N   CA   sing N N 1   
ALA N   H    sing N N 2   
ALA N   H2   sing N N 3   
ALA CA  C    sing N N 4   
ALA CA  CB   sing N N 5   
ALA CA  HA   sing N N 6   
ALA C   O    doub N N 7   
ALA C   OXT  sing N N 8   
ALA CB  HB1  sing N N 9   
ALA CB  HB2  sing N N 10  
ALA CB  HB3  sing N N 11  
ALA OXT HXT  sing N N 12  
ARG N   CA   sing N N 13  
ARG N   H    sing N N 14  
ARG N   H2   sing N N 15  
ARG CA  C    sing N N 16  
ARG CA  CB   sing N N 17  
ARG CA  HA   sing N N 18  
ARG C   O    doub N N 19  
ARG C   OXT  sing N N 20  
ARG CB  CG   sing N N 21  
ARG CB  HB2  sing N N 22  
ARG CB  HB3  sing N N 23  
ARG CG  CD   sing N N 24  
ARG CG  HG2  sing N N 25  
ARG CG  HG3  sing N N 26  
ARG CD  NE   sing N N 27  
ARG CD  HD2  sing N N 28  
ARG CD  HD3  sing N N 29  
ARG NE  CZ   sing N N 30  
ARG NE  HE   sing N N 31  
ARG CZ  NH1  sing N N 32  
ARG CZ  NH2  doub N N 33  
ARG NH1 HH11 sing N N 34  
ARG NH1 HH12 sing N N 35  
ARG NH2 HH21 sing N N 36  
ARG NH2 HH22 sing N N 37  
ARG OXT HXT  sing N N 38  
ASN N   CA   sing N N 39  
ASN N   H    sing N N 40  
ASN N   H2   sing N N 41  
ASN CA  C    sing N N 42  
ASN CA  CB   sing N N 43  
ASN CA  HA   sing N N 44  
ASN C   O    doub N N 45  
ASN C   OXT  sing N N 46  
ASN CB  CG   sing N N 47  
ASN CB  HB2  sing N N 48  
ASN CB  HB3  sing N N 49  
ASN CG  OD1  doub N N 50  
ASN CG  ND2  sing N N 51  
ASN ND2 HD21 sing N N 52  
ASN ND2 HD22 sing N N 53  
ASN OXT HXT  sing N N 54  
ASP N   CA   sing N N 55  
ASP N   H    sing N N 56  
ASP N   H2   sing N N 57  
ASP CA  C    sing N N 58  
ASP CA  CB   sing N N 59  
ASP CA  HA   sing N N 60  
ASP C   O    doub N N 61  
ASP C   OXT  sing N N 62  
ASP CB  CG   sing N N 63  
ASP CB  HB2  sing N N 64  
ASP CB  HB3  sing N N 65  
ASP CG  OD1  doub N N 66  
ASP CG  OD2  sing N N 67  
ASP OD2 HD2  sing N N 68  
ASP OXT HXT  sing N N 69  
CYS N   CA   sing N N 70  
CYS N   H    sing N N 71  
CYS N   H2   sing N N 72  
CYS CA  C    sing N N 73  
CYS CA  CB   sing N N 74  
CYS CA  HA   sing N N 75  
CYS C   O    doub N N 76  
CYS C   OXT  sing N N 77  
CYS CB  SG   sing N N 78  
CYS CB  HB2  sing N N 79  
CYS CB  HB3  sing N N 80  
CYS SG  HG   sing N N 81  
CYS OXT HXT  sing N N 82  
GLN N   CA   sing N N 83  
GLN N   H    sing N N 84  
GLN N   H2   sing N N 85  
GLN CA  C    sing N N 86  
GLN CA  CB   sing N N 87  
GLN CA  HA   sing N N 88  
GLN C   O    doub N N 89  
GLN C   OXT  sing N N 90  
GLN CB  CG   sing N N 91  
GLN CB  HB2  sing N N 92  
GLN CB  HB3  sing N N 93  
GLN CG  CD   sing N N 94  
GLN CG  HG2  sing N N 95  
GLN CG  HG3  sing N N 96  
GLN CD  OE1  doub N N 97  
GLN CD  NE2  sing N N 98  
GLN NE2 HE21 sing N N 99  
GLN NE2 HE22 sing N N 100 
GLN OXT HXT  sing N N 101 
GLU N   CA   sing N N 102 
GLU N   H    sing N N 103 
GLU N   H2   sing N N 104 
GLU CA  C    sing N N 105 
GLU CA  CB   sing N N 106 
GLU CA  HA   sing N N 107 
GLU C   O    doub N N 108 
GLU C   OXT  sing N N 109 
GLU CB  CG   sing N N 110 
GLU CB  HB2  sing N N 111 
GLU CB  HB3  sing N N 112 
GLU CG  CD   sing N N 113 
GLU CG  HG2  sing N N 114 
GLU CG  HG3  sing N N 115 
GLU CD  OE1  doub N N 116 
GLU CD  OE2  sing N N 117 
GLU OE2 HE2  sing N N 118 
GLU OXT HXT  sing N N 119 
GLY N   CA   sing N N 120 
GLY N   H    sing N N 121 
GLY N   H2   sing N N 122 
GLY CA  C    sing N N 123 
GLY CA  HA2  sing N N 124 
GLY CA  HA3  sing N N 125 
GLY C   O    doub N N 126 
GLY C   OXT  sing N N 127 
GLY OXT HXT  sing N N 128 
HIS N   CA   sing N N 129 
HIS N   H    sing N N 130 
HIS N   H2   sing N N 131 
HIS CA  C    sing N N 132 
HIS CA  CB   sing N N 133 
HIS CA  HA   sing N N 134 
HIS C   O    doub N N 135 
HIS C   OXT  sing N N 136 
HIS CB  CG   sing N N 137 
HIS CB  HB2  sing N N 138 
HIS CB  HB3  sing N N 139 
HIS CG  ND1  sing Y N 140 
HIS CG  CD2  doub Y N 141 
HIS ND1 CE1  doub Y N 142 
HIS ND1 HD1  sing N N 143 
HIS CD2 NE2  sing Y N 144 
HIS CD2 HD2  sing N N 145 
HIS CE1 NE2  sing Y N 146 
HIS CE1 HE1  sing N N 147 
HIS NE2 HE2  sing N N 148 
HIS OXT HXT  sing N N 149 
HOH O   H1   sing N N 150 
HOH O   H2   sing N N 151 
ILE N   CA   sing N N 152 
ILE N   H    sing N N 153 
ILE N   H2   sing N N 154 
ILE CA  C    sing N N 155 
ILE CA  CB   sing N N 156 
ILE CA  HA   sing N N 157 
ILE C   O    doub N N 158 
ILE C   OXT  sing N N 159 
ILE CB  CG1  sing N N 160 
ILE CB  CG2  sing N N 161 
ILE CB  HB   sing N N 162 
ILE CG1 CD1  sing N N 163 
ILE CG1 HG12 sing N N 164 
ILE CG1 HG13 sing N N 165 
ILE CG2 HG21 sing N N 166 
ILE CG2 HG22 sing N N 167 
ILE CG2 HG23 sing N N 168 
ILE CD1 HD11 sing N N 169 
ILE CD1 HD12 sing N N 170 
ILE CD1 HD13 sing N N 171 
ILE OXT HXT  sing N N 172 
LEU N   CA   sing N N 173 
LEU N   H    sing N N 174 
LEU N   H2   sing N N 175 
LEU CA  C    sing N N 176 
LEU CA  CB   sing N N 177 
LEU CA  HA   sing N N 178 
LEU C   O    doub N N 179 
LEU C   OXT  sing N N 180 
LEU CB  CG   sing N N 181 
LEU CB  HB2  sing N N 182 
LEU CB  HB3  sing N N 183 
LEU CG  CD1  sing N N 184 
LEU CG  CD2  sing N N 185 
LEU CG  HG   sing N N 186 
LEU CD1 HD11 sing N N 187 
LEU CD1 HD12 sing N N 188 
LEU CD1 HD13 sing N N 189 
LEU CD2 HD21 sing N N 190 
LEU CD2 HD22 sing N N 191 
LEU CD2 HD23 sing N N 192 
LEU OXT HXT  sing N N 193 
LYS N   CA   sing N N 194 
LYS N   H    sing N N 195 
LYS N   H2   sing N N 196 
LYS CA  C    sing N N 197 
LYS CA  CB   sing N N 198 
LYS CA  HA   sing N N 199 
LYS C   O    doub N N 200 
LYS C   OXT  sing N N 201 
LYS CB  CG   sing N N 202 
LYS CB  HB2  sing N N 203 
LYS CB  HB3  sing N N 204 
LYS CG  CD   sing N N 205 
LYS CG  HG2  sing N N 206 
LYS CG  HG3  sing N N 207 
LYS CD  CE   sing N N 208 
LYS CD  HD2  sing N N 209 
LYS CD  HD3  sing N N 210 
LYS CE  NZ   sing N N 211 
LYS CE  HE2  sing N N 212 
LYS CE  HE3  sing N N 213 
LYS NZ  HZ1  sing N N 214 
LYS NZ  HZ2  sing N N 215 
LYS NZ  HZ3  sing N N 216 
LYS OXT HXT  sing N N 217 
MET N   CA   sing N N 218 
MET N   H    sing N N 219 
MET N   H2   sing N N 220 
MET CA  C    sing N N 221 
MET CA  CB   sing N N 222 
MET CA  HA   sing N N 223 
MET C   O    doub N N 224 
MET C   OXT  sing N N 225 
MET CB  CG   sing N N 226 
MET CB  HB2  sing N N 227 
MET CB  HB3  sing N N 228 
MET CG  SD   sing N N 229 
MET CG  HG2  sing N N 230 
MET CG  HG3  sing N N 231 
MET SD  CE   sing N N 232 
MET CE  HE1  sing N N 233 
MET CE  HE2  sing N N 234 
MET CE  HE3  sing N N 235 
MET OXT HXT  sing N N 236 
PHE N   CA   sing N N 237 
PHE N   H    sing N N 238 
PHE N   H2   sing N N 239 
PHE CA  C    sing N N 240 
PHE CA  CB   sing N N 241 
PHE CA  HA   sing N N 242 
PHE C   O    doub N N 243 
PHE C   OXT  sing N N 244 
PHE CB  CG   sing N N 245 
PHE CB  HB2  sing N N 246 
PHE CB  HB3  sing N N 247 
PHE CG  CD1  doub Y N 248 
PHE CG  CD2  sing Y N 249 
PHE CD1 CE1  sing Y N 250 
PHE CD1 HD1  sing N N 251 
PHE CD2 CE2  doub Y N 252 
PHE CD2 HD2  sing N N 253 
PHE CE1 CZ   doub Y N 254 
PHE CE1 HE1  sing N N 255 
PHE CE2 CZ   sing Y N 256 
PHE CE2 HE2  sing N N 257 
PHE CZ  HZ   sing N N 258 
PHE OXT HXT  sing N N 259 
PRO N   CA   sing N N 260 
PRO N   CD   sing N N 261 
PRO N   H    sing N N 262 
PRO CA  C    sing N N 263 
PRO CA  CB   sing N N 264 
PRO CA  HA   sing N N 265 
PRO C   O    doub N N 266 
PRO C   OXT  sing N N 267 
PRO CB  CG   sing N N 268 
PRO CB  HB2  sing N N 269 
PRO CB  HB3  sing N N 270 
PRO CG  CD   sing N N 271 
PRO CG  HG2  sing N N 272 
PRO CG  HG3  sing N N 273 
PRO CD  HD2  sing N N 274 
PRO CD  HD3  sing N N 275 
PRO OXT HXT  sing N N 276 
SER N   CA   sing N N 277 
SER N   H    sing N N 278 
SER N   H2   sing N N 279 
SER CA  C    sing N N 280 
SER CA  CB   sing N N 281 
SER CA  HA   sing N N 282 
SER C   O    doub N N 283 
SER C   OXT  sing N N 284 
SER CB  OG   sing N N 285 
SER CB  HB2  sing N N 286 
SER CB  HB3  sing N N 287 
SER OG  HG   sing N N 288 
SER OXT HXT  sing N N 289 
THR N   CA   sing N N 290 
THR N   H    sing N N 291 
THR N   H2   sing N N 292 
THR CA  C    sing N N 293 
THR CA  CB   sing N N 294 
THR CA  HA   sing N N 295 
THR C   O    doub N N 296 
THR C   OXT  sing N N 297 
THR CB  OG1  sing N N 298 
THR CB  CG2  sing N N 299 
THR CB  HB   sing N N 300 
THR OG1 HG1  sing N N 301 
THR CG2 HG21 sing N N 302 
THR CG2 HG22 sing N N 303 
THR CG2 HG23 sing N N 304 
THR OXT HXT  sing N N 305 
TRP N   CA   sing N N 306 
TRP N   H    sing N N 307 
TRP N   H2   sing N N 308 
TRP CA  C    sing N N 309 
TRP CA  CB   sing N N 310 
TRP CA  HA   sing N N 311 
TRP C   O    doub N N 312 
TRP C   OXT  sing N N 313 
TRP CB  CG   sing N N 314 
TRP CB  HB2  sing N N 315 
TRP CB  HB3  sing N N 316 
TRP CG  CD1  doub Y N 317 
TRP CG  CD2  sing Y N 318 
TRP CD1 NE1  sing Y N 319 
TRP CD1 HD1  sing N N 320 
TRP CD2 CE2  doub Y N 321 
TRP CD2 CE3  sing Y N 322 
TRP NE1 CE2  sing Y N 323 
TRP NE1 HE1  sing N N 324 
TRP CE2 CZ2  sing Y N 325 
TRP CE3 CZ3  doub Y N 326 
TRP CE3 HE3  sing N N 327 
TRP CZ2 CH2  doub Y N 328 
TRP CZ2 HZ2  sing N N 329 
TRP CZ3 CH2  sing Y N 330 
TRP CZ3 HZ3  sing N N 331 
TRP CH2 HH2  sing N N 332 
TRP OXT HXT  sing N N 333 
TYR N   CA   sing N N 334 
TYR N   H    sing N N 335 
TYR N   H2   sing N N 336 
TYR CA  C    sing N N 337 
TYR CA  CB   sing N N 338 
TYR CA  HA   sing N N 339 
TYR C   O    doub N N 340 
TYR C   OXT  sing N N 341 
TYR CB  CG   sing N N 342 
TYR CB  HB2  sing N N 343 
TYR CB  HB3  sing N N 344 
TYR CG  CD1  doub Y N 345 
TYR CG  CD2  sing Y N 346 
TYR CD1 CE1  sing Y N 347 
TYR CD1 HD1  sing N N 348 
TYR CD2 CE2  doub Y N 349 
TYR CD2 HD2  sing N N 350 
TYR CE1 CZ   doub Y N 351 
TYR CE1 HE1  sing N N 352 
TYR CE2 CZ   sing Y N 353 
TYR CE2 HE2  sing N N 354 
TYR CZ  OH   sing N N 355 
TYR OH  HH   sing N N 356 
TYR OXT HXT  sing N N 357 
VAL N   CA   sing N N 358 
VAL N   H    sing N N 359 
VAL N   H2   sing N N 360 
VAL CA  C    sing N N 361 
VAL CA  CB   sing N N 362 
VAL CA  HA   sing N N 363 
VAL C   O    doub N N 364 
VAL C   OXT  sing N N 365 
VAL CB  CG1  sing N N 366 
VAL CB  CG2  sing N N 367 
VAL CB  HB   sing N N 368 
VAL CG1 HG11 sing N N 369 
VAL CG1 HG12 sing N N 370 
VAL CG1 HG13 sing N N 371 
VAL CG2 HG21 sing N N 372 
VAL CG2 HG22 sing N N 373 
VAL CG2 HG23 sing N N 374 
VAL OXT HXT  sing N N 375 
# 
_pdbx_audit_support.funding_organization   
'National Institutes of Health/National Institute of General Medical Sciences (NIH/NIGMS)' 
_pdbx_audit_support.country                'United States' 
_pdbx_audit_support.grant_number           GM106047 
_pdbx_audit_support.ordinal                1 
# 
_pdbx_entity_nonpoly.entity_id   2 
_pdbx_entity_nonpoly.name        water 
_pdbx_entity_nonpoly.comp_id     HOH 
# 
_pdbx_initial_refinement_model.id               1 
_pdbx_initial_refinement_model.entity_id_list   ? 
_pdbx_initial_refinement_model.type             'experimental model' 
_pdbx_initial_refinement_model.source_name      PDB 
_pdbx_initial_refinement_model.accession_code   3FDR 
_pdbx_initial_refinement_model.details          ? 
# 
_pdbx_struct_assembly_auth_evidence.id                     1 
_pdbx_struct_assembly_auth_evidence.assembly_id            1 
_pdbx_struct_assembly_auth_evidence.experimental_support   none 
_pdbx_struct_assembly_auth_evidence.details                ? 
# 
